data_8ZYM
#
_entry.id   8ZYM
#
loop_
_entity.id
_entity.type
_entity.pdbx_description
1 polymer 'Fusion glycoprotein F0,Expression tag'
2 polymer 'antibody light chain'
3 polymer 'antidody heavy chain'
4 water water
#
loop_
_entity_poly.entity_id
_entity_poly.type
_entity_poly.pdbx_seq_one_letter_code
_entity_poly.pdbx_strand_id
1 'polypeptide(L)'
;MELLILKANAITTILTAVTFCFASGQNITEEFYQSTCSAVSKGYLGALRTGWYTSVITIELSNIKKNKCNGTDAKIKLIK
QELDKYKNAVTDLQLLMQSTPATGSGSAICSGVAVCKVLHLEGEVNKIKSALLSTNKAVVSLSNGVSVLTFKVLDLKNYI
DKQLLPILNKQSCSIPNIETVIEFQQKNNRLLEITREFSVNAGVTTPVSTYMLTNSELLSLINDMPITNDQKKLMSNNVQ
IVRQQSYSIMCIIKEEVLAYVVQLPLYGVIDTPCWKLHTSPLCTTNTKEGSNICLTRTDRGWYCDNAGSVSFFPQAETCK
VQSNRVFCDTMNSRTLPSEVNLCNVDIFNPKYDCKIMTSKTDVSSSVITSLGAIVSCYGKTKCTASNKNRGIIKTFSNGC
DYVSNKGVDTVSVGNTLYCVNKQEGQSLYVKGEPIINFYDPLVFPSDEFDASISQVNEKINQSLAFIRKSDELLSAIGGY
IPEAPRDGQAYVRKDGEWVLLSTFLGRSLEVLFQGPGHHHHHHHHSAWSHPQFEKGGGSGGGGSGGSAWSHPQFEKGS
;
A,B,C
2 'polypeptide(L)'
;DIVMTQSPSSLAVSAGEKVTMSCKSSQSVLNSSNQKNYLAWYQQKPGQSPKLLIYWASTRESGVPDRFTGSGSGTDFTLT
ISSVQAEDLAVYYCHQYLYSYTFGGGTRLEIK
;
D,E,F
3 'polypeptide(L)'
;QVQLKQSGPGLVAPSQSLSITCTVSGFSLTNYDISWIRQPPGKGLEWLGIIWTGGGTYYNSAFMSRLSISKDNSKSQVFL
EMNSLQTDDTAIYYCVRAGADYYGSSPLAYWGQGTLVTVSS
;
G,H,I
#
# COMPACT_ATOMS: atom_id res chain seq x y z
N GLN A 26 29.64 16.89 -2.14
CA GLN A 26 29.77 16.45 -0.75
C GLN A 26 29.13 17.47 0.20
N ASN A 27 29.11 18.73 -0.22
CA ASN A 27 28.52 19.82 0.56
C ASN A 27 27.37 20.40 -0.23
N ILE A 28 26.17 20.33 0.35
CA ILE A 28 24.97 20.82 -0.33
C ILE A 28 24.88 22.33 -0.17
N THR A 29 24.81 23.03 -1.30
CA THR A 29 24.76 24.49 -1.33
C THR A 29 23.43 24.91 -1.97
N GLU A 30 22.40 25.04 -1.15
CA GLU A 30 21.11 25.52 -1.65
C GLU A 30 21.23 26.97 -2.10
N GLU A 31 20.63 27.28 -3.23
CA GLU A 31 20.61 28.63 -3.77
C GLU A 31 19.17 29.01 -4.09
N PHE A 32 18.67 30.06 -3.45
CA PHE A 32 17.32 30.56 -3.68
C PHE A 32 17.39 31.78 -4.57
N TYR A 33 16.63 31.75 -5.66
CA TYR A 33 16.57 32.85 -6.61
C TYR A 33 15.22 33.53 -6.46
N GLN A 34 15.23 34.78 -5.96
CA GLN A 34 14.02 35.56 -5.84
C GLN A 34 13.49 36.05 -7.18
N SER A 35 14.31 35.98 -8.24
CA SER A 35 13.84 36.32 -9.57
C SER A 35 12.68 35.41 -9.97
N THR A 36 12.84 34.11 -9.74
CA THR A 36 11.76 33.14 -9.87
C THR A 36 11.31 32.61 -8.52
N CYS A 37 11.95 33.05 -7.44
CA CYS A 37 11.80 32.49 -6.09
C CYS A 37 11.70 30.97 -6.13
N SER A 38 12.77 30.36 -6.64
CA SER A 38 12.92 28.91 -6.70
C SER A 38 14.21 28.52 -6.01
N ALA A 39 14.20 27.36 -5.34
CA ALA A 39 15.32 26.89 -4.55
C ALA A 39 15.96 25.71 -5.28
N VAL A 40 17.18 25.89 -5.76
CA VAL A 40 17.93 24.84 -6.43
C VAL A 40 19.03 24.37 -5.48
N SER A 41 18.98 23.10 -5.11
CA SER A 41 20.07 22.51 -4.35
C SER A 41 21.21 22.14 -5.30
N LYS A 42 22.38 21.88 -4.73
CA LYS A 42 23.55 21.53 -5.52
C LYS A 42 24.37 20.49 -4.78
N GLY A 43 25.41 20.01 -5.44
CA GLY A 43 26.37 19.11 -4.82
C GLY A 43 25.81 17.79 -4.35
N TYR A 44 24.95 17.16 -5.14
CA TYR A 44 24.47 15.82 -4.82
C TYR A 44 25.23 14.79 -5.66
N LEU A 45 25.48 13.63 -5.06
CA LEU A 45 26.19 12.55 -5.74
C LEU A 45 25.20 11.42 -6.00
N GLY A 46 24.46 11.53 -7.11
CA GLY A 46 23.43 10.57 -7.42
C GLY A 46 23.97 9.33 -8.10
N ALA A 47 23.09 8.33 -8.21
CA ALA A 47 23.43 7.06 -8.83
C ALA A 47 22.19 6.55 -9.56
N LEU A 48 22.12 6.81 -10.86
CA LEU A 48 20.97 6.42 -11.66
C LEU A 48 20.92 4.91 -11.84
N ARG A 49 19.70 4.39 -11.92
CA ARG A 49 19.47 2.98 -12.23
C ARG A 49 19.11 2.87 -13.70
N THR A 50 19.93 2.12 -14.45
CA THR A 50 19.75 2.00 -15.89
C THR A 50 19.59 0.57 -16.37
N GLY A 51 19.61 -0.43 -15.49
CA GLY A 51 19.44 -1.79 -15.94
C GLY A 51 18.81 -2.67 -14.89
N TRP A 52 18.59 -3.93 -15.26
CA TRP A 52 18.11 -4.95 -14.33
C TRP A 52 19.00 -6.18 -14.45
N TYR A 53 19.06 -6.95 -13.37
CA TYR A 53 19.77 -8.22 -13.34
C TYR A 53 18.88 -9.25 -12.67
N THR A 54 18.57 -10.32 -13.38
CA THR A 54 17.62 -11.33 -12.91
C THR A 54 18.38 -12.51 -12.33
N SER A 55 18.08 -12.83 -11.07
CA SER A 55 18.62 -14.00 -10.42
C SER A 55 17.49 -15.00 -10.19
N VAL A 56 17.69 -16.23 -10.65
CA VAL A 56 16.67 -17.27 -10.52
C VAL A 56 16.79 -17.90 -9.14
N ILE A 57 16.04 -17.37 -8.18
CA ILE A 57 16.06 -17.91 -6.82
C ILE A 57 15.19 -19.16 -6.80
N THR A 58 15.79 -20.29 -6.45
CA THR A 58 15.11 -21.58 -6.50
C THR A 58 15.07 -22.23 -5.12
N ILE A 59 13.97 -22.91 -4.86
CA ILE A 59 13.75 -23.67 -3.62
C ILE A 59 13.42 -25.10 -4.03
N GLU A 60 14.07 -26.06 -3.38
CA GLU A 60 13.91 -27.47 -3.74
C GLU A 60 12.77 -28.04 -2.91
N LEU A 61 11.59 -28.17 -3.54
CA LEU A 61 10.43 -28.76 -2.90
C LEU A 61 10.48 -30.28 -2.99
N SER A 62 9.55 -30.92 -2.29
CA SER A 62 9.38 -32.37 -2.33
C SER A 62 7.98 -32.69 -2.84
N ASN A 63 7.90 -33.58 -3.83
CA ASN A 63 6.62 -33.98 -4.41
C ASN A 63 6.00 -35.11 -3.59
N ILE A 64 5.59 -34.75 -2.37
CA ILE A 64 4.94 -35.68 -1.45
C ILE A 64 3.46 -35.34 -1.41
N LYS A 65 2.61 -36.34 -1.67
CA LYS A 65 1.17 -36.14 -1.68
C LYS A 65 0.39 -37.16 -0.86
N LYS A 66 0.98 -38.31 -0.52
CA LYS A 66 0.27 -39.38 0.15
C LYS A 66 0.85 -39.61 1.54
N ASN A 67 -0.02 -39.70 2.53
CA ASN A 67 0.35 -40.05 3.89
C ASN A 67 -0.12 -41.47 4.18
N LYS A 68 0.77 -42.27 4.77
CA LYS A 68 0.49 -43.69 4.98
C LYS A 68 0.53 -44.15 6.43
N CYS A 69 1.21 -43.44 7.31
CA CYS A 69 1.31 -43.90 8.69
C CYS A 69 0.09 -43.44 9.48
N ASN A 70 -0.30 -44.25 10.46
CA ASN A 70 -1.49 -44.00 11.28
C ASN A 70 -1.03 -43.61 12.68
N GLY A 71 -1.25 -42.34 13.04
CA GLY A 71 -0.88 -41.86 14.36
C GLY A 71 -1.84 -40.81 14.89
N THR A 72 -2.39 -41.04 16.08
CA THR A 72 -3.32 -40.12 16.72
C THR A 72 -2.65 -39.22 17.75
N ASP A 73 -1.32 -39.28 17.87
CA ASP A 73 -0.62 -38.45 18.84
C ASP A 73 -0.72 -36.97 18.47
N ALA A 74 -0.71 -36.12 19.49
CA ALA A 74 -0.79 -34.69 19.26
C ALA A 74 0.39 -34.18 18.44
N LYS A 75 1.59 -34.73 18.70
CA LYS A 75 2.75 -34.35 17.91
C LYS A 75 2.58 -34.77 16.45
N ILE A 76 2.07 -35.98 16.22
CA ILE A 76 1.84 -36.45 14.87
C ILE A 76 0.76 -35.62 14.19
N LYS A 77 -0.28 -35.24 14.95
CA LYS A 77 -1.31 -34.36 14.40
C LYS A 77 -0.72 -33.01 14.00
N LEU A 78 0.17 -32.47 14.83
CA LEU A 78 0.81 -31.19 14.49
C LEU A 78 1.67 -31.32 13.25
N ILE A 79 2.42 -32.43 13.14
CA ILE A 79 3.25 -32.64 11.96
C ILE A 79 2.38 -32.75 10.71
N LYS A 80 1.26 -33.48 10.81
CA LYS A 80 0.37 -33.61 9.66
C LYS A 80 -0.27 -32.28 9.31
N GLN A 81 -0.58 -31.45 10.30
CA GLN A 81 -1.11 -30.12 10.03
C GLN A 81 -0.08 -29.27 9.30
N GLU A 82 1.18 -29.34 9.74
CA GLU A 82 2.23 -28.59 9.06
C GLU A 82 2.41 -29.07 7.62
N LEU A 83 2.35 -30.38 7.40
CA LEU A 83 2.44 -30.92 6.05
C LEU A 83 1.25 -30.50 5.20
N ASP A 84 0.06 -30.44 5.80
CA ASP A 84 -1.10 -29.94 5.07
C ASP A 84 -0.93 -28.48 4.68
N LYS A 85 -0.36 -27.68 5.59
CA LYS A 85 -0.06 -26.29 5.25
C LYS A 85 0.94 -26.21 4.10
N TYR A 86 1.95 -27.08 4.12
CA TYR A 86 2.92 -27.12 3.03
C TYR A 86 2.26 -27.50 1.71
N LYS A 87 1.38 -28.49 1.73
CA LYS A 87 0.68 -28.92 0.52
C LYS A 87 -0.23 -27.82 -0.01
N ASN A 88 -0.93 -27.12 0.89
CA ASN A 88 -1.77 -26.01 0.47
C ASN A 88 -0.94 -24.87 -0.11
N ALA A 89 0.25 -24.62 0.47
CA ALA A 89 1.15 -23.64 -0.11
C ALA A 89 1.59 -24.04 -1.51
N VAL A 90 1.89 -25.33 -1.70
CA VAL A 90 2.29 -25.82 -3.02
C VAL A 90 1.15 -25.65 -4.02
N THR A 91 -0.08 -25.96 -3.60
CA THR A 91 -1.23 -25.80 -4.48
C THR A 91 -1.47 -24.33 -4.81
N ASP A 92 -1.31 -23.44 -3.83
CA ASP A 92 -1.44 -22.01 -4.08
C ASP A 92 -0.38 -21.53 -5.06
N LEU A 93 0.85 -22.03 -4.93
CA LEU A 93 1.90 -21.68 -5.87
C LEU A 93 1.60 -22.23 -7.26
N GLN A 94 0.98 -23.40 -7.35
CA GLN A 94 0.57 -23.93 -8.65
C GLN A 94 -0.51 -23.05 -9.27
N LEU A 95 -1.45 -22.56 -8.46
CA LEU A 95 -2.43 -21.60 -8.97
C LEU A 95 -1.76 -20.33 -9.45
N LEU A 96 -0.76 -19.85 -8.70
CA LEU A 96 -0.01 -18.67 -9.12
C LEU A 96 0.72 -18.92 -10.44
N MET A 97 1.25 -20.13 -10.62
CA MET A 97 1.83 -20.51 -11.91
C MET A 97 0.79 -20.48 -13.01
N GLN A 98 -0.42 -20.98 -12.72
CA GLN A 98 -1.51 -20.87 -13.68
C GLN A 98 -1.83 -19.41 -13.98
N SER A 99 -1.52 -18.50 -13.05
CA SER A 99 -1.63 -17.08 -13.31
C SER A 99 -0.45 -16.53 -14.09
N THR A 100 0.67 -17.25 -14.14
CA THR A 100 1.83 -16.78 -14.88
C THR A 100 1.54 -16.84 -16.38
N PRO A 101 2.16 -15.94 -17.18
CA PRO A 101 3.14 -14.89 -16.80
C PRO A 101 2.56 -13.81 -15.89
N ALA A 102 3.09 -13.70 -14.69
CA ALA A 102 2.60 -12.73 -13.71
C ALA A 102 3.66 -11.67 -13.44
N GLY A 106 6.72 -0.83 -18.79
CA GLY A 106 7.59 -1.91 -19.24
C GLY A 106 8.92 -1.93 -18.50
N SER A 107 9.79 -2.85 -18.92
CA SER A 107 11.14 -3.04 -18.39
C SER A 107 11.16 -3.47 -16.94
N ALA A 108 10.00 -3.76 -16.33
CA ALA A 108 9.96 -4.10 -14.92
C ALA A 108 9.82 -5.59 -14.68
N ILE A 109 9.19 -6.33 -15.60
CA ILE A 109 8.88 -7.74 -15.37
C ILE A 109 9.32 -8.57 -16.58
N CYS A 110 9.74 -7.89 -17.65
CA CYS A 110 10.04 -8.58 -18.91
C CYS A 110 11.04 -9.70 -18.73
N SER A 111 12.26 -9.35 -18.29
CA SER A 111 13.29 -10.35 -18.12
C SER A 111 12.89 -11.38 -17.07
N GLY A 112 12.08 -10.97 -16.09
CA GLY A 112 11.45 -11.96 -15.22
C GLY A 112 10.48 -12.84 -15.97
N VAL A 113 9.64 -12.24 -16.83
CA VAL A 113 8.74 -13.02 -17.66
C VAL A 113 9.52 -13.87 -18.65
N ALA A 114 10.58 -13.31 -19.24
CA ALA A 114 11.36 -14.05 -20.21
C ALA A 114 11.98 -15.30 -19.61
N VAL A 115 12.53 -15.19 -18.40
CA VAL A 115 13.06 -16.36 -17.71
C VAL A 115 11.93 -17.29 -17.28
N CYS A 116 10.75 -16.73 -16.97
CA CYS A 116 9.61 -17.56 -16.62
C CYS A 116 9.25 -18.51 -17.76
N LYS A 117 9.22 -17.98 -18.99
CA LYS A 117 8.88 -18.80 -20.14
C LYS A 117 10.01 -19.78 -20.48
N VAL A 118 11.26 -19.34 -20.32
CA VAL A 118 12.39 -20.20 -20.63
C VAL A 118 12.39 -21.43 -19.73
N LEU A 119 12.17 -21.23 -18.43
CA LEU A 119 12.12 -22.35 -17.50
C LEU A 119 10.96 -23.28 -17.79
N HIS A 120 9.95 -22.81 -18.53
CA HIS A 120 8.85 -23.67 -18.92
C HIS A 120 9.26 -24.66 -20.00
N LEU A 121 10.28 -24.34 -20.79
CA LEU A 121 10.75 -25.24 -21.83
C LEU A 121 11.35 -26.50 -21.23
N GLU A 122 11.27 -27.59 -21.99
CA GLU A 122 11.68 -28.89 -21.48
C GLU A 122 13.20 -28.94 -21.29
N GLY A 123 13.63 -29.32 -20.09
CA GLY A 123 15.03 -29.52 -19.78
C GLY A 123 15.70 -28.36 -19.08
N GLU A 124 15.12 -27.16 -19.12
CA GLU A 124 15.76 -26.01 -18.50
C GLU A 124 15.80 -26.13 -16.99
N VAL A 125 14.68 -26.53 -16.38
CA VAL A 125 14.64 -26.74 -14.94
C VAL A 125 15.59 -27.87 -14.55
N ASN A 126 15.68 -28.89 -15.40
CA ASN A 126 16.61 -29.99 -15.14
C ASN A 126 18.06 -29.50 -15.18
N LYS A 127 18.39 -28.61 -16.12
CA LYS A 127 19.75 -28.10 -16.18
C LYS A 127 20.05 -27.21 -14.97
N ILE A 128 19.07 -26.43 -14.52
CA ILE A 128 19.25 -25.64 -13.30
C ILE A 128 19.51 -26.56 -12.11
N LYS A 129 18.72 -27.63 -12.01
CA LYS A 129 18.88 -28.59 -10.93
C LYS A 129 20.26 -29.22 -10.95
N SER A 130 20.71 -29.66 -12.13
CA SER A 130 22.00 -30.31 -12.25
C SER A 130 23.13 -29.35 -11.90
N ALA A 131 23.04 -28.10 -12.35
CA ALA A 131 24.09 -27.12 -12.05
C ALA A 131 24.13 -26.80 -10.56
N LEU A 132 22.97 -26.64 -9.93
CA LEU A 132 22.91 -26.25 -8.52
C LEU A 132 23.01 -27.43 -7.57
N LEU A 133 23.09 -28.66 -8.08
CA LEU A 133 23.27 -29.80 -7.19
C LEU A 133 24.55 -29.67 -6.36
N SER A 134 25.65 -29.24 -6.99
CA SER A 134 26.93 -29.20 -6.29
C SER A 134 26.99 -28.04 -5.30
N THR A 135 26.54 -26.86 -5.69
CA THR A 135 26.73 -25.65 -4.90
C THR A 135 25.43 -24.87 -4.79
N ASN A 136 25.35 -24.06 -3.72
CA ASN A 136 24.18 -23.21 -3.50
C ASN A 136 24.13 -22.03 -4.46
N LYS A 137 25.20 -21.74 -5.17
CA LYS A 137 25.24 -20.65 -6.14
C LYS A 137 25.89 -21.16 -7.42
N ALA A 138 25.36 -20.73 -8.56
CA ALA A 138 25.94 -21.13 -9.84
C ALA A 138 25.57 -20.10 -10.90
N VAL A 139 26.24 -20.21 -12.05
CA VAL A 139 25.90 -19.41 -13.22
C VAL A 139 25.46 -20.39 -14.31
N VAL A 140 24.22 -20.22 -14.78
CA VAL A 140 23.58 -21.17 -15.69
C VAL A 140 23.22 -20.44 -16.98
N SER A 141 23.61 -21.03 -18.11
CA SER A 141 23.25 -20.52 -19.43
C SER A 141 22.10 -21.33 -19.97
N LEU A 142 21.02 -20.66 -20.34
CA LEU A 142 19.80 -21.31 -20.78
C LEU A 142 19.69 -21.26 -22.30
N SER A 143 18.63 -21.89 -22.83
CA SER A 143 18.46 -21.97 -24.28
C SER A 143 18.22 -20.61 -24.92
N ASN A 144 17.77 -19.62 -24.16
CA ASN A 144 17.56 -18.29 -24.72
C ASN A 144 18.87 -17.59 -25.07
N GLY A 145 20.01 -18.12 -24.64
CA GLY A 145 21.29 -17.50 -24.89
C GLY A 145 21.78 -16.57 -23.80
N VAL A 146 21.04 -16.44 -22.70
CA VAL A 146 21.41 -15.57 -21.60
C VAL A 146 21.83 -16.44 -20.41
N SER A 147 22.90 -16.03 -19.74
CA SER A 147 23.40 -16.72 -18.56
C SER A 147 23.07 -15.90 -17.33
N VAL A 148 22.46 -16.53 -16.34
CA VAL A 148 22.02 -15.85 -15.12
C VAL A 148 22.53 -16.63 -13.91
N LEU A 149 22.67 -15.92 -12.79
CA LEU A 149 23.10 -16.57 -11.56
C LEU A 149 21.89 -17.18 -10.86
N THR A 150 22.03 -18.41 -10.40
CA THR A 150 20.98 -19.14 -9.71
C THR A 150 21.43 -19.41 -8.28
N PHE A 151 20.55 -19.14 -7.33
CA PHE A 151 20.83 -19.18 -5.91
C PHE A 151 19.80 -20.08 -5.25
N LYS A 152 20.27 -21.10 -4.52
CA LYS A 152 19.41 -22.02 -3.80
C LYS A 152 19.30 -21.53 -2.36
N VAL A 153 18.29 -20.71 -2.10
CA VAL A 153 18.14 -20.11 -0.77
C VAL A 153 17.74 -21.16 0.25
N LEU A 154 16.76 -22.01 -0.08
CA LEU A 154 16.23 -23.00 0.85
C LEU A 154 16.16 -24.35 0.16
N ASP A 155 16.62 -25.39 0.86
CA ASP A 155 16.54 -26.76 0.38
C ASP A 155 15.52 -27.49 1.24
N LEU A 156 14.24 -27.36 0.87
CA LEU A 156 13.18 -28.04 1.59
C LEU A 156 13.11 -29.52 1.24
N LYS A 157 13.54 -29.88 0.02
CA LYS A 157 13.49 -31.29 -0.39
C LYS A 157 14.38 -32.14 0.50
N ASN A 158 15.59 -31.68 0.80
CA ASN A 158 16.51 -32.46 1.62
C ASN A 158 15.94 -32.65 3.03
N TYR A 159 15.43 -31.58 3.63
CA TYR A 159 14.89 -31.70 4.98
C TYR A 159 13.67 -32.60 5.01
N ILE A 160 12.78 -32.46 4.03
CA ILE A 160 11.56 -33.26 4.01
C ILE A 160 11.89 -34.73 3.82
N ASP A 161 12.78 -35.05 2.87
CA ASP A 161 13.04 -36.44 2.53
C ASP A 161 13.91 -37.12 3.59
N LYS A 162 14.83 -36.39 4.19
CA LYS A 162 15.81 -37.01 5.08
C LYS A 162 15.34 -37.14 6.52
N GLN A 163 14.40 -36.29 6.96
CA GLN A 163 14.04 -36.22 8.37
C GLN A 163 12.61 -36.67 8.64
N LEU A 164 11.62 -36.05 8.00
CA LEU A 164 10.23 -36.37 8.29
C LEU A 164 9.64 -37.41 7.35
N LEU A 165 10.18 -37.56 6.14
CA LEU A 165 9.73 -38.62 5.25
C LEU A 165 9.95 -40.02 5.82
N PRO A 166 11.12 -40.35 6.39
CA PRO A 166 11.26 -41.69 6.97
C PRO A 166 10.27 -41.98 8.08
N ILE A 167 9.94 -40.98 8.90
CA ILE A 167 8.95 -41.19 9.95
C ILE A 167 7.56 -41.34 9.37
N LEU A 168 7.23 -40.54 8.36
CA LEU A 168 5.91 -40.62 7.74
C LEU A 168 5.71 -41.94 7.01
N ASN A 169 6.78 -42.51 6.45
CA ASN A 169 6.65 -43.75 5.71
C ASN A 169 6.39 -44.94 6.63
N LYS A 170 7.14 -45.04 7.73
CA LYS A 170 6.97 -46.16 8.65
C LYS A 170 5.65 -46.04 9.40
N GLN A 171 5.03 -47.19 9.65
CA GLN A 171 3.72 -47.23 10.28
C GLN A 171 3.74 -46.76 11.73
N SER A 172 4.92 -46.67 12.35
CA SER A 172 4.98 -46.31 13.76
C SER A 172 4.74 -44.83 13.99
N CYS A 173 5.05 -43.99 13.00
CA CYS A 173 5.03 -42.53 13.16
C CYS A 173 5.87 -42.12 14.36
N SER A 174 7.06 -42.70 14.48
CA SER A 174 7.88 -42.52 15.66
C SER A 174 8.50 -41.13 15.73
N ILE A 175 7.86 -40.22 16.45
CA ILE A 175 8.40 -38.88 16.71
C ILE A 175 8.57 -38.73 18.21
N PRO A 176 9.77 -38.96 18.73
CA PRO A 176 10.06 -38.69 20.14
C PRO A 176 10.70 -37.33 20.42
N ASN A 177 10.88 -36.49 19.39
CA ASN A 177 11.54 -35.20 19.54
C ASN A 177 10.60 -34.11 19.03
N ILE A 178 10.11 -33.28 19.95
CA ILE A 178 9.17 -32.22 19.59
C ILE A 178 9.86 -31.16 18.74
N GLU A 179 11.13 -30.88 19.03
CA GLU A 179 11.84 -29.76 18.41
C GLU A 179 11.78 -29.81 16.89
N THR A 180 11.87 -31.03 16.33
CA THR A 180 11.81 -31.19 14.87
C THR A 180 10.59 -30.49 14.30
N VAL A 181 9.42 -30.73 14.91
CA VAL A 181 8.20 -30.04 14.50
C VAL A 181 8.46 -28.55 14.39
N ILE A 182 8.92 -27.94 15.49
CA ILE A 182 9.23 -26.51 15.48
C ILE A 182 10.25 -26.21 14.38
N GLU A 183 11.32 -27.00 14.33
CA GLU A 183 12.29 -26.84 13.26
C GLU A 183 11.60 -26.90 11.91
N PHE A 184 10.78 -27.93 11.70
CA PHE A 184 10.02 -28.03 10.47
C PHE A 184 9.26 -26.75 10.22
N GLN A 185 8.51 -26.29 11.22
CA GLN A 185 7.75 -25.05 11.09
C GLN A 185 8.66 -23.93 10.63
N GLN A 186 9.80 -23.76 11.31
CA GLN A 186 10.73 -22.71 10.91
C GLN A 186 11.16 -22.90 9.47
N LYS A 187 11.59 -24.12 9.12
CA LYS A 187 11.99 -24.39 7.74
C LYS A 187 10.82 -24.18 6.80
N ASN A 188 9.61 -24.51 7.24
CA ASN A 188 8.45 -24.29 6.40
C ASN A 188 8.02 -22.82 6.41
N ASN A 189 8.30 -22.11 7.51
CA ASN A 189 7.71 -20.79 7.72
C ASN A 189 7.98 -19.86 6.56
N ARG A 190 9.25 -19.73 6.17
CA ARG A 190 9.61 -18.86 5.06
C ARG A 190 8.77 -19.16 3.83
N LEU A 191 8.64 -20.45 3.49
CA LEU A 191 7.87 -20.83 2.31
C LEU A 191 6.45 -20.32 2.41
N LEU A 192 5.82 -20.52 3.57
CA LEU A 192 4.47 -19.98 3.76
C LEU A 192 4.48 -18.46 3.60
N GLU A 193 5.43 -17.80 4.24
CA GLU A 193 5.54 -16.35 4.09
C GLU A 193 5.87 -15.99 2.65
N ILE A 194 6.55 -16.88 1.94
CA ILE A 194 6.76 -16.66 0.50
C ILE A 194 5.44 -16.79 -0.24
N THR A 195 4.64 -17.82 0.10
CA THR A 195 3.38 -18.03 -0.60
C THR A 195 2.39 -16.92 -0.28
N ARG A 196 2.24 -16.58 1.00
CA ARG A 196 1.27 -15.57 1.41
C ARG A 196 1.51 -14.25 0.69
N GLU A 197 2.73 -13.74 0.77
CA GLU A 197 3.06 -12.50 0.06
C GLU A 197 2.82 -12.64 -1.44
N PHE A 198 3.03 -13.84 -1.98
CA PHE A 198 2.70 -14.07 -3.38
C PHE A 198 1.19 -14.07 -3.57
N SER A 199 0.45 -14.76 -2.70
CA SER A 199 -0.98 -14.98 -2.93
C SER A 199 -1.75 -13.68 -2.95
N VAL A 200 -1.44 -12.75 -2.03
CA VAL A 200 -2.11 -11.47 -2.02
C VAL A 200 -1.71 -10.63 -3.24
N ASN A 201 -0.50 -10.82 -3.76
CA ASN A 201 0.02 -9.99 -4.83
C ASN A 201 0.02 -10.67 -6.19
N ALA A 202 -0.46 -11.91 -6.27
CA ALA A 202 -0.54 -12.65 -7.54
C ALA A 202 0.81 -12.79 -8.20
N GLY A 203 1.84 -13.05 -7.40
CA GLY A 203 3.15 -13.42 -7.91
C GLY A 203 4.08 -12.28 -8.29
N VAL A 204 3.78 -11.05 -7.89
CA VAL A 204 4.67 -9.91 -8.13
C VAL A 204 4.68 -9.08 -6.85
N THR A 205 5.77 -9.17 -6.09
CA THR A 205 5.89 -8.49 -4.80
C THR A 205 7.05 -7.50 -4.87
N THR A 206 6.77 -6.27 -4.42
CA THR A 206 7.78 -5.23 -4.30
C THR A 206 7.36 -4.31 -3.18
N PRO A 207 8.29 -3.87 -2.31
CA PRO A 207 9.73 -4.18 -2.28
C PRO A 207 10.02 -5.63 -1.92
N VAL A 208 11.16 -6.16 -2.33
CA VAL A 208 11.53 -7.52 -1.99
C VAL A 208 11.70 -7.62 -0.48
N SER A 209 10.91 -8.49 0.14
CA SER A 209 10.96 -8.65 1.59
C SER A 209 12.24 -9.40 1.99
N THR A 210 12.37 -9.64 3.29
CA THR A 210 13.47 -10.46 3.81
C THR A 210 13.16 -11.94 3.72
N TYR A 211 12.00 -12.31 3.18
CA TYR A 211 11.66 -13.71 2.94
C TYR A 211 11.98 -14.13 1.52
N MET A 212 11.76 -13.25 0.54
CA MET A 212 12.19 -13.53 -0.82
C MET A 212 13.71 -13.66 -0.90
N LEU A 213 14.43 -12.77 -0.23
CA LEU A 213 15.89 -12.74 -0.29
C LEU A 213 16.40 -12.05 0.96
N THR A 214 17.13 -12.79 1.81
CA THR A 214 17.69 -12.20 3.02
C THR A 214 18.77 -11.18 2.66
N ASN A 215 18.96 -10.20 3.55
CA ASN A 215 19.95 -9.16 3.30
C ASN A 215 21.35 -9.74 3.21
N SER A 216 21.66 -10.75 4.01
CA SER A 216 22.96 -11.42 3.90
C SER A 216 23.08 -12.10 2.53
N GLU A 217 22.02 -12.80 2.10
CA GLU A 217 22.04 -13.44 0.79
C GLU A 217 22.11 -12.41 -0.33
N LEU A 218 21.40 -11.29 -0.18
CA LEU A 218 21.47 -10.23 -1.18
C LEU A 218 22.87 -9.66 -1.29
N LEU A 219 23.51 -9.40 -0.14
CA LEU A 219 24.87 -8.86 -0.15
C LEU A 219 25.84 -9.86 -0.76
N SER A 220 25.69 -11.14 -0.45
CA SER A 220 26.53 -12.16 -1.08
C SER A 220 26.27 -12.27 -2.56
N LEU A 221 25.05 -11.97 -3.00
CA LEU A 221 24.72 -12.01 -4.42
C LEU A 221 25.31 -10.83 -5.17
N ILE A 222 25.40 -9.66 -4.53
CA ILE A 222 25.95 -8.48 -5.20
C ILE A 222 27.41 -8.71 -5.59
N ASN A 223 28.13 -9.54 -4.82
CA ASN A 223 29.54 -9.78 -5.12
C ASN A 223 29.71 -10.69 -6.34
N ASP A 224 28.75 -11.57 -6.59
CA ASP A 224 28.81 -12.47 -7.75
C ASP A 224 28.22 -11.86 -9.00
N MET A 225 27.66 -10.65 -8.90
CA MET A 225 27.12 -9.96 -10.06
C MET A 225 28.26 -9.53 -10.98
N PRO A 226 28.04 -9.58 -12.31
CA PRO A 226 29.12 -9.17 -13.24
C PRO A 226 29.12 -7.66 -13.48
N ILE A 227 29.70 -6.94 -12.52
CA ILE A 227 29.71 -5.49 -12.53
C ILE A 227 31.09 -4.99 -12.07
N THR A 228 31.27 -3.68 -12.14
CA THR A 228 32.50 -3.05 -11.69
C THR A 228 32.61 -3.14 -10.17
N ASN A 229 33.75 -2.69 -9.65
CA ASN A 229 33.90 -2.58 -8.20
C ASN A 229 33.07 -1.44 -7.65
N ASP A 230 32.92 -0.36 -8.43
CA ASP A 230 32.14 0.79 -7.97
C ASP A 230 30.70 0.42 -7.72
N GLN A 231 30.10 -0.38 -8.61
CA GLN A 231 28.70 -0.76 -8.43
C GLN A 231 28.51 -1.64 -7.20
N LYS A 232 29.42 -2.58 -6.97
CA LYS A 232 29.34 -3.40 -5.77
C LYS A 232 29.46 -2.54 -4.51
N LYS A 233 30.41 -1.60 -4.51
CA LYS A 233 30.56 -0.72 -3.36
C LYS A 233 29.32 0.14 -3.15
N LEU A 234 28.75 0.66 -4.24
CA LEU A 234 27.59 1.54 -4.14
C LEU A 234 26.38 0.80 -3.59
N MET A 235 26.10 -0.38 -4.14
CA MET A 235 24.93 -1.14 -3.69
C MET A 235 25.20 -1.95 -2.44
N SER A 236 26.42 -1.94 -1.92
CA SER A 236 26.67 -2.46 -0.58
C SER A 236 26.60 -1.37 0.48
N ASN A 237 26.89 -0.12 0.10
CA ASN A 237 26.74 0.99 1.05
C ASN A 237 25.28 1.27 1.33
N ASN A 238 24.45 1.33 0.29
CA ASN A 238 23.02 1.61 0.41
C ASN A 238 22.26 0.37 -0.06
N VAL A 239 22.04 -0.56 0.86
CA VAL A 239 21.38 -1.81 0.51
C VAL A 239 19.85 -1.70 0.61
N GLN A 240 19.33 -0.79 1.44
CA GLN A 240 17.89 -0.66 1.58
C GLN A 240 17.26 -0.13 0.30
N ILE A 241 17.91 0.82 -0.37
CA ILE A 241 17.39 1.33 -1.63
C ILE A 241 17.34 0.24 -2.68
N VAL A 242 18.26 -0.72 -2.61
CA VAL A 242 18.24 -1.86 -3.52
C VAL A 242 16.94 -2.65 -3.34
N ARG A 243 16.55 -2.90 -2.08
CA ARG A 243 15.28 -3.56 -1.83
C ARG A 243 14.10 -2.71 -2.29
N GLN A 244 14.15 -1.40 -2.05
CA GLN A 244 13.05 -0.54 -2.45
C GLN A 244 12.87 -0.52 -3.96
N GLN A 245 13.95 -0.67 -4.72
CA GLN A 245 13.90 -0.66 -6.17
C GLN A 245 13.81 -2.06 -6.78
N SER A 246 13.79 -3.11 -5.98
CA SER A 246 13.88 -4.47 -6.48
C SER A 246 12.49 -5.00 -6.87
N TYR A 247 12.46 -6.27 -7.28
CA TYR A 247 11.24 -6.94 -7.69
C TYR A 247 11.38 -8.43 -7.44
N SER A 248 10.25 -9.12 -7.35
CA SER A 248 10.22 -10.56 -7.17
C SER A 248 9.03 -11.11 -7.94
N ILE A 249 9.30 -11.91 -8.97
CA ILE A 249 8.27 -12.39 -9.89
C ILE A 249 8.18 -13.90 -9.79
N MET A 250 6.98 -14.40 -9.52
CA MET A 250 6.71 -15.82 -9.63
C MET A 250 7.00 -16.31 -11.04
N CYS A 251 7.78 -17.38 -11.15
CA CYS A 251 8.08 -17.95 -12.46
C CYS A 251 7.53 -19.36 -12.62
N ILE A 252 7.93 -20.32 -11.78
CA ILE A 252 7.54 -21.71 -12.06
C ILE A 252 7.64 -22.60 -10.83
N ILE A 253 6.60 -23.39 -10.60
CA ILE A 253 6.66 -24.52 -9.67
C ILE A 253 6.50 -25.79 -10.49
N LYS A 254 7.55 -26.61 -10.51
CA LYS A 254 7.59 -27.79 -11.37
C LYS A 254 8.83 -28.59 -11.06
N GLU A 255 8.72 -29.91 -11.19
CA GLU A 255 9.85 -30.84 -11.06
C GLU A 255 10.58 -30.65 -9.74
N GLU A 256 9.81 -30.49 -8.66
CA GLU A 256 10.35 -30.27 -7.32
C GLU A 256 11.26 -29.05 -7.28
N VAL A 257 10.85 -27.99 -7.97
CA VAL A 257 11.61 -26.75 -8.03
C VAL A 257 10.62 -25.59 -8.03
N LEU A 258 10.78 -24.67 -7.08
CA LEU A 258 10.02 -23.43 -7.03
C LEU A 258 11.00 -22.31 -7.36
N ALA A 259 10.87 -21.74 -8.56
CA ALA A 259 11.79 -20.72 -9.04
C ALA A 259 11.05 -19.41 -9.22
N TYR A 260 11.57 -18.36 -8.59
CA TYR A 260 11.10 -17.01 -8.80
C TYR A 260 12.28 -16.12 -9.14
N VAL A 261 12.03 -15.15 -10.00
CA VAL A 261 13.09 -14.28 -10.51
C VAL A 261 13.15 -13.03 -9.64
N VAL A 262 14.27 -12.85 -8.93
CA VAL A 262 14.53 -11.61 -8.22
C VAL A 262 15.24 -10.68 -9.18
N GLN A 263 14.61 -9.54 -9.48
CA GLN A 263 15.09 -8.62 -10.51
C GLN A 263 15.74 -7.44 -9.82
N LEU A 264 17.03 -7.58 -9.52
CA LEU A 264 17.76 -6.52 -8.83
C LEU A 264 18.04 -5.36 -9.79
N PRO A 265 18.18 -4.15 -9.25
CA PRO A 265 18.50 -3.00 -10.10
C PRO A 265 19.97 -3.00 -10.51
N LEU A 266 20.28 -2.17 -11.50
CA LEU A 266 21.64 -2.06 -12.03
C LEU A 266 21.93 -0.59 -12.25
N TYR A 267 22.88 -0.06 -11.49
CA TYR A 267 23.23 1.37 -11.51
C TYR A 267 24.41 1.56 -12.45
N GLY A 268 24.11 1.94 -13.70
CA GLY A 268 25.17 2.17 -14.65
C GLY A 268 26.04 3.37 -14.29
N VAL A 269 25.44 4.41 -13.72
CA VAL A 269 26.13 5.64 -13.36
C VAL A 269 26.21 5.72 -11.85
N ILE A 270 27.35 6.22 -11.35
CA ILE A 270 27.58 6.34 -9.91
C ILE A 270 28.22 7.69 -9.63
N ASP A 271 27.76 8.34 -8.56
CA ASP A 271 28.34 9.60 -8.08
C ASP A 271 28.29 10.68 -9.16
N THR A 272 27.23 10.69 -9.94
CA THR A 272 27.07 11.75 -10.91
C THR A 272 26.55 13.01 -10.24
N PRO A 273 26.90 14.19 -10.75
CA PRO A 273 26.38 15.44 -10.16
C PRO A 273 24.88 15.59 -10.34
N CYS A 274 24.15 15.57 -9.23
CA CYS A 274 22.71 15.65 -9.21
C CYS A 274 22.27 16.80 -8.32
N TRP A 275 21.12 17.39 -8.67
CA TRP A 275 20.60 18.55 -7.98
C TRP A 275 19.08 18.59 -8.07
N LYS A 276 18.44 19.06 -7.00
CA LYS A 276 16.99 19.18 -6.93
C LYS A 276 16.56 20.62 -7.19
N LEU A 277 15.34 20.78 -7.69
CA LEU A 277 14.75 22.09 -7.94
C LEU A 277 13.36 22.10 -7.29
N HIS A 278 13.18 22.94 -6.27
CA HIS A 278 11.89 23.19 -5.66
C HIS A 278 11.38 24.53 -6.15
N THR A 279 10.08 24.57 -6.47
CA THR A 279 9.46 25.78 -7.01
C THR A 279 8.22 26.12 -6.19
N SER A 280 7.99 27.41 -5.99
CA SER A 280 6.86 27.92 -5.24
C SER A 280 6.16 28.99 -6.07
N PRO A 281 4.84 29.12 -5.92
CA PRO A 281 4.11 30.13 -6.70
C PRO A 281 4.62 31.54 -6.44
N LEU A 282 4.71 32.32 -7.51
CA LEU A 282 5.09 33.73 -7.45
C LEU A 282 3.93 34.53 -8.01
N CYS A 283 3.22 35.24 -7.14
CA CYS A 283 2.05 36.02 -7.52
C CYS A 283 2.29 37.49 -7.16
N THR A 284 1.56 38.36 -7.83
CA THR A 284 1.69 39.79 -7.60
C THR A 284 1.24 40.14 -6.18
N THR A 285 1.88 41.17 -5.61
CA THR A 285 1.62 41.61 -4.25
C THR A 285 0.44 42.58 -4.18
N ASN A 286 -0.42 42.60 -5.19
CA ASN A 286 -1.56 43.51 -5.21
C ASN A 286 -2.53 43.16 -4.08
N THR A 287 -2.96 44.18 -3.35
CA THR A 287 -3.91 43.97 -2.26
C THR A 287 -5.31 43.69 -2.80
N LYS A 288 -5.68 44.34 -3.91
CA LYS A 288 -7.00 44.15 -4.48
C LYS A 288 -7.13 42.75 -5.07
N GLU A 289 -8.20 42.05 -4.71
CA GLU A 289 -8.41 40.69 -5.18
C GLU A 289 -8.80 40.69 -6.66
N GLY A 290 -8.19 39.79 -7.43
CA GLY A 290 -8.48 39.62 -8.84
C GLY A 290 -7.29 39.86 -9.74
N SER A 291 -6.37 40.73 -9.32
CA SER A 291 -5.19 41.06 -10.11
C SER A 291 -3.98 40.19 -9.75
N ASN A 292 -4.21 39.01 -9.19
CA ASN A 292 -3.12 38.12 -8.80
C ASN A 292 -2.83 37.15 -9.93
N ILE A 293 -1.62 37.22 -10.48
CA ILE A 293 -1.16 36.32 -11.52
C ILE A 293 0.03 35.55 -10.96
N CYS A 294 -0.06 34.23 -10.99
CA CYS A 294 0.93 33.36 -10.35
C CYS A 294 1.72 32.61 -11.41
N LEU A 295 3.04 32.65 -11.30
CA LEU A 295 3.95 32.01 -12.25
C LEU A 295 4.82 31.03 -11.48
N THR A 296 4.60 29.74 -11.68
CA THR A 296 5.33 28.69 -10.97
C THR A 296 6.14 27.86 -11.97
N ARG A 297 7.44 27.76 -11.74
CA ARG A 297 8.27 26.94 -12.62
C ARG A 297 7.87 25.48 -12.49
N THR A 298 7.48 24.87 -13.62
CA THR A 298 6.95 23.51 -13.60
C THR A 298 8.04 22.44 -13.68
N ASP A 299 9.28 22.81 -13.96
CA ASP A 299 10.34 21.81 -14.00
C ASP A 299 10.83 21.51 -12.59
N ARG A 300 9.90 21.20 -11.70
CA ARG A 300 10.20 20.89 -10.31
C ARG A 300 10.55 19.41 -10.18
N GLY A 301 11.62 19.12 -9.46
CA GLY A 301 12.04 17.74 -9.32
C GLY A 301 13.54 17.62 -9.43
N TRP A 302 14.00 16.43 -9.80
CA TRP A 302 15.42 16.13 -9.75
C TRP A 302 16.05 16.22 -11.14
N TYR A 303 17.36 16.48 -11.15
CA TYR A 303 18.16 16.46 -12.35
C TYR A 303 19.48 15.78 -12.06
N CYS A 304 19.94 14.96 -13.00
CA CYS A 304 21.21 14.25 -12.84
C CYS A 304 21.99 14.32 -14.14
N ASP A 305 23.30 14.14 -14.05
CA ASP A 305 24.17 14.10 -15.22
C ASP A 305 24.43 12.66 -15.62
N ASN A 306 24.33 12.38 -16.92
CA ASN A 306 24.45 11.02 -17.42
C ASN A 306 24.78 11.06 -18.89
N ALA A 307 25.95 10.54 -19.26
CA ALA A 307 26.37 10.43 -20.66
C ALA A 307 26.30 11.76 -21.39
N GLY A 308 26.66 12.84 -20.69
CA GLY A 308 26.66 14.16 -21.28
C GLY A 308 25.31 14.81 -21.40
N SER A 309 24.25 14.18 -20.91
CA SER A 309 22.90 14.73 -20.97
C SER A 309 22.27 14.67 -19.58
N VAL A 310 21.29 15.53 -19.37
CA VAL A 310 20.65 15.64 -18.06
C VAL A 310 19.42 14.72 -18.03
N SER A 311 19.41 13.80 -17.08
CA SER A 311 18.24 12.98 -16.81
C SER A 311 17.34 13.73 -15.83
N PHE A 312 16.13 14.06 -16.29
CA PHE A 312 15.17 14.83 -15.50
C PHE A 312 14.14 13.89 -14.92
N PHE A 313 13.87 14.04 -13.63
CA PHE A 313 12.88 13.23 -12.92
C PHE A 313 11.81 14.16 -12.37
N PRO A 314 10.63 14.22 -13.00
CA PRO A 314 9.57 15.10 -12.50
C PRO A 314 8.89 14.55 -11.24
N GLN A 315 8.63 13.25 -11.23
CA GLN A 315 8.00 12.64 -10.06
C GLN A 315 9.00 12.56 -8.92
N ALA A 316 8.56 12.96 -7.72
CA ALA A 316 9.42 12.93 -6.55
C ALA A 316 9.50 11.54 -5.92
N GLU A 317 8.65 10.60 -6.33
CA GLU A 317 8.65 9.27 -5.72
C GLU A 317 9.81 8.42 -6.23
N THR A 318 10.20 8.57 -7.49
CA THR A 318 11.20 7.68 -8.08
C THR A 318 12.59 7.91 -7.49
N CYS A 319 12.92 9.16 -7.16
CA CYS A 319 14.28 9.50 -6.71
C CYS A 319 14.32 9.48 -5.18
N LYS A 320 14.69 8.32 -4.63
CA LYS A 320 14.97 8.24 -3.21
C LYS A 320 16.23 9.04 -2.87
N VAL A 321 16.26 9.59 -1.66
CA VAL A 321 17.34 10.47 -1.24
C VAL A 321 17.91 9.94 0.07
N GLN A 322 19.20 9.60 0.06
CA GLN A 322 19.94 9.29 1.27
C GLN A 322 20.60 10.58 1.77
N SER A 323 21.57 10.47 2.68
CA SER A 323 22.18 11.65 3.29
C SER A 323 22.69 12.64 2.23
N ASN A 324 23.43 12.14 1.24
CA ASN A 324 23.93 12.99 0.17
C ASN A 324 23.76 12.40 -1.22
N ARG A 325 23.39 11.13 -1.35
CA ARG A 325 23.31 10.46 -2.63
C ARG A 325 21.85 10.29 -3.04
N VAL A 326 21.53 10.75 -4.26
CA VAL A 326 20.16 10.75 -4.76
C VAL A 326 20.03 9.54 -5.67
N PHE A 327 19.60 8.42 -5.11
CA PHE A 327 19.33 7.24 -5.92
C PHE A 327 18.06 7.47 -6.73
N CYS A 328 18.12 7.19 -8.03
CA CYS A 328 17.03 7.50 -8.92
C CYS A 328 16.74 6.28 -9.79
N ASP A 329 15.86 6.45 -10.77
CA ASP A 329 15.43 5.35 -11.61
C ASP A 329 15.01 5.91 -12.96
N THR A 330 15.80 5.63 -14.00
CA THR A 330 15.52 6.12 -15.35
C THR A 330 14.33 5.43 -16.00
N MET A 331 13.58 4.64 -15.24
CA MET A 331 12.40 3.97 -15.78
C MET A 331 11.37 4.97 -16.30
N ASN A 332 11.29 6.15 -15.68
CA ASN A 332 10.35 7.19 -16.09
C ASN A 332 11.03 8.53 -16.34
N SER A 333 12.36 8.57 -16.31
CA SER A 333 13.08 9.82 -16.50
C SER A 333 12.96 10.31 -17.94
N ARG A 334 13.36 11.56 -18.16
CA ARG A 334 13.39 12.15 -19.49
C ARG A 334 14.79 12.66 -19.79
N THR A 335 15.31 12.29 -20.95
CA THR A 335 16.60 12.82 -21.37
C THR A 335 16.44 14.27 -21.82
N LEU A 336 17.45 15.09 -21.54
CA LEU A 336 17.44 16.49 -21.89
C LEU A 336 18.85 16.92 -22.24
N PRO A 337 19.01 17.91 -23.12
CA PRO A 337 20.35 18.44 -23.39
C PRO A 337 20.90 19.18 -22.19
N SER A 338 22.22 19.32 -22.17
CA SER A 338 22.90 19.87 -20.99
C SER A 338 22.47 21.29 -20.69
N GLU A 339 22.18 22.08 -21.72
CA GLU A 339 21.88 23.50 -21.52
C GLU A 339 20.64 23.75 -20.67
N VAL A 340 19.85 22.71 -20.35
CA VAL A 340 18.75 22.89 -19.41
C VAL A 340 19.28 23.37 -18.07
N ASN A 341 20.50 22.97 -17.71
CA ASN A 341 21.10 23.49 -16.48
C ASN A 341 21.27 25.00 -16.55
N LEU A 342 21.64 25.52 -17.73
CA LEU A 342 21.75 26.96 -17.91
C LEU A 342 20.41 27.67 -17.73
N CYS A 343 19.30 26.95 -17.83
CA CYS A 343 18.01 27.55 -17.57
C CYS A 343 17.78 27.77 -16.07
N ASN A 344 18.47 27.02 -15.21
CA ASN A 344 18.29 27.17 -13.77
C ASN A 344 18.86 28.51 -13.28
N VAL A 345 20.08 28.83 -13.69
CA VAL A 345 20.71 30.08 -13.26
C VAL A 345 20.29 31.27 -14.11
N ASP A 346 19.75 31.03 -15.30
CA ASP A 346 19.32 32.10 -16.20
C ASP A 346 17.94 31.74 -16.74
N ILE A 347 16.93 32.50 -16.32
CA ILE A 347 15.56 32.22 -16.74
C ILE A 347 15.40 32.47 -18.24
N PHE A 348 16.00 33.55 -18.74
CA PHE A 348 15.85 33.96 -20.14
C PHE A 348 17.01 33.53 -21.02
N ASN A 349 17.70 32.46 -20.64
CA ASN A 349 18.82 31.99 -21.45
C ASN A 349 18.33 31.48 -22.78
N PRO A 350 18.91 31.93 -23.90
CA PRO A 350 18.47 31.42 -25.21
C PRO A 350 18.78 29.95 -25.42
N LYS A 351 19.65 29.36 -24.61
CA LYS A 351 20.04 27.97 -24.80
C LYS A 351 18.85 27.03 -24.55
N TYR A 352 18.17 27.19 -23.42
CA TYR A 352 17.05 26.33 -23.06
C TYR A 352 15.83 27.17 -22.73
N ASP A 353 14.66 26.57 -22.93
CA ASP A 353 13.38 27.21 -22.69
C ASP A 353 12.79 26.63 -21.40
N CYS A 354 12.75 27.44 -20.35
CA CYS A 354 12.21 26.98 -19.07
C CYS A 354 10.70 26.80 -19.16
N LYS A 355 10.19 25.89 -18.33
CA LYS A 355 8.78 25.52 -18.32
C LYS A 355 8.11 26.14 -17.11
N ILE A 356 7.05 26.92 -17.34
CA ILE A 356 6.34 27.64 -16.29
C ILE A 356 4.84 27.42 -16.43
N MET A 357 4.14 27.68 -15.33
CA MET A 357 2.69 27.55 -15.23
C MET A 357 2.12 28.89 -14.79
N THR A 358 1.09 29.36 -15.50
CA THR A 358 0.42 30.62 -15.23
C THR A 358 -0.96 30.31 -14.67
N SER A 359 -1.22 30.73 -13.43
CA SER A 359 -2.48 30.49 -12.76
C SER A 359 -2.97 31.79 -12.12
N LYS A 360 -4.15 31.72 -11.51
CA LYS A 360 -4.76 32.87 -10.85
C LYS A 360 -4.90 32.70 -9.34
N THR A 361 -4.96 31.48 -8.83
CA THR A 361 -5.12 31.26 -7.41
C THR A 361 -3.85 31.65 -6.67
N ASP A 362 -3.98 32.58 -5.73
CA ASP A 362 -2.85 33.10 -4.96
C ASP A 362 -2.91 32.64 -3.51
N VAL A 363 -3.29 31.38 -3.30
CA VAL A 363 -3.37 30.84 -1.94
C VAL A 363 -1.98 30.76 -1.34
N SER A 364 -1.84 31.29 -0.13
CA SER A 364 -0.55 31.26 0.56
C SER A 364 -0.13 29.83 0.83
N SER A 365 1.14 29.52 0.55
CA SER A 365 1.62 28.15 0.69
C SER A 365 3.13 28.17 0.89
N SER A 366 3.63 27.12 1.53
CA SER A 366 5.06 27.01 1.80
C SER A 366 5.55 25.62 1.43
N VAL A 367 6.80 25.56 1.00
CA VAL A 367 7.48 24.32 0.65
C VAL A 367 8.77 24.24 1.43
N ILE A 368 8.97 23.13 2.14
CA ILE A 368 10.15 22.93 2.96
C ILE A 368 11.24 22.29 2.10
N THR A 369 12.28 23.05 1.80
CA THR A 369 13.38 22.57 0.99
C THR A 369 14.37 21.83 1.89
N SER A 370 15.55 21.50 1.35
CA SER A 370 16.55 20.78 2.13
C SER A 370 17.25 21.69 3.13
N LEU A 371 17.43 22.96 2.82
CA LEU A 371 18.16 23.91 3.66
C LEU A 371 17.34 25.17 3.89
N GLY A 372 16.07 25.00 4.20
CA GLY A 372 15.22 26.13 4.51
C GLY A 372 13.80 25.90 4.02
N ALA A 373 13.12 27.01 3.78
CA ALA A 373 11.72 26.95 3.35
C ALA A 373 11.39 28.16 2.49
N ILE A 374 10.59 27.92 1.45
CA ILE A 374 10.04 28.99 0.63
C ILE A 374 8.60 29.21 1.07
N VAL A 375 8.23 30.47 1.26
CA VAL A 375 6.92 30.82 1.81
C VAL A 375 6.32 31.91 0.93
N SER A 376 5.11 31.67 0.41
CA SER A 376 4.43 32.62 -0.46
C SER A 376 3.15 33.07 0.24
N CYS A 377 3.07 34.35 0.54
CA CYS A 377 1.92 34.94 1.23
C CYS A 377 1.26 35.97 0.33
N TYR A 378 -0.06 35.89 0.21
CA TYR A 378 -0.84 36.85 -0.55
C TYR A 378 -2.18 37.05 0.14
N GLY A 379 -2.80 38.19 -0.14
CA GLY A 379 -4.10 38.50 0.46
C GLY A 379 -3.96 38.81 1.93
N LYS A 380 -4.96 38.38 2.71
CA LYS A 380 -5.02 38.66 4.14
C LYS A 380 -4.42 37.54 4.99
N THR A 381 -3.87 36.50 4.38
CA THR A 381 -3.29 35.40 5.14
C THR A 381 -2.02 35.86 5.85
N LYS A 382 -1.84 35.37 7.07
CA LYS A 382 -0.66 35.67 7.87
C LYS A 382 0.32 34.52 7.83
N CYS A 383 1.61 34.86 7.88
CA CYS A 383 2.67 33.86 7.87
C CYS A 383 3.72 34.24 8.91
N THR A 384 4.10 33.27 9.74
CA THR A 384 5.07 33.48 10.80
C THR A 384 6.14 32.40 10.76
N ALA A 385 7.33 32.77 11.21
CA ALA A 385 8.45 31.84 11.36
C ALA A 385 8.93 31.91 12.81
N SER A 386 9.03 30.74 13.45
CA SER A 386 9.29 30.67 14.89
C SER A 386 10.41 29.69 15.19
N ASN A 387 11.14 29.99 16.25
CA ASN A 387 12.17 29.12 16.81
C ASN A 387 11.64 28.47 18.09
N LYS A 388 12.27 27.37 18.47
CA LYS A 388 11.82 26.62 19.64
C LYS A 388 11.95 27.45 20.91
N ASN A 389 13.07 28.16 21.07
CA ASN A 389 13.34 28.91 22.29
C ASN A 389 12.93 30.37 22.21
N ARG A 390 13.09 31.01 21.04
CA ARG A 390 12.78 32.42 20.88
C ARG A 390 11.32 32.67 20.50
N GLY A 391 10.53 31.63 20.30
CA GLY A 391 9.15 31.84 19.89
C GLY A 391 9.08 32.38 18.46
N ILE A 392 7.96 33.05 18.19
CA ILE A 392 7.76 33.65 16.87
C ILE A 392 8.79 34.76 16.68
N ILE A 393 9.54 34.70 15.58
CA ILE A 393 10.62 35.64 15.34
C ILE A 393 10.48 36.40 14.04
N LYS A 394 9.78 35.87 13.03
CA LYS A 394 9.70 36.54 11.74
C LYS A 394 8.26 36.57 11.25
N THR A 395 7.89 37.68 10.62
CA THR A 395 6.61 37.82 9.94
C THR A 395 6.86 38.04 8.46
N PHE A 396 6.17 37.29 7.62
CA PHE A 396 6.42 37.31 6.18
C PHE A 396 5.57 38.35 5.48
N SER A 397 6.15 39.01 4.49
CA SER A 397 5.45 39.99 3.68
C SER A 397 4.81 39.31 2.47
N ASN A 398 4.15 40.11 1.64
CA ASN A 398 3.53 39.58 0.43
C ASN A 398 4.60 39.16 -0.57
N GLY A 399 4.33 38.08 -1.29
CA GLY A 399 5.28 37.50 -2.23
C GLY A 399 5.84 36.19 -1.72
N CYS A 400 6.85 35.70 -2.42
CA CYS A 400 7.56 34.48 -2.06
C CYS A 400 8.93 34.85 -1.52
N ASP A 401 9.21 34.44 -0.29
CA ASP A 401 10.48 34.70 0.38
C ASP A 401 11.01 33.42 1.00
N TYR A 402 12.33 33.36 1.14
CA TYR A 402 13.01 32.14 1.59
C TYR A 402 13.67 32.38 2.93
N VAL A 403 13.53 31.40 3.82
CA VAL A 403 14.10 31.45 5.16
C VAL A 403 15.05 30.27 5.32
N SER A 404 16.20 30.51 5.96
CA SER A 404 17.20 29.48 6.16
C SER A 404 16.72 28.41 7.13
N ASN A 405 17.56 27.39 7.36
CA ASN A 405 17.17 26.24 8.16
C ASN A 405 17.74 26.28 9.58
N LYS A 406 18.66 27.18 9.87
CA LYS A 406 19.25 27.31 11.20
C LYS A 406 18.74 28.58 11.85
N GLY A 407 18.23 28.46 13.07
CA GLY A 407 17.63 29.56 13.79
C GLY A 407 16.15 29.75 13.53
N VAL A 408 15.57 29.02 12.59
CA VAL A 408 14.14 29.06 12.29
C VAL A 408 13.69 27.62 12.14
N ASP A 409 12.96 27.12 13.13
CA ASP A 409 12.62 25.70 13.18
C ASP A 409 11.20 25.39 12.75
N THR A 410 10.32 26.38 12.67
CA THR A 410 8.95 26.12 12.23
C THR A 410 8.42 27.32 11.47
N VAL A 411 7.49 27.07 10.54
CA VAL A 411 6.82 28.13 9.80
C VAL A 411 5.33 27.81 9.77
N SER A 412 4.52 28.74 10.26
CA SER A 412 3.06 28.57 10.29
C SER A 412 2.44 29.58 9.33
N VAL A 413 1.66 29.08 8.38
CA VAL A 413 0.94 29.91 7.43
C VAL A 413 -0.54 29.70 7.65
N GLY A 414 -1.27 30.79 7.91
CA GLY A 414 -2.67 30.67 8.25
C GLY A 414 -2.87 29.81 9.48
N ASN A 415 -3.37 28.60 9.28
CA ASN A 415 -3.52 27.63 10.36
C ASN A 415 -2.62 26.42 10.22
N THR A 416 -1.97 26.24 9.07
CA THR A 416 -1.13 25.06 8.86
C THR A 416 0.30 25.33 9.31
N LEU A 417 1.00 24.25 9.66
CA LEU A 417 2.30 24.32 10.32
C LEU A 417 3.28 23.39 9.61
N TYR A 418 4.24 23.97 8.89
CA TYR A 418 5.29 23.21 8.22
C TYR A 418 6.59 23.36 9.02
N CYS A 419 7.20 22.23 9.37
CA CYS A 419 8.43 22.25 10.14
C CYS A 419 9.63 22.37 9.19
N VAL A 420 10.50 23.33 9.48
CA VAL A 420 11.71 23.54 8.68
C VAL A 420 12.77 22.55 9.12
N ASN A 421 13.35 21.83 8.16
CA ASN A 421 14.33 20.81 8.48
C ASN A 421 15.61 21.43 9.01
N LYS A 422 16.40 20.62 9.71
CA LYS A 422 17.62 21.06 10.38
C LYS A 422 18.86 20.48 9.71
N GLN A 423 18.85 20.43 8.38
CA GLN A 423 19.98 19.86 7.66
C GLN A 423 21.12 20.86 7.60
N GLU A 424 22.34 20.35 7.77
CA GLU A 424 23.54 21.17 7.85
C GLU A 424 24.10 21.40 6.45
N GLY A 425 24.30 22.67 6.09
CA GLY A 425 24.88 23.01 4.81
C GLY A 425 24.79 24.49 4.49
N GLN A 426 25.60 24.94 3.54
CA GLN A 426 25.58 26.34 3.14
C GLN A 426 24.30 26.67 2.37
N SER A 427 23.71 27.82 2.68
CA SER A 427 22.55 28.32 1.96
C SER A 427 22.83 29.74 1.50
N LEU A 428 22.46 30.03 0.26
CA LEU A 428 22.69 31.33 -0.34
C LEU A 428 21.37 31.97 -0.75
N TYR A 429 21.16 33.22 -0.33
CA TYR A 429 20.01 34.00 -0.75
C TYR A 429 20.47 34.97 -1.83
N VAL A 430 19.81 34.93 -2.98
CA VAL A 430 20.15 35.77 -4.12
C VAL A 430 19.03 36.77 -4.34
N LYS A 431 19.37 38.05 -4.36
CA LYS A 431 18.38 39.10 -4.58
C LYS A 431 17.96 39.10 -6.04
N GLY A 432 16.68 38.82 -6.30
CA GLY A 432 16.18 38.78 -7.66
C GLY A 432 14.83 39.45 -7.82
N GLU A 433 14.73 40.33 -8.80
CA GLU A 433 13.46 40.97 -9.09
C GLU A 433 12.46 39.94 -9.60
N PRO A 434 11.24 39.90 -9.08
CA PRO A 434 10.29 38.86 -9.49
C PRO A 434 9.98 38.93 -10.98
N ILE A 435 9.99 37.77 -11.63
CA ILE A 435 9.74 37.72 -13.07
C ILE A 435 8.28 38.02 -13.38
N ILE A 436 7.38 37.87 -12.41
CA ILE A 436 5.97 38.19 -12.64
C ILE A 436 5.76 39.68 -12.85
N ASN A 437 6.71 40.51 -12.42
CA ASN A 437 6.55 41.95 -12.54
C ASN A 437 6.54 42.41 -14.00
N PHE A 438 7.44 41.86 -14.82
CA PHE A 438 7.53 42.29 -16.21
C PHE A 438 6.41 41.78 -17.08
N TYR A 439 5.52 40.93 -16.57
CA TYR A 439 4.39 40.44 -17.32
C TYR A 439 3.12 41.13 -16.86
N ASP A 440 2.43 41.78 -17.80
CA ASP A 440 1.22 42.52 -17.45
C ASP A 440 0.09 41.56 -17.12
N PRO A 441 -0.59 41.72 -15.98
CA PRO A 441 -1.65 40.77 -15.61
C PRO A 441 -2.80 40.70 -16.59
N LEU A 442 -3.13 41.81 -17.27
CA LEU A 442 -4.26 41.80 -18.20
C LEU A 442 -4.03 40.85 -19.36
N VAL A 443 -2.81 40.85 -19.91
CA VAL A 443 -2.47 39.97 -21.02
C VAL A 443 -1.82 38.67 -20.56
N PHE A 444 -1.57 38.51 -19.27
CA PHE A 444 -0.97 37.30 -18.76
C PHE A 444 -1.95 36.13 -18.92
N PRO A 445 -1.47 34.97 -19.37
CA PRO A 445 -2.35 33.82 -19.54
C PRO A 445 -2.75 33.23 -18.19
N SER A 446 -3.75 32.35 -18.24
CA SER A 446 -4.28 31.69 -17.05
C SER A 446 -4.24 30.18 -17.24
N ASP A 447 -4.32 29.47 -16.10
CA ASP A 447 -4.47 28.03 -15.96
C ASP A 447 -3.73 27.23 -17.03
N GLU A 448 -2.51 27.63 -17.35
CA GLU A 448 -1.68 26.94 -18.32
C GLU A 448 -0.81 25.92 -17.57
N PHE A 449 -1.16 24.64 -17.70
CA PHE A 449 -0.49 23.60 -16.91
C PHE A 449 1.00 23.55 -17.21
N ASP A 450 1.37 23.49 -18.48
CA ASP A 450 2.77 23.46 -18.90
C ASP A 450 2.96 24.42 -20.05
N ALA A 451 3.97 25.28 -19.95
CA ALA A 451 4.26 26.26 -20.98
C ALA A 451 5.78 26.39 -21.11
N SER A 452 6.21 27.43 -21.81
CA SER A 452 7.62 27.71 -21.97
C SER A 452 7.79 29.22 -22.11
N ILE A 453 9.00 29.70 -21.81
CA ILE A 453 9.25 31.14 -21.86
C ILE A 453 8.97 31.68 -23.26
N SER A 454 9.43 30.97 -24.28
CA SER A 454 9.06 31.33 -25.64
C SER A 454 7.57 31.09 -25.90
N GLN A 455 6.98 30.08 -25.25
CA GLN A 455 5.56 29.81 -25.45
C GLN A 455 4.70 30.92 -24.86
N VAL A 456 4.98 31.33 -23.62
CA VAL A 456 4.26 32.47 -23.07
C VAL A 456 4.60 33.74 -23.82
N ASN A 457 5.84 33.87 -24.33
CA ASN A 457 6.19 35.05 -25.11
C ASN A 457 5.36 35.14 -26.38
N GLU A 458 5.18 34.02 -27.08
CA GLU A 458 4.38 34.05 -28.29
C GLU A 458 2.89 34.16 -27.99
N LYS A 459 2.43 33.65 -26.85
CA LYS A 459 1.07 33.91 -26.42
C LYS A 459 0.85 35.40 -26.19
N ILE A 460 1.80 36.05 -25.53
CA ILE A 460 1.73 37.49 -25.31
C ILE A 460 1.78 38.23 -26.64
N ASN A 461 2.60 37.74 -27.57
CA ASN A 461 2.70 38.35 -28.89
C ASN A 461 1.37 38.26 -29.63
N GLN A 462 0.70 37.11 -29.57
CA GLN A 462 -0.60 36.97 -30.22
C GLN A 462 -1.65 37.85 -29.56
N SER A 463 -1.64 37.92 -28.23
CA SER A 463 -2.59 38.80 -27.54
C SER A 463 -2.36 40.25 -27.90
N LEU A 464 -1.10 40.68 -27.96
CA LEU A 464 -0.79 42.04 -28.36
C LEU A 464 -1.12 42.28 -29.83
N ALA A 465 -1.00 41.25 -30.66
CA ALA A 465 -1.42 41.36 -32.06
C ALA A 465 -2.91 41.60 -32.16
N PHE A 466 -3.70 40.89 -31.35
CA PHE A 466 -5.13 41.17 -31.28
C PHE A 466 -5.35 42.60 -30.78
N ILE A 467 -4.53 43.05 -29.83
CA ILE A 467 -4.66 44.40 -29.30
C ILE A 467 -4.45 45.43 -30.40
N ARG A 468 -3.39 45.25 -31.21
CA ARG A 468 -3.13 46.24 -32.26
C ARG A 468 -4.11 46.10 -33.42
N LYS A 469 -4.67 44.91 -33.63
CA LYS A 469 -5.76 44.78 -34.60
C LYS A 469 -6.97 45.58 -34.16
N SER A 470 -7.31 45.52 -32.87
CA SER A 470 -8.36 46.37 -32.34
C SER A 470 -7.99 47.85 -32.47
N ASP A 471 -6.71 48.17 -32.24
CA ASP A 471 -6.25 49.55 -32.42
C ASP A 471 -6.47 50.01 -33.86
N GLU A 472 -6.18 49.14 -34.82
CA GLU A 472 -6.47 49.44 -36.22
C GLU A 472 -7.96 49.63 -36.46
N LEU A 473 -8.78 48.83 -35.77
CA LEU A 473 -10.23 48.98 -35.93
C LEU A 473 -10.71 50.34 -35.47
N LEU A 474 -10.30 50.76 -34.26
CA LEU A 474 -10.68 52.11 -33.82
C LEU A 474 -9.99 53.20 -34.63
N SER A 475 -8.81 52.93 -35.20
CA SER A 475 -8.20 53.92 -36.08
C SER A 475 -9.03 54.13 -37.33
N ALA A 476 -9.55 53.04 -37.92
CA ALA A 476 -10.44 53.16 -39.05
C ALA A 476 -11.76 53.83 -38.66
N ILE A 477 -12.24 53.55 -37.45
CA ILE A 477 -13.46 54.19 -36.97
C ILE A 477 -13.25 55.70 -36.87
N GLY A 478 -12.12 56.12 -36.31
CA GLY A 478 -11.82 57.54 -36.21
C GLY A 478 -11.64 58.20 -37.57
N GLY A 479 -10.94 57.52 -38.48
CA GLY A 479 -10.75 58.05 -39.81
C GLY A 479 -11.95 57.93 -40.72
N TYR A 480 -12.94 57.13 -40.34
CA TYR A 480 -14.14 56.94 -41.13
C TYR A 480 -15.37 56.77 -40.25
N GLN B 26 -9.27 -16.35 -28.54
CA GLN B 26 -7.96 -16.78 -28.10
C GLN B 26 -6.87 -16.06 -28.88
N ASN B 27 -7.01 -16.03 -30.20
CA ASN B 27 -6.02 -15.39 -31.06
C ASN B 27 -6.11 -13.88 -30.91
N ILE B 28 -5.15 -13.30 -30.20
CA ILE B 28 -5.10 -11.85 -30.01
C ILE B 28 -4.61 -11.22 -31.30
N THR B 29 -5.47 -10.47 -31.97
CA THR B 29 -5.13 -9.80 -33.22
C THR B 29 -5.00 -8.31 -32.91
N GLU B 30 -3.79 -7.91 -32.51
CA GLU B 30 -3.51 -6.51 -32.20
C GLU B 30 -3.31 -5.75 -33.50
N GLU B 31 -4.20 -4.81 -33.79
CA GLU B 31 -4.14 -4.02 -35.00
C GLU B 31 -3.71 -2.59 -34.67
N PHE B 32 -2.68 -2.12 -35.35
CA PHE B 32 -2.19 -0.76 -35.18
C PHE B 32 -2.64 0.10 -36.35
N TYR B 33 -3.19 1.26 -36.05
CA TYR B 33 -3.66 2.20 -37.07
C TYR B 33 -2.72 3.41 -37.05
N GLN B 34 -2.00 3.61 -38.15
CA GLN B 34 -1.15 4.78 -38.31
C GLN B 34 -1.94 6.04 -38.60
N SER B 35 -3.22 5.91 -38.93
CA SER B 35 -4.06 7.08 -39.11
C SER B 35 -4.14 7.90 -37.82
N THR B 36 -4.30 7.21 -36.68
CA THR B 36 -4.22 7.83 -35.37
C THR B 36 -3.06 7.29 -34.55
N CYS B 37 -2.26 6.40 -35.14
CA CYS B 37 -1.24 5.61 -34.44
C CYS B 37 -1.74 5.14 -33.07
N SER B 38 -2.82 4.35 -33.12
CA SER B 38 -3.40 3.74 -31.94
C SER B 38 -3.46 2.23 -32.14
N ALA B 39 -3.17 1.48 -31.08
CA ALA B 39 -3.13 0.03 -31.13
C ALA B 39 -4.33 -0.54 -30.38
N VAL B 40 -5.17 -1.28 -31.10
CA VAL B 40 -6.33 -1.92 -30.52
C VAL B 40 -6.07 -3.42 -30.50
N SER B 41 -6.06 -4.00 -29.30
CA SER B 41 -5.88 -5.44 -29.13
C SER B 41 -7.26 -6.08 -28.96
N LYS B 42 -7.63 -6.95 -29.90
CA LYS B 42 -8.94 -7.57 -29.94
C LYS B 42 -8.86 -9.00 -29.43
N GLY B 43 -10.01 -9.68 -29.49
CA GLY B 43 -10.07 -11.10 -29.14
C GLY B 43 -9.78 -11.43 -27.70
N TYR B 44 -10.33 -10.65 -26.76
CA TYR B 44 -10.19 -10.96 -25.35
C TYR B 44 -11.49 -11.53 -24.82
N LEU B 45 -11.38 -12.53 -23.94
CA LEU B 45 -12.55 -13.16 -23.32
C LEU B 45 -12.69 -12.60 -21.91
N GLY B 46 -13.44 -11.51 -21.78
CA GLY B 46 -13.58 -10.85 -20.51
C GLY B 46 -14.70 -11.39 -19.65
N ALA B 47 -14.59 -11.13 -18.35
CA ALA B 47 -15.58 -11.54 -17.36
C ALA B 47 -15.82 -10.36 -16.42
N LEU B 48 -16.78 -9.51 -16.77
CA LEU B 48 -17.12 -8.38 -15.93
C LEU B 48 -17.75 -8.85 -14.63
N ARG B 49 -17.59 -8.06 -13.58
CA ARG B 49 -18.28 -8.28 -12.31
C ARG B 49 -19.28 -7.17 -12.08
N THR B 50 -20.49 -7.55 -11.62
CA THR B 50 -21.58 -6.57 -11.50
C THR B 50 -22.35 -6.73 -10.20
N GLY B 51 -21.77 -7.34 -9.17
CA GLY B 51 -22.46 -7.48 -7.91
C GLY B 51 -21.58 -8.19 -6.92
N TRP B 52 -22.11 -8.35 -5.71
CA TRP B 52 -21.39 -9.02 -4.63
C TRP B 52 -22.25 -10.09 -4.01
N TYR B 53 -21.60 -11.10 -3.43
CA TYR B 53 -22.24 -12.09 -2.58
C TYR B 53 -21.50 -12.09 -1.25
N THR B 54 -22.23 -11.87 -0.17
CA THR B 54 -21.64 -11.68 1.14
C THR B 54 -21.82 -12.92 1.99
N SER B 55 -20.71 -13.44 2.51
CA SER B 55 -20.72 -14.57 3.42
C SER B 55 -20.32 -14.08 4.81
N VAL B 56 -21.12 -14.45 5.81
CA VAL B 56 -20.87 -14.05 7.19
C VAL B 56 -19.90 -15.08 7.77
N ILE B 57 -18.61 -14.79 7.66
CA ILE B 57 -17.58 -15.69 8.20
C ILE B 57 -17.54 -15.46 9.71
N THR B 58 -17.77 -16.54 10.47
CA THR B 58 -17.90 -16.45 11.91
C THR B 58 -16.84 -17.33 12.59
N ILE B 59 -16.33 -16.83 13.71
CA ILE B 59 -15.39 -17.54 14.57
C ILE B 59 -16.01 -17.62 15.95
N GLU B 60 -16.06 -18.81 16.52
CA GLU B 60 -16.68 -19.03 17.83
C GLU B 60 -15.66 -18.78 18.92
N LEU B 61 -15.78 -17.64 19.60
CA LEU B 61 -14.87 -17.26 20.67
C LEU B 61 -15.38 -17.78 22.01
N SER B 62 -14.55 -17.61 23.04
CA SER B 62 -14.91 -17.97 24.40
C SER B 62 -14.84 -16.73 25.28
N ASN B 63 -15.88 -16.50 26.07
CA ASN B 63 -15.95 -15.34 26.96
C ASN B 63 -15.30 -15.69 28.30
N ILE B 64 -13.97 -15.82 28.26
CA ILE B 64 -13.17 -16.13 29.43
C ILE B 64 -12.39 -14.88 29.81
N LYS B 65 -12.52 -14.46 31.06
CA LYS B 65 -11.84 -13.26 31.56
C LYS B 65 -11.08 -13.48 32.86
N LYS B 66 -11.44 -14.48 33.66
CA LYS B 66 -10.83 -14.70 34.97
C LYS B 66 -9.93 -15.93 34.93
N ASN B 67 -8.74 -15.79 35.49
CA ASN B 67 -7.78 -16.88 35.59
C ASN B 67 -7.64 -17.28 37.05
N LYS B 68 -7.86 -18.55 37.34
CA LYS B 68 -7.72 -19.09 38.69
C LYS B 68 -6.43 -19.87 38.88
N CYS B 69 -5.53 -19.84 37.90
CA CYS B 69 -4.30 -20.62 37.99
C CYS B 69 -3.27 -19.92 38.86
N ASN B 70 -2.55 -20.71 39.65
CA ASN B 70 -1.42 -20.23 40.44
C ASN B 70 -0.24 -21.18 40.17
N GLY B 71 0.49 -20.88 39.10
CA GLY B 71 1.62 -21.71 38.70
C GLY B 71 2.80 -20.92 38.18
N THR B 72 3.98 -21.16 38.74
CA THR B 72 5.19 -20.44 38.36
C THR B 72 5.96 -21.12 37.25
N ASP B 73 5.51 -22.28 36.78
CA ASP B 73 6.20 -22.96 35.69
C ASP B 73 6.15 -22.13 34.41
N ALA B 74 7.28 -22.10 33.69
CA ALA B 74 7.36 -21.31 32.47
C ALA B 74 6.41 -21.80 31.39
N LYS B 75 6.03 -23.08 31.40
CA LYS B 75 5.01 -23.54 30.47
C LYS B 75 3.66 -22.91 30.79
N ILE B 76 3.29 -22.88 32.06
CA ILE B 76 2.06 -22.20 32.45
C ILE B 76 2.17 -20.71 32.20
N LYS B 77 3.38 -20.13 32.36
CA LYS B 77 3.58 -18.74 32.03
C LYS B 77 3.33 -18.49 30.54
N LEU B 78 3.81 -19.40 29.68
CA LEU B 78 3.56 -19.27 28.26
C LEU B 78 2.09 -19.40 27.93
N ILE B 79 1.40 -20.33 28.60
CA ILE B 79 -0.05 -20.48 28.40
C ILE B 79 -0.76 -19.19 28.77
N LYS B 80 -0.39 -18.61 29.92
CA LYS B 80 -1.02 -17.38 30.36
C LYS B 80 -0.70 -16.22 29.42
N GLN B 81 0.52 -16.18 28.89
CA GLN B 81 0.87 -15.14 27.93
C GLN B 81 0.06 -15.26 26.65
N GLU B 82 -0.11 -16.49 26.15
CA GLU B 82 -0.93 -16.70 24.97
C GLU B 82 -2.38 -16.31 25.24
N LEU B 83 -2.90 -16.66 26.42
CA LEU B 83 -4.26 -16.27 26.76
C LEU B 83 -4.40 -14.76 26.88
N ASP B 84 -3.38 -14.09 27.41
CA ASP B 84 -3.40 -12.63 27.47
C ASP B 84 -3.40 -12.03 26.08
N LYS B 85 -2.62 -12.62 25.16
CA LYS B 85 -2.63 -12.17 23.77
C LYS B 85 -4.02 -12.36 23.16
N TYR B 86 -4.67 -13.48 23.46
CA TYR B 86 -6.02 -13.72 22.97
C TYR B 86 -7.01 -12.69 23.53
N LYS B 87 -6.89 -12.38 24.82
CA LYS B 87 -7.77 -11.39 25.44
C LYS B 87 -7.55 -10.00 24.85
N ASN B 88 -6.29 -9.64 24.60
CA ASN B 88 -6.00 -8.36 23.98
C ASN B 88 -6.53 -8.31 22.55
N ALA B 89 -6.46 -9.43 21.83
CA ALA B 89 -7.06 -9.49 20.50
C ALA B 89 -8.56 -9.30 20.57
N VAL B 90 -9.21 -9.92 21.56
CA VAL B 90 -10.66 -9.75 21.72
C VAL B 90 -10.99 -8.30 22.03
N THR B 91 -10.21 -7.67 22.91
CA THR B 91 -10.45 -6.26 23.24
C THR B 91 -10.23 -5.36 22.03
N ASP B 92 -9.20 -5.65 21.23
CA ASP B 92 -8.97 -4.88 20.01
C ASP B 92 -10.12 -5.05 19.04
N LEU B 93 -10.66 -6.27 18.93
CA LEU B 93 -11.82 -6.50 18.08
C LEU B 93 -13.05 -5.77 18.61
N GLN B 94 -13.18 -5.67 19.93
CA GLN B 94 -14.28 -4.89 20.50
C GLN B 94 -14.13 -3.41 20.19
N LEU B 95 -12.90 -2.90 20.22
CA LEU B 95 -12.66 -1.52 19.79
C LEU B 95 -13.00 -1.35 18.31
N LEU B 96 -12.65 -2.33 17.49
CA LEU B 96 -13.00 -2.27 16.07
C LEU B 96 -14.51 -2.30 15.87
N MET B 97 -15.23 -3.08 16.69
CA MET B 97 -16.69 -3.05 16.66
C MET B 97 -17.21 -1.68 17.05
N GLN B 98 -16.61 -1.06 18.06
CA GLN B 98 -16.94 0.33 18.37
C GLN B 98 -16.68 1.24 17.18
N SER B 99 -15.71 0.89 16.34
CA SER B 99 -15.48 1.61 15.10
C SER B 99 -16.52 1.28 14.03
N THR B 100 -17.22 0.15 14.16
CA THR B 100 -18.24 -0.19 13.18
C THR B 100 -19.44 0.74 13.32
N PRO B 101 -20.16 1.03 12.21
CA PRO B 101 -19.98 0.50 10.84
C PRO B 101 -18.67 0.94 10.19
N ALA B 102 -17.80 -0.02 9.89
CA ALA B 102 -16.51 0.27 9.28
C ALA B 102 -16.40 -0.38 7.92
N GLY B 106 -18.97 3.41 -3.35
CA GLY B 106 -20.27 2.78 -3.59
C GLY B 106 -20.18 1.29 -3.79
N SER B 107 -21.08 0.56 -3.14
CA SER B 107 -21.24 -0.90 -3.21
C SER B 107 -20.07 -1.65 -2.57
N ALA B 108 -19.06 -0.95 -2.08
CA ALA B 108 -17.92 -1.62 -1.46
C ALA B 108 -18.22 -2.12 -0.06
N ILE B 109 -19.05 -1.39 0.71
CA ILE B 109 -19.23 -1.72 2.12
C ILE B 109 -20.71 -1.82 2.47
N CYS B 110 -21.59 -1.44 1.54
CA CYS B 110 -23.02 -1.39 1.84
C CYS B 110 -23.53 -2.73 2.34
N SER B 111 -23.25 -3.78 1.57
CA SER B 111 -23.73 -5.11 1.93
C SER B 111 -23.12 -5.58 3.25
N GLY B 112 -21.83 -5.31 3.44
CA GLY B 112 -21.22 -5.60 4.73
C GLY B 112 -21.81 -4.77 5.85
N VAL B 113 -22.04 -3.48 5.60
CA VAL B 113 -22.64 -2.60 6.60
C VAL B 113 -24.06 -3.06 6.93
N ALA B 114 -24.83 -3.42 5.90
CA ALA B 114 -26.20 -3.86 6.13
C ALA B 114 -26.26 -5.11 7.01
N VAL B 115 -25.38 -6.08 6.74
CA VAL B 115 -25.32 -7.25 7.61
C VAL B 115 -24.72 -6.90 8.97
N CYS B 116 -23.82 -5.92 9.01
CA CYS B 116 -23.27 -5.47 10.29
C CYS B 116 -24.38 -4.95 11.20
N LYS B 117 -25.27 -4.13 10.65
CA LYS B 117 -26.36 -3.58 11.46
C LYS B 117 -27.38 -4.66 11.81
N VAL B 118 -27.66 -5.57 10.87
CA VAL B 118 -28.64 -6.62 11.13
C VAL B 118 -28.17 -7.51 12.27
N LEU B 119 -26.88 -7.88 12.26
CA LEU B 119 -26.34 -8.69 13.34
C LEU B 119 -26.35 -7.96 14.68
N HIS B 120 -26.47 -6.64 14.67
CA HIS B 120 -26.58 -5.89 15.92
C HIS B 120 -27.97 -5.97 16.53
N LEU B 121 -28.97 -6.41 15.78
CA LEU B 121 -30.30 -6.56 16.31
C LEU B 121 -30.37 -7.78 17.25
N GLU B 122 -31.36 -7.74 18.14
CA GLU B 122 -31.48 -8.78 19.16
C GLU B 122 -31.92 -10.10 18.53
N GLY B 123 -31.14 -11.14 18.76
CA GLY B 123 -31.46 -12.47 18.29
C GLY B 123 -30.88 -12.85 16.94
N GLU B 124 -30.46 -11.86 16.14
CA GLU B 124 -29.93 -12.17 14.82
C GLU B 124 -28.61 -12.93 14.91
N VAL B 125 -27.76 -12.58 15.88
CA VAL B 125 -26.55 -13.37 16.12
C VAL B 125 -26.93 -14.74 16.68
N ASN B 126 -28.00 -14.80 17.49
CA ASN B 126 -28.38 -16.06 18.12
C ASN B 126 -28.83 -17.09 17.10
N LYS B 127 -29.55 -16.67 16.06
CA LYS B 127 -30.02 -17.62 15.05
C LYS B 127 -28.84 -18.20 14.27
N ILE B 128 -27.84 -17.38 13.96
CA ILE B 128 -26.63 -17.88 13.31
C ILE B 128 -25.87 -18.81 14.24
N LYS B 129 -25.83 -18.48 15.53
CA LYS B 129 -25.16 -19.34 16.50
C LYS B 129 -25.84 -20.70 16.60
N SER B 130 -27.17 -20.71 16.57
CA SER B 130 -27.94 -21.94 16.72
C SER B 130 -28.17 -22.68 15.41
N ALA B 131 -27.80 -22.09 14.27
CA ALA B 131 -27.94 -22.76 12.99
C ALA B 131 -26.67 -23.49 12.56
N LEU B 132 -25.53 -23.17 13.15
CA LEU B 132 -24.25 -23.77 12.79
C LEU B 132 -23.74 -24.75 13.82
N LEU B 133 -24.54 -25.08 14.83
CA LEU B 133 -24.08 -26.00 15.88
C LEU B 133 -23.91 -27.42 15.37
N SER B 134 -24.40 -27.74 14.17
CA SER B 134 -24.26 -29.07 13.60
C SER B 134 -23.43 -29.12 12.33
N THR B 135 -23.38 -28.03 11.56
CA THR B 135 -22.65 -27.99 10.30
C THR B 135 -21.76 -26.75 10.25
N ASN B 136 -20.70 -26.84 9.47
CA ASN B 136 -19.82 -25.70 9.25
C ASN B 136 -20.30 -24.76 8.16
N LYS B 137 -21.40 -25.11 7.49
CA LYS B 137 -21.96 -24.26 6.45
C LYS B 137 -23.48 -24.38 6.48
N ALA B 138 -24.15 -23.24 6.34
CA ALA B 138 -25.60 -23.20 6.28
C ALA B 138 -26.04 -21.86 5.72
N VAL B 139 -27.22 -21.83 5.13
CA VAL B 139 -27.82 -20.61 4.61
C VAL B 139 -28.90 -20.19 5.60
N VAL B 140 -28.67 -19.06 6.26
CA VAL B 140 -29.58 -18.55 7.29
C VAL B 140 -30.24 -17.28 6.77
N SER B 141 -31.50 -17.10 7.14
CA SER B 141 -32.28 -15.94 6.74
C SER B 141 -32.46 -15.03 7.95
N LEU B 142 -32.16 -13.74 7.76
CA LEU B 142 -32.19 -12.76 8.84
C LEU B 142 -33.41 -11.86 8.67
N SER B 143 -33.57 -10.93 9.61
CA SER B 143 -34.75 -10.06 9.62
C SER B 143 -34.79 -9.11 8.43
N ASN B 144 -33.66 -8.87 7.76
CA ASN B 144 -33.65 -7.99 6.61
C ASN B 144 -34.29 -8.62 5.38
N GLY B 145 -34.63 -9.90 5.44
CA GLY B 145 -35.18 -10.60 4.29
C GLY B 145 -34.16 -11.21 3.36
N VAL B 146 -32.87 -11.16 3.71
CA VAL B 146 -31.80 -11.71 2.89
C VAL B 146 -31.28 -12.97 3.56
N SER B 147 -31.10 -14.02 2.77
CA SER B 147 -30.53 -15.28 3.25
C SER B 147 -29.09 -15.38 2.75
N VAL B 148 -28.18 -15.65 3.68
CA VAL B 148 -26.75 -15.68 3.37
C VAL B 148 -26.12 -16.93 3.96
N LEU B 149 -25.02 -17.36 3.37
CA LEU B 149 -24.25 -18.48 3.89
C LEU B 149 -23.37 -18.01 5.04
N THR B 150 -23.24 -18.85 6.05
CA THR B 150 -22.45 -18.53 7.25
C THR B 150 -21.40 -19.62 7.44
N PHE B 151 -20.24 -19.43 6.81
CA PHE B 151 -19.11 -20.31 7.04
C PHE B 151 -18.57 -20.13 8.44
N LYS B 152 -18.18 -21.23 9.07
CA LYS B 152 -17.56 -21.22 10.39
C LYS B 152 -16.12 -21.72 10.22
N VAL B 153 -15.22 -20.78 9.92
CA VAL B 153 -13.85 -21.15 9.57
C VAL B 153 -13.11 -21.71 10.79
N LEU B 154 -13.23 -21.03 11.93
CA LEU B 154 -12.46 -21.39 13.12
C LEU B 154 -13.39 -21.53 14.30
N ASP B 155 -13.25 -22.62 15.04
CA ASP B 155 -14.03 -22.86 16.26
C ASP B 155 -13.05 -22.79 17.43
N LEU B 156 -12.81 -21.57 17.91
CA LEU B 156 -11.92 -21.38 19.05
C LEU B 156 -12.61 -21.66 20.37
N LYS B 157 -13.93 -21.51 20.42
CA LYS B 157 -14.66 -21.75 21.66
C LYS B 157 -14.51 -23.20 22.11
N ASN B 158 -14.65 -24.14 21.18
CA ASN B 158 -14.56 -25.55 21.54
C ASN B 158 -13.17 -25.90 22.06
N TYR B 159 -12.13 -25.43 21.36
CA TYR B 159 -10.77 -25.73 21.78
C TYR B 159 -10.46 -25.09 23.14
N ILE B 160 -10.87 -23.85 23.33
CA ILE B 160 -10.58 -23.16 24.59
C ILE B 160 -11.30 -23.84 25.75
N ASP B 161 -12.58 -24.15 25.57
CA ASP B 161 -13.38 -24.69 26.67
C ASP B 161 -13.06 -26.15 26.95
N LYS B 162 -12.64 -26.92 25.95
CA LYS B 162 -12.48 -28.35 26.14
C LYS B 162 -11.05 -28.77 26.49
N GLN B 163 -10.05 -27.94 26.19
CA GLN B 163 -8.66 -28.32 26.35
C GLN B 163 -7.94 -27.54 27.43
N LEU B 164 -7.93 -26.21 27.34
CA LEU B 164 -7.19 -25.38 28.29
C LEU B 164 -8.06 -24.85 29.43
N LEU B 165 -9.36 -24.71 29.21
CA LEU B 165 -10.25 -24.33 30.31
C LEU B 165 -10.25 -25.34 31.44
N PRO B 166 -10.34 -26.66 31.21
CA PRO B 166 -10.21 -27.60 32.34
C PRO B 166 -8.87 -27.48 33.06
N ILE B 167 -7.79 -27.22 32.33
CA ILE B 167 -6.48 -27.05 32.96
C ILE B 167 -6.50 -25.82 33.86
N LEU B 168 -7.08 -24.72 33.38
CA LEU B 168 -7.15 -23.50 34.18
C LEU B 168 -8.03 -23.70 35.41
N ASN B 169 -9.14 -24.45 35.26
CA ASN B 169 -10.09 -24.58 36.36
C ASN B 169 -9.49 -25.31 37.55
N LYS B 170 -8.77 -26.40 37.32
CA LYS B 170 -8.17 -27.15 38.41
C LYS B 170 -7.07 -26.34 39.10
N GLN B 171 -6.99 -26.49 40.41
CA GLN B 171 -5.96 -25.79 41.17
C GLN B 171 -4.56 -26.30 40.87
N SER B 172 -4.43 -27.54 40.39
CA SER B 172 -3.11 -28.06 40.04
C SER B 172 -2.51 -27.28 38.88
N CYS B 173 -3.33 -26.94 37.88
CA CYS B 173 -2.89 -26.16 36.72
C CYS B 173 -1.70 -26.81 36.03
N SER B 174 -1.74 -28.13 35.90
CA SER B 174 -0.65 -28.89 35.30
C SER B 174 -0.92 -29.03 33.80
N ILE B 175 -0.18 -28.28 32.99
CA ILE B 175 -0.25 -28.45 31.54
C ILE B 175 0.38 -29.80 31.21
N PRO B 176 -0.34 -30.70 30.54
CA PRO B 176 0.19 -32.05 30.33
C PRO B 176 1.34 -32.10 29.34
N ASN B 177 1.19 -31.43 28.20
CA ASN B 177 2.15 -31.51 27.11
C ASN B 177 2.46 -30.12 26.58
N ILE B 178 3.72 -29.94 26.16
CA ILE B 178 4.12 -28.70 25.52
C ILE B 178 3.44 -28.56 24.15
N GLU B 179 3.24 -29.67 23.45
CA GLU B 179 2.54 -29.61 22.17
C GLU B 179 1.13 -29.05 22.32
N THR B 180 0.54 -29.14 23.51
CA THR B 180 -0.71 -28.42 23.75
C THR B 180 -0.51 -26.93 23.63
N VAL B 181 0.59 -26.40 24.20
CA VAL B 181 0.90 -24.98 24.08
C VAL B 181 1.13 -24.61 22.62
N ILE B 182 1.87 -25.46 21.90
CA ILE B 182 2.17 -25.16 20.49
C ILE B 182 0.89 -25.17 19.66
N GLU B 183 0.01 -26.15 19.90
CA GLU B 183 -1.26 -26.20 19.18
C GLU B 183 -2.14 -25.01 19.51
N PHE B 184 -2.16 -24.60 20.78
CA PHE B 184 -2.93 -23.41 21.16
C PHE B 184 -2.40 -22.18 20.43
N GLN B 185 -1.08 -22.02 20.38
CA GLN B 185 -0.51 -20.88 19.67
C GLN B 185 -0.84 -20.94 18.19
N GLN B 186 -0.77 -22.13 17.58
CA GLN B 186 -1.06 -22.25 16.16
C GLN B 186 -2.53 -21.93 15.85
N LYS B 187 -3.44 -22.42 16.69
CA LYS B 187 -4.86 -22.11 16.50
C LYS B 187 -5.13 -20.62 16.70
N ASN B 188 -4.53 -20.03 17.73
CA ASN B 188 -4.72 -18.62 18.02
C ASN B 188 -4.03 -17.71 17.00
N ASN B 189 -3.08 -18.26 16.23
CA ASN B 189 -2.32 -17.42 15.31
C ASN B 189 -3.22 -16.82 14.23
N ARG B 190 -4.18 -17.59 13.72
CA ARG B 190 -5.09 -17.04 12.71
C ARG B 190 -5.88 -15.87 13.27
N LEU B 191 -6.39 -16.01 14.50
CA LEU B 191 -7.14 -14.91 15.10
C LEU B 191 -6.24 -13.71 15.35
N LEU B 192 -5.00 -13.94 15.80
CA LEU B 192 -4.09 -12.83 16.07
C LEU B 192 -3.75 -12.09 14.78
N GLU B 193 -3.52 -12.82 13.69
CA GLU B 193 -3.20 -12.16 12.42
C GLU B 193 -4.42 -11.43 11.87
N ILE B 194 -5.62 -12.01 12.03
CA ILE B 194 -6.83 -11.31 11.63
C ILE B 194 -6.97 -10.01 12.41
N THR B 195 -6.73 -10.07 13.73
CA THR B 195 -6.81 -8.87 14.56
C THR B 195 -5.78 -7.83 14.13
N ARG B 196 -4.56 -8.27 13.82
CA ARG B 196 -3.52 -7.34 13.39
C ARG B 196 -3.90 -6.66 12.08
N GLU B 197 -4.41 -7.43 11.12
CA GLU B 197 -4.82 -6.87 9.85
C GLU B 197 -5.97 -5.89 10.02
N PHE B 198 -6.96 -6.26 10.85
CA PHE B 198 -8.08 -5.36 11.09
C PHE B 198 -7.64 -4.08 11.77
N SER B 199 -6.74 -4.20 12.76
CA SER B 199 -6.27 -3.02 13.50
C SER B 199 -5.49 -2.07 12.59
N VAL B 200 -4.59 -2.62 11.76
CA VAL B 200 -3.83 -1.74 10.88
C VAL B 200 -4.71 -1.16 9.78
N ASN B 201 -5.74 -1.91 9.35
CA ASN B 201 -6.62 -1.46 8.27
C ASN B 201 -7.93 -0.90 8.79
N ALA B 202 -8.08 -0.75 10.11
CA ALA B 202 -9.27 -0.15 10.72
C ALA B 202 -10.54 -0.93 10.40
N GLY B 203 -10.43 -2.25 10.26
CA GLY B 203 -11.58 -3.13 10.15
C GLY B 203 -11.94 -3.56 8.74
N VAL B 204 -11.44 -2.88 7.71
CA VAL B 204 -11.72 -3.22 6.32
C VAL B 204 -10.40 -3.54 5.64
N THR B 205 -10.25 -4.79 5.20
CA THR B 205 -9.02 -5.27 4.58
C THR B 205 -9.30 -5.75 3.17
N THR B 206 -8.41 -5.38 2.24
CA THR B 206 -8.46 -5.85 0.87
C THR B 206 -7.07 -5.74 0.28
N PRO B 207 -6.59 -6.75 -0.47
CA PRO B 207 -7.24 -8.02 -0.82
C PRO B 207 -7.42 -8.94 0.38
N VAL B 208 -8.40 -9.84 0.33
CA VAL B 208 -8.62 -10.76 1.44
C VAL B 208 -7.42 -11.69 1.55
N SER B 209 -6.79 -11.68 2.71
CA SER B 209 -5.63 -12.53 2.94
C SER B 209 -6.04 -13.98 3.05
N THR B 210 -5.06 -14.85 3.23
CA THR B 210 -5.33 -16.27 3.46
C THR B 210 -5.67 -16.56 4.91
N TYR B 211 -5.66 -15.54 5.77
CA TYR B 211 -6.09 -15.69 7.15
C TYR B 211 -7.58 -15.42 7.31
N MET B 212 -8.11 -14.42 6.61
CA MET B 212 -9.55 -14.20 6.60
C MET B 212 -10.27 -15.38 5.96
N LEU B 213 -9.74 -15.91 4.86
CA LEU B 213 -10.40 -16.99 4.14
C LEU B 213 -9.34 -17.76 3.35
N THR B 214 -9.11 -19.01 3.72
CA THR B 214 -8.16 -19.84 2.99
C THR B 214 -8.69 -20.14 1.59
N ASN B 215 -7.76 -20.37 0.66
CA ASN B 215 -8.15 -20.63 -0.73
C ASN B 215 -9.01 -21.89 -0.84
N SER B 216 -8.73 -22.90 -0.03
CA SER B 216 -9.59 -24.08 -0.02
C SER B 216 -11.00 -23.73 0.47
N GLU B 217 -11.09 -22.95 1.54
CA GLU B 217 -12.39 -22.51 2.05
C GLU B 217 -13.11 -21.64 1.03
N LEU B 218 -12.38 -20.74 0.37
CA LEU B 218 -12.99 -19.91 -0.66
C LEU B 218 -13.50 -20.74 -1.82
N LEU B 219 -12.73 -21.74 -2.26
CA LEU B 219 -13.16 -22.60 -3.34
C LEU B 219 -14.40 -23.40 -2.95
N SER B 220 -14.44 -23.89 -1.71
CA SER B 220 -15.63 -24.59 -1.25
C SER B 220 -16.83 -23.66 -1.12
N LEU B 221 -16.57 -22.37 -0.86
CA LEU B 221 -17.66 -21.40 -0.74
C LEU B 221 -18.21 -21.02 -2.11
N ILE B 222 -17.38 -21.02 -3.16
CA ILE B 222 -17.87 -20.68 -4.48
C ILE B 222 -18.89 -21.71 -4.97
N ASN B 223 -18.68 -22.99 -4.62
CA ASN B 223 -19.60 -24.03 -5.07
C ASN B 223 -20.99 -23.88 -4.44
N ASP B 224 -21.07 -23.28 -3.26
CA ASP B 224 -22.35 -23.11 -2.56
C ASP B 224 -23.03 -21.79 -2.89
N MET B 225 -22.41 -20.94 -3.70
CA MET B 225 -23.06 -19.72 -4.13
C MET B 225 -24.23 -20.04 -5.06
N PRO B 226 -25.31 -19.26 -4.99
CA PRO B 226 -26.47 -19.51 -5.89
C PRO B 226 -26.30 -18.80 -7.24
N ILE B 227 -25.41 -19.34 -8.07
CA ILE B 227 -25.07 -18.77 -9.37
C ILE B 227 -25.06 -19.90 -10.39
N THR B 228 -24.77 -19.53 -11.65
CA THR B 228 -24.73 -20.49 -12.74
C THR B 228 -23.54 -21.43 -12.58
N ASN B 229 -23.44 -22.40 -13.49
CA ASN B 229 -22.26 -23.24 -13.56
C ASN B 229 -21.08 -22.50 -14.16
N ASP B 230 -21.34 -21.60 -15.12
CA ASP B 230 -20.27 -20.84 -15.73
C ASP B 230 -19.56 -19.95 -14.72
N GLN B 231 -20.32 -19.32 -13.83
CA GLN B 231 -19.70 -18.46 -12.82
C GLN B 231 -18.82 -19.25 -11.87
N LYS B 232 -19.30 -20.41 -11.42
CA LYS B 232 -18.48 -21.25 -10.56
C LYS B 232 -17.21 -21.70 -11.27
N LYS B 233 -17.33 -22.11 -12.53
CA LYS B 233 -16.16 -22.56 -13.28
C LYS B 233 -15.16 -21.43 -13.47
N LEU B 234 -15.64 -20.24 -13.84
CA LEU B 234 -14.75 -19.10 -14.04
C LEU B 234 -14.07 -18.71 -12.74
N MET B 235 -14.81 -18.72 -11.63
CA MET B 235 -14.21 -18.38 -10.34
C MET B 235 -13.16 -19.40 -9.94
N SER B 236 -13.44 -20.70 -10.15
CA SER B 236 -12.47 -21.72 -9.84
C SER B 236 -11.24 -21.66 -10.75
N ASN B 237 -11.39 -21.12 -11.95
CA ASN B 237 -10.24 -20.99 -12.84
C ASN B 237 -9.30 -19.89 -12.39
N ASN B 238 -9.84 -18.76 -11.95
CA ASN B 238 -9.04 -17.61 -11.51
C ASN B 238 -9.45 -17.24 -10.09
N VAL B 239 -8.82 -17.88 -9.11
CA VAL B 239 -9.12 -17.55 -7.71
C VAL B 239 -8.34 -16.34 -7.25
N GLN B 240 -7.16 -16.09 -7.84
CA GLN B 240 -6.35 -14.96 -7.40
C GLN B 240 -7.04 -13.63 -7.69
N ILE B 241 -7.67 -13.50 -8.85
CA ILE B 241 -8.41 -12.28 -9.16
C ILE B 241 -9.58 -12.11 -8.22
N VAL B 242 -10.18 -13.22 -7.78
CA VAL B 242 -11.26 -13.14 -6.80
C VAL B 242 -10.76 -12.51 -5.51
N ARG B 243 -9.58 -12.92 -5.04
CA ARG B 243 -8.99 -12.30 -3.86
C ARG B 243 -8.65 -10.83 -4.11
N GLN B 244 -8.12 -10.51 -5.28
CA GLN B 244 -7.78 -9.12 -5.57
C GLN B 244 -9.01 -8.23 -5.59
N GLN B 245 -10.16 -8.78 -5.95
CA GLN B 245 -11.40 -8.02 -6.02
C GLN B 245 -12.27 -8.16 -4.79
N SER B 246 -11.82 -8.88 -3.76
CA SER B 246 -12.66 -9.21 -2.62
C SER B 246 -12.57 -8.15 -1.53
N TYR B 247 -13.26 -8.41 -0.42
CA TYR B 247 -13.29 -7.51 0.74
C TYR B 247 -13.56 -8.34 1.98
N SER B 248 -13.21 -7.77 3.14
CA SER B 248 -13.44 -8.44 4.42
C SER B 248 -13.75 -7.36 5.45
N ILE B 249 -15.03 -7.13 5.68
CA ILE B 249 -15.49 -6.06 6.57
C ILE B 249 -15.80 -6.66 7.94
N MET B 250 -15.16 -6.12 8.96
CA MET B 250 -15.46 -6.51 10.33
C MET B 250 -16.86 -6.05 10.71
N CYS B 251 -17.66 -6.96 11.26
CA CYS B 251 -19.05 -6.64 11.59
C CYS B 251 -19.32 -6.62 13.09
N ILE B 252 -19.09 -7.71 13.80
CA ILE B 252 -19.54 -7.75 15.18
C ILE B 252 -18.81 -8.80 16.02
N ILE B 253 -18.33 -8.40 17.20
CA ILE B 253 -17.84 -9.32 18.21
C ILE B 253 -18.83 -9.26 19.36
N LYS B 254 -19.55 -10.36 19.59
CA LYS B 254 -20.63 -10.38 20.56
C LYS B 254 -21.11 -11.81 20.73
N GLU B 255 -21.54 -12.14 21.95
CA GLU B 255 -22.18 -13.42 22.26
C GLU B 255 -21.30 -14.59 21.84
N GLU B 256 -20.00 -14.48 22.12
CA GLU B 256 -19.02 -15.49 21.77
C GLU B 256 -19.04 -15.78 20.27
N VAL B 257 -19.15 -14.72 19.47
CA VAL B 257 -19.17 -14.83 18.02
C VAL B 257 -18.46 -13.63 17.44
N LEU B 258 -17.43 -13.88 16.62
CA LEU B 258 -16.76 -12.83 15.86
C LEU B 258 -17.16 -13.03 14.41
N ALA B 259 -17.99 -12.14 13.89
CA ALA B 259 -18.53 -12.26 12.54
C ALA B 259 -18.00 -11.11 11.69
N TYR B 260 -17.40 -11.44 10.56
CA TYR B 260 -16.99 -10.46 9.57
C TYR B 260 -17.55 -10.89 8.21
N VAL B 261 -17.95 -9.91 7.42
CA VAL B 261 -18.60 -10.16 6.14
C VAL B 261 -17.53 -10.16 5.05
N VAL B 262 -17.29 -11.34 4.47
CA VAL B 262 -16.44 -11.44 3.28
C VAL B 262 -17.35 -11.38 2.08
N GLN B 263 -17.30 -10.27 1.34
CA GLN B 263 -18.17 -10.07 0.20
C GLN B 263 -17.38 -10.31 -1.08
N LEU B 264 -17.54 -11.50 -1.64
CA LEU B 264 -16.89 -11.87 -2.87
C LEU B 264 -17.58 -11.22 -4.05
N PRO B 265 -16.87 -11.04 -5.17
CA PRO B 265 -17.52 -10.49 -6.37
C PRO B 265 -18.48 -11.50 -6.98
N LEU B 266 -19.18 -11.06 -8.02
CA LEU B 266 -20.07 -11.92 -8.78
C LEU B 266 -19.99 -11.51 -10.25
N TYR B 267 -19.67 -12.47 -11.11
CA TYR B 267 -19.46 -12.20 -12.53
C TYR B 267 -20.72 -12.57 -13.29
N GLY B 268 -21.56 -11.56 -13.55
CA GLY B 268 -22.77 -11.79 -14.33
C GLY B 268 -22.53 -11.99 -15.81
N VAL B 269 -21.37 -11.56 -16.30
CA VAL B 269 -21.00 -11.72 -17.71
C VAL B 269 -19.71 -12.50 -17.77
N ILE B 270 -19.64 -13.47 -18.68
CA ILE B 270 -18.49 -14.34 -18.83
C ILE B 270 -18.19 -14.53 -20.31
N ASP B 271 -16.90 -14.46 -20.66
CA ASP B 271 -16.42 -14.62 -22.04
C ASP B 271 -17.07 -13.61 -22.99
N THR B 272 -17.25 -12.39 -22.53
CA THR B 272 -17.71 -11.38 -23.47
C THR B 272 -16.54 -10.89 -24.31
N PRO B 273 -16.78 -10.45 -25.54
CA PRO B 273 -15.69 -9.90 -26.36
C PRO B 273 -15.17 -8.58 -25.83
N CYS B 274 -13.95 -8.60 -25.29
CA CYS B 274 -13.31 -7.42 -24.72
C CYS B 274 -12.06 -7.09 -25.53
N TRP B 275 -11.80 -5.79 -25.67
CA TRP B 275 -10.64 -5.31 -26.42
C TRP B 275 -10.05 -4.08 -25.73
N LYS B 276 -8.74 -3.96 -25.83
CA LYS B 276 -8.00 -2.84 -25.26
C LYS B 276 -7.62 -1.84 -26.34
N LEU B 277 -7.53 -0.56 -25.96
CA LEU B 277 -7.10 0.49 -26.86
C LEU B 277 -5.99 1.28 -26.18
N HIS B 278 -4.81 1.28 -26.79
CA HIS B 278 -3.68 2.10 -26.35
C HIS B 278 -3.46 3.21 -27.38
N THR B 279 -3.22 4.42 -26.87
CA THR B 279 -3.05 5.58 -27.72
C THR B 279 -1.71 6.26 -27.41
N SER B 280 -1.10 6.81 -28.44
CA SER B 280 0.18 7.49 -28.34
C SER B 280 0.08 8.86 -29.00
N PRO B 281 0.83 9.84 -28.51
CA PRO B 281 0.76 11.18 -29.10
C PRO B 281 1.17 11.17 -30.57
N LEU B 282 0.44 11.97 -31.36
CA LEU B 282 0.74 12.17 -32.77
C LEU B 282 0.95 13.66 -32.98
N CYS B 283 2.20 14.04 -33.28
CA CYS B 283 2.56 15.44 -33.45
C CYS B 283 3.14 15.66 -34.84
N THR B 284 3.23 16.94 -35.22
CA THR B 284 3.78 17.29 -36.52
C THR B 284 5.26 16.93 -36.59
N THR B 285 5.70 16.60 -37.80
CA THR B 285 7.08 16.18 -38.03
C THR B 285 8.04 17.35 -38.20
N ASN B 286 7.55 18.59 -38.14
CA ASN B 286 8.42 19.74 -38.31
C ASN B 286 9.48 19.79 -37.21
N THR B 287 10.73 20.03 -37.62
CA THR B 287 11.82 20.10 -36.67
C THR B 287 11.83 21.41 -35.88
N LYS B 288 11.30 22.47 -36.46
CA LYS B 288 11.28 23.77 -35.78
C LYS B 288 10.35 23.70 -34.57
N GLU B 289 10.83 24.25 -33.45
CA GLU B 289 10.06 24.24 -32.22
C GLU B 289 8.84 25.16 -32.32
N GLY B 290 7.77 24.75 -31.64
CA GLY B 290 6.56 25.54 -31.58
C GLY B 290 5.51 25.20 -32.62
N SER B 291 5.89 24.53 -33.70
CA SER B 291 4.96 24.17 -34.75
C SER B 291 4.40 22.76 -34.60
N ASN B 292 4.72 22.07 -33.50
CA ASN B 292 4.28 20.69 -33.29
C ASN B 292 2.95 20.71 -32.53
N ILE B 293 1.89 20.23 -33.19
CA ILE B 293 0.58 20.07 -32.57
C ILE B 293 0.39 18.58 -32.30
N CYS B 294 0.11 18.23 -31.05
CA CYS B 294 0.03 16.84 -30.63
C CYS B 294 -1.42 16.45 -30.37
N LEU B 295 -1.84 15.36 -30.97
CA LEU B 295 -3.17 14.79 -30.79
C LEU B 295 -3.04 13.41 -30.17
N THR B 296 -3.88 13.13 -29.18
CA THR B 296 -3.82 11.82 -28.52
C THR B 296 -5.23 11.42 -28.12
N ARG B 297 -5.73 10.32 -28.68
CA ARG B 297 -7.07 9.86 -28.34
C ARG B 297 -7.17 9.55 -26.85
N THR B 298 -8.18 10.13 -26.20
CA THR B 298 -8.33 10.01 -24.76
C THR B 298 -9.27 8.88 -24.35
N ASP B 299 -9.82 8.13 -25.30
CA ASP B 299 -10.65 6.98 -24.97
C ASP B 299 -9.83 5.72 -24.70
N ARG B 300 -8.56 5.88 -24.37
CA ARG B 300 -7.70 4.74 -24.12
C ARG B 300 -8.19 3.97 -22.90
N GLY B 301 -7.90 2.68 -22.87
CA GLY B 301 -8.35 1.82 -21.80
C GLY B 301 -9.07 0.61 -22.35
N TRP B 302 -9.92 0.03 -21.54
CA TRP B 302 -10.56 -1.23 -21.90
C TRP B 302 -12.00 -1.01 -22.37
N TYR B 303 -12.48 -1.93 -23.20
CA TYR B 303 -13.86 -1.95 -23.63
C TYR B 303 -14.35 -3.39 -23.59
N CYS B 304 -15.61 -3.57 -23.18
CA CYS B 304 -16.20 -4.91 -23.13
C CYS B 304 -17.64 -4.82 -23.63
N ASP B 305 -18.18 -5.98 -24.02
CA ASP B 305 -19.57 -6.08 -24.46
C ASP B 305 -20.41 -6.60 -23.30
N ASN B 306 -21.58 -5.99 -23.11
CA ASN B 306 -22.42 -6.33 -21.95
C ASN B 306 -23.83 -5.85 -22.25
N ALA B 307 -24.77 -6.78 -22.35
CA ALA B 307 -26.20 -6.48 -22.52
C ALA B 307 -26.43 -5.57 -23.72
N GLY B 308 -25.67 -5.79 -24.79
CA GLY B 308 -25.81 -5.01 -26.00
C GLY B 308 -25.18 -3.64 -25.97
N SER B 309 -24.50 -3.28 -24.88
CA SER B 309 -23.85 -1.99 -24.76
C SER B 309 -22.40 -2.20 -24.36
N VAL B 310 -21.56 -1.22 -24.66
CA VAL B 310 -20.13 -1.33 -24.40
C VAL B 310 -19.82 -0.73 -23.03
N SER B 311 -19.23 -1.54 -22.16
CA SER B 311 -18.72 -1.06 -20.89
C SER B 311 -17.30 -0.56 -21.09
N PHE B 312 -17.09 0.73 -20.84
CA PHE B 312 -15.81 1.38 -21.04
C PHE B 312 -15.11 1.58 -19.71
N PHE B 313 -13.82 1.26 -19.67
CA PHE B 313 -13.00 1.39 -18.46
C PHE B 313 -11.85 2.32 -18.78
N PRO B 314 -11.87 3.55 -18.25
CA PRO B 314 -10.86 4.53 -18.67
C PRO B 314 -9.47 4.26 -18.13
N GLN B 315 -9.36 3.85 -16.86
CA GLN B 315 -8.07 3.53 -16.27
C GLN B 315 -7.89 2.02 -16.21
N ALA B 316 -6.63 1.59 -16.34
CA ALA B 316 -6.29 0.19 -16.49
C ALA B 316 -6.11 -0.53 -15.17
N GLU B 317 -6.27 0.16 -14.04
CA GLU B 317 -6.11 -0.50 -12.75
C GLU B 317 -7.28 -1.43 -12.45
N THR B 318 -8.48 -1.11 -12.95
CA THR B 318 -9.65 -1.91 -12.62
C THR B 318 -9.64 -3.25 -13.33
N CYS B 319 -9.14 -3.31 -14.56
CA CYS B 319 -9.24 -4.49 -15.41
C CYS B 319 -7.92 -5.25 -15.36
N LYS B 320 -7.87 -6.29 -14.53
CA LYS B 320 -6.73 -7.19 -14.53
C LYS B 320 -6.76 -8.07 -15.78
N VAL B 321 -5.61 -8.62 -16.14
CA VAL B 321 -5.46 -9.45 -17.33
C VAL B 321 -4.74 -10.73 -16.93
N GLN B 322 -5.25 -11.87 -17.41
CA GLN B 322 -4.62 -13.16 -17.17
C GLN B 322 -4.92 -14.06 -18.36
N SER B 323 -3.89 -14.34 -19.15
CA SER B 323 -3.95 -15.31 -20.25
C SER B 323 -5.16 -15.05 -21.17
N ASN B 324 -5.16 -13.85 -21.76
CA ASN B 324 -6.14 -13.45 -22.76
C ASN B 324 -7.51 -13.21 -22.13
N ARG B 325 -7.65 -13.51 -20.84
CA ARG B 325 -8.90 -13.33 -20.12
C ARG B 325 -8.79 -12.09 -19.25
N VAL B 326 -9.59 -11.08 -19.54
CA VAL B 326 -9.58 -9.84 -18.76
C VAL B 326 -10.72 -9.89 -17.74
N PHE B 327 -10.44 -9.38 -16.55
CA PHE B 327 -11.42 -9.33 -15.47
C PHE B 327 -11.61 -7.87 -15.09
N CYS B 328 -12.86 -7.42 -15.02
CA CYS B 328 -13.15 -6.01 -14.93
C CYS B 328 -14.21 -5.74 -13.87
N ASP B 329 -14.14 -4.53 -13.31
CA ASP B 329 -15.02 -4.09 -12.22
C ASP B 329 -15.88 -2.93 -12.73
N THR B 330 -17.19 -3.07 -12.58
CA THR B 330 -18.15 -2.16 -13.20
C THR B 330 -18.44 -0.91 -12.38
N MET B 331 -17.86 -0.77 -11.18
CA MET B 331 -18.12 0.42 -10.38
C MET B 331 -17.63 1.68 -11.07
N ASN B 332 -16.44 1.62 -11.67
CA ASN B 332 -15.91 2.74 -12.42
C ASN B 332 -16.26 2.71 -13.90
N SER B 333 -16.90 1.65 -14.36
CA SER B 333 -17.20 1.51 -15.78
C SER B 333 -18.27 2.53 -16.21
N ARG B 334 -18.23 2.88 -17.50
CA ARG B 334 -19.22 3.76 -18.10
C ARG B 334 -19.93 3.02 -19.22
N THR B 335 -21.27 3.04 -19.20
CA THR B 335 -22.01 2.44 -20.29
C THR B 335 -21.94 3.32 -21.52
N LEU B 336 -21.91 2.69 -22.70
CA LEU B 336 -21.81 3.40 -23.96
C LEU B 336 -22.60 2.64 -25.02
N PRO B 337 -23.12 3.33 -26.03
CA PRO B 337 -23.76 2.64 -27.15
C PRO B 337 -22.76 1.80 -27.92
N SER B 338 -23.29 0.75 -28.57
CA SER B 338 -22.43 -0.18 -29.30
C SER B 338 -21.69 0.52 -30.44
N GLU B 339 -22.21 1.63 -30.94
CA GLU B 339 -21.61 2.30 -32.09
C GLU B 339 -20.19 2.75 -31.82
N VAL B 340 -19.80 2.87 -30.55
CA VAL B 340 -18.45 3.27 -30.17
C VAL B 340 -17.44 2.30 -30.78
N ASN B 341 -17.90 1.08 -31.07
CA ASN B 341 -17.01 0.10 -31.70
C ASN B 341 -16.52 0.60 -33.05
N LEU B 342 -17.42 1.13 -33.88
CA LEU B 342 -16.97 1.69 -35.15
C LEU B 342 -16.15 2.95 -34.97
N CYS B 343 -16.10 3.51 -33.76
CA CYS B 343 -15.14 4.57 -33.48
C CYS B 343 -13.71 4.07 -33.63
N ASN B 344 -13.46 2.81 -33.22
CA ASN B 344 -12.10 2.29 -33.28
C ASN B 344 -11.61 2.15 -34.72
N VAL B 345 -12.47 1.66 -35.62
CA VAL B 345 -12.07 1.48 -37.01
C VAL B 345 -12.36 2.70 -37.87
N ASP B 346 -13.11 3.67 -37.37
CA ASP B 346 -13.43 4.87 -38.15
C ASP B 346 -13.62 6.01 -37.15
N ILE B 347 -12.64 6.91 -37.07
CA ILE B 347 -12.73 8.01 -36.12
C ILE B 347 -13.68 9.09 -36.63
N PHE B 348 -13.91 9.14 -37.94
CA PHE B 348 -14.78 10.14 -38.54
C PHE B 348 -16.18 9.60 -38.79
N ASN B 349 -16.49 8.41 -38.30
CA ASN B 349 -17.83 7.85 -38.47
C ASN B 349 -18.84 8.73 -37.72
N PRO B 350 -20.02 8.99 -38.33
CA PRO B 350 -21.01 9.83 -37.66
C PRO B 350 -21.77 9.13 -36.54
N LYS B 351 -21.59 7.83 -36.37
CA LYS B 351 -22.33 7.11 -35.34
C LYS B 351 -21.85 7.49 -33.94
N TYR B 352 -20.54 7.54 -33.74
CA TYR B 352 -19.97 7.88 -32.45
C TYR B 352 -18.96 9.01 -32.59
N ASP B 353 -18.80 9.76 -31.50
CA ASP B 353 -17.85 10.87 -31.42
C ASP B 353 -16.77 10.49 -30.42
N CYS B 354 -15.60 10.12 -30.92
CA CYS B 354 -14.52 9.64 -30.05
C CYS B 354 -13.90 10.81 -29.29
N LYS B 355 -13.13 10.46 -28.26
CA LYS B 355 -12.51 11.44 -27.37
C LYS B 355 -11.02 11.58 -27.67
N ILE B 356 -10.57 12.82 -27.82
CA ILE B 356 -9.17 13.14 -28.07
C ILE B 356 -8.74 14.28 -27.14
N MET B 357 -7.42 14.43 -27.01
CA MET B 357 -6.82 15.59 -26.36
C MET B 357 -5.84 16.24 -27.33
N THR B 358 -5.72 17.56 -27.21
CA THR B 358 -4.82 18.35 -28.02
C THR B 358 -3.83 19.06 -27.10
N SER B 359 -2.55 18.79 -27.29
CA SER B 359 -1.49 19.37 -26.47
C SER B 359 -0.38 19.90 -27.37
N LYS B 360 0.56 20.60 -26.75
CA LYS B 360 1.69 21.19 -27.48
C LYS B 360 3.00 20.48 -27.23
N THR B 361 3.15 19.81 -26.08
CA THR B 361 4.41 19.13 -25.76
C THR B 361 4.60 17.93 -26.68
N ASP B 362 5.71 17.89 -27.39
CA ASP B 362 6.03 16.84 -28.35
C ASP B 362 7.17 15.96 -27.85
N VAL B 363 7.17 15.65 -26.55
CA VAL B 363 8.22 14.82 -25.97
C VAL B 363 8.11 13.40 -26.53
N SER B 364 9.24 12.87 -27.00
CA SER B 364 9.27 11.51 -27.51
C SER B 364 8.90 10.52 -26.41
N SER B 365 8.05 9.56 -26.74
CA SER B 365 7.54 8.65 -25.71
C SER B 365 7.19 7.31 -26.34
N SER B 366 7.22 6.27 -25.50
CA SER B 366 6.91 4.92 -25.93
C SER B 366 5.82 4.32 -25.07
N VAL B 367 4.89 3.62 -25.69
CA VAL B 367 3.83 2.89 -25.01
C VAL B 367 3.90 1.44 -25.44
N ILE B 368 3.93 0.53 -24.47
CA ILE B 368 4.13 -0.89 -24.74
C ILE B 368 2.76 -1.55 -24.85
N THR B 369 2.41 -1.94 -26.06
CA THR B 369 1.15 -2.61 -26.33
C THR B 369 1.27 -4.10 -26.02
N SER B 370 0.27 -4.88 -26.41
CA SER B 370 0.28 -6.32 -26.10
C SER B 370 1.13 -7.11 -27.09
N LEU B 371 1.20 -6.68 -28.35
CA LEU B 371 1.93 -7.40 -29.39
C LEU B 371 2.85 -6.44 -30.14
N GLY B 372 3.59 -5.62 -29.40
CA GLY B 372 4.51 -4.68 -30.00
C GLY B 372 4.67 -3.46 -29.10
N ALA B 373 4.94 -2.33 -29.74
CA ALA B 373 5.11 -1.08 -29.02
C ALA B 373 4.98 0.08 -30.00
N ILE B 374 4.38 1.18 -29.53
CA ILE B 374 4.28 2.42 -30.30
C ILE B 374 5.31 3.39 -29.76
N VAL B 375 6.04 4.05 -30.65
CA VAL B 375 7.08 4.98 -30.27
C VAL B 375 6.89 6.26 -31.09
N SER B 376 6.85 7.40 -30.40
CA SER B 376 6.68 8.70 -31.04
C SER B 376 7.94 9.51 -30.80
N CYS B 377 8.61 9.89 -31.90
CA CYS B 377 9.84 10.66 -31.87
C CYS B 377 9.63 12.00 -32.55
N TYR B 378 10.07 13.07 -31.89
CA TYR B 378 10.02 14.41 -32.45
C TYR B 378 11.24 15.19 -31.99
N GLY B 379 11.59 16.21 -32.76
CA GLY B 379 12.75 17.03 -32.41
C GLY B 379 14.04 16.29 -32.63
N LYS B 380 15.00 16.53 -31.74
CA LYS B 380 16.34 15.97 -31.84
C LYS B 380 16.49 14.65 -31.09
N THR B 381 15.44 14.16 -30.45
CA THR B 381 15.53 12.91 -29.71
C THR B 381 15.72 11.73 -30.65
N LYS B 382 16.56 10.78 -30.23
CA LYS B 382 16.82 9.58 -31.01
C LYS B 382 16.08 8.39 -30.41
N CYS B 383 15.62 7.50 -31.27
CA CYS B 383 14.91 6.31 -30.85
C CYS B 383 15.45 5.11 -31.63
N THR B 384 15.76 4.03 -30.90
CA THR B 384 16.31 2.82 -31.49
C THR B 384 15.53 1.60 -31.00
N ALA B 385 15.50 0.57 -31.85
CA ALA B 385 14.93 -0.72 -31.51
C ALA B 385 15.99 -1.77 -31.73
N SER B 386 16.18 -2.64 -30.74
CA SER B 386 17.28 -3.58 -30.74
C SER B 386 16.82 -4.97 -30.33
N ASN B 387 17.47 -5.97 -30.90
CA ASN B 387 17.38 -7.36 -30.47
C ASN B 387 18.59 -7.71 -29.62
N LYS B 388 18.41 -8.63 -28.68
CA LYS B 388 19.46 -8.90 -27.70
C LYS B 388 20.69 -9.52 -28.34
N ASN B 389 20.54 -10.19 -29.48
CA ASN B 389 21.67 -10.82 -30.15
C ASN B 389 22.21 -10.00 -31.32
N ARG B 390 21.33 -9.29 -32.04
CA ARG B 390 21.72 -8.51 -33.21
C ARG B 390 22.06 -7.07 -32.87
N GLY B 391 21.94 -6.66 -31.61
CA GLY B 391 22.20 -5.28 -31.27
C GLY B 391 21.13 -4.35 -31.83
N ILE B 392 21.53 -3.09 -32.05
CA ILE B 392 20.60 -2.12 -32.62
C ILE B 392 20.25 -2.55 -34.03
N ILE B 393 18.95 -2.61 -34.33
CA ILE B 393 18.49 -3.05 -35.64
C ILE B 393 17.60 -2.03 -36.35
N LYS B 394 16.92 -1.13 -35.64
CA LYS B 394 16.02 -0.19 -36.27
C LYS B 394 16.21 1.20 -35.67
N THR B 395 16.12 2.22 -36.51
CA THR B 395 16.13 3.61 -36.09
C THR B 395 14.80 4.24 -36.48
N PHE B 396 14.17 4.92 -35.53
CA PHE B 396 12.84 5.47 -35.74
C PHE B 396 12.91 6.89 -36.31
N SER B 397 12.00 7.17 -37.24
CA SER B 397 11.88 8.49 -37.84
C SER B 397 10.93 9.36 -37.01
N ASN B 398 10.68 10.57 -37.49
CA ASN B 398 9.75 11.46 -36.83
C ASN B 398 8.32 10.95 -36.96
N GLY B 399 7.52 11.16 -35.93
CA GLY B 399 6.16 10.68 -35.88
C GLY B 399 6.01 9.51 -34.93
N CYS B 400 4.84 8.88 -35.00
CA CYS B 400 4.52 7.71 -34.20
C CYS B 400 4.52 6.48 -35.09
N ASP B 401 5.34 5.50 -34.73
CA ASP B 401 5.46 4.25 -35.48
C ASP B 401 5.42 3.06 -34.54
N TYR B 402 4.94 1.93 -35.06
CA TYR B 402 4.69 0.75 -34.26
C TYR B 402 5.59 -0.39 -34.71
N VAL B 403 6.07 -1.16 -33.74
CA VAL B 403 6.97 -2.27 -34.02
C VAL B 403 6.39 -3.53 -33.38
N SER B 404 6.55 -4.67 -34.06
CA SER B 404 6.03 -5.91 -33.52
C SER B 404 6.90 -6.38 -32.36
N ASN B 405 6.53 -7.55 -31.80
CA ASN B 405 7.18 -8.11 -30.63
C ASN B 405 8.08 -9.31 -30.95
N LYS B 406 8.24 -9.69 -32.22
CA LYS B 406 9.09 -10.82 -32.59
C LYS B 406 10.19 -10.32 -33.52
N GLY B 407 11.44 -10.60 -33.16
CA GLY B 407 12.59 -10.06 -33.85
C GLY B 407 13.07 -8.74 -33.30
N VAL B 408 12.25 -8.06 -32.50
CA VAL B 408 12.63 -6.83 -31.82
C VAL B 408 12.29 -7.06 -30.35
N ASP B 409 13.24 -6.80 -29.46
CA ASP B 409 13.07 -7.14 -28.06
C ASP B 409 13.19 -5.96 -27.11
N THR B 410 13.75 -4.83 -27.54
CA THR B 410 13.90 -3.68 -26.65
C THR B 410 13.84 -2.40 -27.48
N VAL B 411 13.34 -1.34 -26.88
CA VAL B 411 13.27 -0.03 -27.54
C VAL B 411 13.83 1.01 -26.60
N SER B 412 14.86 1.73 -27.03
CA SER B 412 15.47 2.78 -26.22
C SER B 412 15.19 4.13 -26.87
N VAL B 413 14.57 5.03 -26.12
CA VAL B 413 14.26 6.39 -26.59
C VAL B 413 15.04 7.36 -25.72
N GLY B 414 15.86 8.20 -26.36
CA GLY B 414 16.71 9.09 -25.61
C GLY B 414 17.64 8.34 -24.69
N ASN B 415 17.37 8.40 -23.38
CA ASN B 415 18.12 7.64 -22.39
C ASN B 415 17.29 6.59 -21.68
N THR B 416 15.98 6.54 -21.90
CA THR B 416 15.11 5.60 -21.22
C THR B 416 14.87 4.36 -22.08
N LEU B 417 14.55 3.25 -21.42
CA LEU B 417 14.50 1.94 -22.04
C LEU B 417 13.15 1.29 -21.75
N TYR B 418 12.51 0.75 -22.78
CA TYR B 418 11.26 0.03 -22.66
C TYR B 418 11.37 -1.33 -23.35
N CYS B 419 10.43 -2.20 -23.02
CA CYS B 419 10.42 -3.56 -23.54
C CYS B 419 9.49 -3.68 -24.75
N VAL B 420 9.34 -4.90 -25.24
CA VAL B 420 8.17 -5.34 -25.96
C VAL B 420 7.80 -6.71 -25.40
N ASN B 421 6.56 -6.85 -24.96
CA ASN B 421 6.13 -8.08 -24.30
C ASN B 421 6.17 -9.25 -25.26
N LYS B 422 6.52 -10.43 -24.74
CA LYS B 422 6.72 -11.62 -25.54
C LYS B 422 5.42 -12.35 -25.84
N GLN B 423 4.28 -11.67 -25.76
CA GLN B 423 3.00 -12.30 -26.10
C GLN B 423 2.99 -12.71 -27.57
N GLU B 424 2.41 -13.87 -27.83
CA GLU B 424 2.38 -14.45 -29.18
C GLU B 424 1.00 -14.26 -29.78
N GLY B 425 0.96 -13.81 -31.03
CA GLY B 425 -0.29 -13.58 -31.72
C GLY B 425 -0.08 -12.72 -32.94
N GLN B 426 -1.05 -12.81 -33.86
CA GLN B 426 -0.97 -12.05 -35.10
C GLN B 426 -1.06 -10.56 -34.80
N SER B 427 -0.16 -9.79 -35.42
CA SER B 427 -0.16 -8.33 -35.31
C SER B 427 -0.20 -7.74 -36.71
N LEU B 428 -1.10 -6.78 -36.92
CA LEU B 428 -1.32 -6.18 -38.22
C LEU B 428 -0.93 -4.72 -38.19
N TYR B 429 -0.14 -4.29 -39.17
CA TYR B 429 0.19 -2.88 -39.36
C TYR B 429 -0.66 -2.35 -40.48
N VAL B 430 -1.41 -1.28 -40.22
CA VAL B 430 -2.33 -0.69 -41.18
C VAL B 430 -1.76 0.66 -41.58
N LYS B 431 -1.57 0.86 -42.89
CA LYS B 431 -1.07 2.13 -43.38
C LYS B 431 -2.15 3.20 -43.30
N GLY B 432 -1.90 4.22 -42.49
CA GLY B 432 -2.88 5.28 -42.32
C GLY B 432 -2.24 6.66 -42.28
N GLU B 433 -2.77 7.59 -43.06
CA GLU B 433 -2.26 8.94 -43.07
C GLU B 433 -2.52 9.60 -41.71
N PRO B 434 -1.56 10.37 -41.18
CA PRO B 434 -1.76 10.98 -39.86
C PRO B 434 -2.90 11.99 -39.89
N ILE B 435 -3.81 11.87 -38.94
CA ILE B 435 -4.95 12.77 -38.89
C ILE B 435 -4.53 14.19 -38.54
N ILE B 436 -3.36 14.35 -37.91
CA ILE B 436 -2.87 15.67 -37.56
C ILE B 436 -2.56 16.50 -38.79
N ASN B 437 -2.38 15.86 -39.94
CA ASN B 437 -2.08 16.58 -41.17
C ASN B 437 -3.25 17.47 -41.60
N PHE B 438 -4.47 16.96 -41.50
CA PHE B 438 -5.64 17.75 -41.90
C PHE B 438 -5.99 18.84 -40.89
N TYR B 439 -5.32 18.87 -39.73
CA TYR B 439 -5.58 19.89 -38.71
C TYR B 439 -4.50 20.96 -38.82
N ASP B 440 -4.91 22.16 -39.20
CA ASP B 440 -3.95 23.25 -39.37
C ASP B 440 -3.43 23.71 -38.01
N PRO B 441 -2.10 23.86 -37.86
CA PRO B 441 -1.56 24.24 -36.55
C PRO B 441 -2.04 25.59 -36.04
N LEU B 442 -2.28 26.56 -36.92
CA LEU B 442 -2.69 27.88 -36.47
C LEU B 442 -4.04 27.83 -35.75
N VAL B 443 -4.98 27.05 -36.29
CA VAL B 443 -6.32 26.95 -35.71
C VAL B 443 -6.47 25.75 -34.77
N PHE B 444 -5.45 24.92 -34.66
CA PHE B 444 -5.53 23.76 -33.78
C PHE B 444 -5.57 24.20 -32.32
N PRO B 445 -6.48 23.66 -31.51
CA PRO B 445 -6.53 24.06 -30.10
C PRO B 445 -5.36 23.46 -29.31
N SER B 446 -5.13 24.05 -28.14
CA SER B 446 -4.06 23.64 -27.25
C SER B 446 -4.64 23.13 -25.93
N ASP B 447 -3.79 22.47 -25.15
CA ASP B 447 -3.99 22.01 -23.78
C ASP B 447 -5.41 21.56 -23.48
N GLU B 448 -6.01 20.81 -24.42
CA GLU B 448 -7.34 20.26 -24.22
C GLU B 448 -7.23 18.88 -23.60
N PHE B 449 -8.28 18.48 -22.87
CA PHE B 449 -8.26 17.23 -22.12
C PHE B 449 -9.19 16.17 -22.67
N ASP B 450 -10.48 16.47 -22.84
CA ASP B 450 -11.48 15.47 -23.19
C ASP B 450 -12.37 15.98 -24.34
N ALA B 451 -11.74 16.47 -25.40
CA ALA B 451 -12.48 16.98 -26.55
C ALA B 451 -12.98 15.82 -27.40
N SER B 452 -13.51 16.13 -28.57
CA SER B 452 -14.06 15.12 -29.46
C SER B 452 -14.02 15.65 -30.90
N ILE B 453 -14.12 14.72 -31.86
CA ILE B 453 -14.01 15.09 -33.26
C ILE B 453 -15.15 16.04 -33.65
N SER B 454 -16.37 15.75 -33.20
CA SER B 454 -17.45 16.70 -33.43
C SER B 454 -17.33 17.91 -32.50
N GLN B 455 -16.72 17.72 -31.32
CA GLN B 455 -16.39 18.87 -30.48
C GLN B 455 -15.31 19.72 -31.13
N VAL B 456 -14.25 19.08 -31.63
CA VAL B 456 -13.28 19.81 -32.42
C VAL B 456 -13.66 19.69 -33.90
N ASN B 457 -14.73 20.38 -34.30
CA ASN B 457 -14.95 20.75 -35.70
C ASN B 457 -15.53 22.14 -35.89
N GLU B 458 -16.20 22.72 -34.89
CA GLU B 458 -16.82 24.02 -35.03
C GLU B 458 -16.05 25.14 -34.36
N LYS B 459 -15.33 24.83 -33.26
CA LYS B 459 -14.47 25.84 -32.65
C LYS B 459 -13.34 26.23 -33.61
N ILE B 460 -12.94 25.31 -34.49
CA ILE B 460 -12.11 25.69 -35.63
C ILE B 460 -12.93 26.50 -36.63
N ASN B 461 -14.15 26.04 -36.93
CA ASN B 461 -15.03 26.79 -37.82
C ASN B 461 -15.30 28.17 -37.26
N GLN B 462 -15.68 28.25 -35.99
CA GLN B 462 -15.77 29.53 -35.31
C GLN B 462 -14.47 30.30 -35.47
N SER B 463 -13.34 29.61 -35.34
CA SER B 463 -12.04 30.23 -35.59
C SER B 463 -11.99 30.84 -36.98
N LEU B 464 -12.37 30.03 -37.99
CA LEU B 464 -12.44 30.53 -39.40
C LEU B 464 -13.55 31.58 -39.44
N ALA B 465 -14.63 31.40 -38.67
CA ALA B 465 -15.64 32.44 -38.50
C ALA B 465 -15.01 33.66 -37.84
N PHE B 466 -14.22 33.44 -36.78
CA PHE B 466 -13.37 34.50 -36.26
C PHE B 466 -12.51 35.09 -37.37
N ILE B 467 -11.96 34.24 -38.22
CA ILE B 467 -11.28 34.74 -39.41
C ILE B 467 -12.26 35.46 -40.32
N ARG B 468 -13.42 34.84 -40.57
CA ARG B 468 -14.37 35.38 -41.54
C ARG B 468 -14.83 36.77 -41.14
N LYS B 469 -15.24 36.95 -39.89
CA LYS B 469 -15.61 38.28 -39.43
C LYS B 469 -14.39 39.21 -39.44
N SER B 470 -13.22 38.68 -39.08
CA SER B 470 -12.00 39.47 -39.25
C SER B 470 -11.70 39.66 -40.74
N ASP B 471 -12.08 38.68 -41.58
CA ASP B 471 -12.05 38.89 -43.01
C ASP B 471 -12.97 40.03 -43.42
N GLU B 472 -14.05 40.24 -42.68
CA GLU B 472 -14.86 41.44 -42.89
C GLU B 472 -14.11 42.69 -42.47
N LEU B 473 -13.32 42.60 -41.39
CA LEU B 473 -12.72 43.79 -40.80
C LEU B 473 -11.77 44.47 -41.77
N LEU B 474 -10.84 43.73 -42.37
CA LEU B 474 -9.99 44.36 -43.38
C LEU B 474 -10.80 44.67 -44.63
N SER B 475 -11.87 43.91 -44.88
CA SER B 475 -12.84 44.34 -45.88
C SER B 475 -13.47 45.66 -45.48
N ALA B 476 -13.76 45.83 -44.19
CA ALA B 476 -14.14 47.14 -43.67
C ALA B 476 -12.99 48.13 -43.84
N ILE B 477 -11.75 47.67 -43.81
CA ILE B 477 -10.63 48.52 -44.17
C ILE B 477 -10.68 48.83 -45.67
N GLY B 478 -11.09 47.86 -46.48
CA GLY B 478 -11.14 48.05 -47.91
C GLY B 478 -12.44 48.67 -48.41
N GLY B 479 -13.57 48.04 -48.10
CA GLY B 479 -14.85 48.48 -48.60
C GLY B 479 -15.54 49.52 -47.73
N TYR B 480 -15.11 49.63 -46.48
CA TYR B 480 -15.69 50.57 -45.52
C TYR B 480 -17.20 50.39 -45.39
N GLN C 26 -25.53 15.82 17.15
CA GLN C 26 -25.77 14.40 16.92
C GLN C 26 -26.63 14.19 15.67
N ASN C 27 -27.70 14.98 15.56
CA ASN C 27 -28.62 14.85 14.44
C ASN C 27 -27.96 15.37 13.16
N ILE C 28 -27.65 14.46 12.24
CA ILE C 28 -27.04 14.83 10.97
C ILE C 28 -28.14 15.31 10.04
N THR C 29 -28.18 16.62 9.80
CA THR C 29 -29.22 17.22 8.95
C THR C 29 -28.61 17.47 7.57
N GLU C 30 -28.64 16.44 6.73
CA GLU C 30 -28.13 16.55 5.37
C GLU C 30 -29.11 17.35 4.53
N GLU C 31 -28.69 18.52 4.08
CA GLU C 31 -29.53 19.41 3.29
C GLU C 31 -29.03 19.43 1.86
N PHE C 32 -29.92 19.14 0.92
CA PHE C 32 -29.61 19.17 -0.51
C PHE C 32 -30.21 20.41 -1.14
N TYR C 33 -29.40 21.14 -1.89
CA TYR C 33 -29.83 22.35 -2.58
C TYR C 33 -29.88 22.04 -4.07
N GLN C 34 -31.08 22.09 -4.64
CA GLN C 34 -31.27 21.86 -6.07
C GLN C 34 -30.81 23.04 -6.91
N SER C 35 -30.51 24.18 -6.30
CA SER C 35 -29.97 25.32 -7.05
C SER C 35 -28.67 24.95 -7.73
N THR C 36 -27.67 24.54 -6.94
CA THR C 36 -26.45 23.95 -7.46
C THR C 36 -26.40 22.45 -7.29
N CYS C 37 -27.51 21.84 -6.86
CA CYS C 37 -27.61 20.42 -6.52
C CYS C 37 -26.37 19.95 -5.76
N SER C 38 -26.17 20.55 -4.59
CA SER C 38 -25.08 20.22 -3.69
C SER C 38 -25.64 19.77 -2.35
N ALA C 39 -25.03 18.73 -1.77
CA ALA C 39 -25.51 18.15 -0.52
C ALA C 39 -24.52 18.51 0.59
N VAL C 40 -24.98 19.28 1.56
CA VAL C 40 -24.16 19.68 2.70
C VAL C 40 -24.69 18.97 3.94
N SER C 41 -23.84 18.17 4.57
CA SER C 41 -24.19 17.57 5.85
C SER C 41 -23.96 18.57 6.98
N LYS C 42 -24.54 18.29 8.14
CA LYS C 42 -24.38 19.14 9.31
C LYS C 42 -24.25 18.26 10.55
N GLY C 43 -24.18 18.90 11.71
CA GLY C 43 -24.15 18.19 12.98
C GLY C 43 -22.96 17.27 13.19
N TYR C 44 -21.86 17.48 12.47
CA TYR C 44 -20.69 16.63 12.59
C TYR C 44 -19.72 17.25 13.60
N LEU C 45 -19.44 16.53 14.68
CA LEU C 45 -18.39 16.94 15.59
C LEU C 45 -17.03 16.73 14.94
N GLY C 46 -16.05 17.51 15.36
CA GLY C 46 -14.74 17.47 14.74
C GLY C 46 -13.63 17.43 15.78
N ALA C 47 -12.56 16.71 15.43
CA ALA C 47 -11.35 16.63 16.24
C ALA C 47 -10.16 16.87 15.31
N LEU C 48 -9.80 18.14 15.14
CA LEU C 48 -8.69 18.48 14.27
C LEU C 48 -7.36 18.08 14.89
N ARG C 49 -6.42 17.68 14.04
CA ARG C 49 -5.06 17.36 14.47
C ARG C 49 -4.17 18.56 14.18
N THR C 50 -3.57 19.13 15.23
CA THR C 50 -2.74 20.31 15.09
C THR C 50 -1.34 20.16 15.66
N GLY C 51 -1.02 19.06 16.33
CA GLY C 51 0.30 18.88 16.90
C GLY C 51 0.77 17.44 16.80
N TRP C 52 2.03 17.25 17.21
CA TRP C 52 2.62 15.93 17.35
C TRP C 52 3.24 15.81 18.72
N TYR C 53 3.30 14.58 19.24
CA TYR C 53 4.00 14.30 20.49
C TYR C 53 4.88 13.08 20.25
N THR C 54 6.20 13.28 20.31
CA THR C 54 7.17 12.25 19.99
C THR C 54 7.62 11.56 21.27
N SER C 55 7.38 10.26 21.36
CA SER C 55 7.84 9.44 22.47
C SER C 55 8.96 8.54 21.98
N VAL C 56 10.07 8.51 22.72
CA VAL C 56 11.21 7.70 22.36
C VAL C 56 11.00 6.28 22.86
N ILE C 57 10.43 5.42 22.02
CA ILE C 57 10.20 4.03 22.40
C ILE C 57 11.52 3.28 22.25
N THR C 58 12.00 2.69 23.34
CA THR C 58 13.32 2.06 23.37
C THR C 58 13.20 0.58 23.72
N ILE C 59 14.07 -0.20 23.10
CA ILE C 59 14.21 -1.63 23.35
C ILE C 59 15.65 -1.87 23.80
N GLU C 60 15.81 -2.62 24.89
CA GLU C 60 17.14 -2.86 25.45
C GLU C 60 17.74 -4.10 24.80
N LEU C 61 18.65 -3.88 23.86
CA LEU C 61 19.35 -4.97 23.18
C LEU C 61 20.55 -5.42 24.00
N SER C 62 21.08 -6.59 23.64
CA SER C 62 22.28 -7.14 24.25
C SER C 62 23.36 -7.27 23.19
N ASN C 63 24.56 -6.77 23.50
CA ASN C 63 25.67 -6.79 22.55
C ASN C 63 26.42 -8.11 22.70
N ILE C 64 25.85 -9.16 22.09
CA ILE C 64 26.44 -10.48 22.06
C ILE C 64 26.88 -10.77 20.63
N LYS C 65 28.15 -11.16 20.47
CA LYS C 65 28.70 -11.44 19.16
C LYS C 65 29.43 -12.78 19.04
N LYS C 66 29.86 -13.37 20.14
CA LYS C 66 30.63 -14.61 20.12
C LYS C 66 29.82 -15.73 20.77
N ASN C 67 29.75 -16.88 20.10
CA ASN C 67 29.10 -18.07 20.61
C ASN C 67 30.16 -19.06 21.07
N LYS C 68 30.09 -19.46 22.33
CA LYS C 68 31.04 -20.39 22.92
C LYS C 68 30.49 -21.81 23.01
N CYS C 69 29.29 -22.06 22.51
CA CYS C 69 28.68 -23.38 22.62
C CYS C 69 29.36 -24.37 21.68
N ASN C 70 29.47 -25.62 22.14
CA ASN C 70 30.02 -26.70 21.34
C ASN C 70 29.06 -27.89 21.24
N GLY C 71 27.78 -27.67 21.53
CA GLY C 71 26.80 -28.73 21.48
C GLY C 71 26.13 -28.86 20.13
N THR C 72 25.84 -30.11 19.75
CA THR C 72 25.19 -30.41 18.48
C THR C 72 23.73 -30.82 18.64
N ASP C 73 23.15 -30.61 19.82
CA ASP C 73 21.77 -30.98 20.06
C ASP C 73 20.83 -30.13 19.21
N ALA C 74 19.68 -30.71 18.86
CA ALA C 74 18.70 -29.99 18.05
C ALA C 74 18.21 -28.73 18.75
N LYS C 75 18.01 -28.81 20.07
CA LYS C 75 17.62 -27.61 20.82
C LYS C 75 18.71 -26.56 20.76
N ILE C 76 19.97 -26.97 20.89
CA ILE C 76 21.07 -26.01 20.82
C ILE C 76 21.18 -25.43 19.41
N LYS C 77 20.94 -26.25 18.39
CA LYS C 77 20.94 -25.74 17.02
C LYS C 77 19.83 -24.72 16.83
N LEU C 78 18.65 -24.98 17.39
CA LEU C 78 17.55 -24.01 17.31
C LEU C 78 17.89 -22.73 18.03
N ILE C 79 18.53 -22.83 19.21
CA ILE C 79 18.94 -21.64 19.94
C ILE C 79 19.94 -20.83 19.13
N LYS C 80 20.91 -21.50 18.52
CA LYS C 80 21.89 -20.81 17.70
C LYS C 80 21.24 -20.15 16.49
N GLN C 81 20.24 -20.82 15.89
CA GLN C 81 19.53 -20.22 14.77
C GLN C 81 18.77 -18.98 15.20
N GLU C 82 18.12 -19.03 16.37
CA GLU C 82 17.41 -17.86 16.87
C GLU C 82 18.37 -16.71 17.16
N LEU C 83 19.53 -17.04 17.75
CA LEU C 83 20.52 -16.00 18.02
C LEU C 83 21.08 -15.41 16.73
N ASP C 84 21.27 -16.24 15.70
CA ASP C 84 21.71 -15.72 14.41
C ASP C 84 20.65 -14.81 13.81
N LYS C 85 19.37 -15.17 13.94
CA LYS C 85 18.30 -14.28 13.49
C LYS C 85 18.32 -12.96 14.24
N TYR C 86 18.57 -13.01 15.55
CA TYR C 86 18.67 -11.79 16.35
C TYR C 86 19.84 -10.93 15.88
N LYS C 87 21.00 -11.55 15.63
CA LYS C 87 22.16 -10.81 15.17
C LYS C 87 21.94 -10.19 13.80
N ASN C 88 21.27 -10.93 12.91
CA ASN C 88 20.97 -10.37 11.59
C ASN C 88 19.96 -9.23 11.69
N ALA C 89 19.01 -9.33 12.62
CA ALA C 89 18.09 -8.23 12.86
C ALA C 89 18.84 -6.99 13.36
N VAL C 90 19.80 -7.20 14.26
CA VAL C 90 20.60 -6.09 14.76
C VAL C 90 21.41 -5.45 13.63
N THR C 91 21.99 -6.29 12.76
CA THR C 91 22.75 -5.76 11.64
C THR C 91 21.85 -5.00 10.67
N ASP C 92 20.64 -5.50 10.42
CA ASP C 92 19.70 -4.78 9.58
C ASP C 92 19.32 -3.44 10.20
N LEU C 93 19.12 -3.42 11.52
CA LEU C 93 18.83 -2.16 12.20
C LEU C 93 20.02 -1.20 12.13
N GLN C 94 21.24 -1.73 12.16
CA GLN C 94 22.41 -0.89 11.99
C GLN C 94 22.47 -0.30 10.59
N LEU C 95 22.11 -1.09 9.57
CA LEU C 95 22.02 -0.55 8.22
C LEU C 95 20.94 0.53 8.13
N LEU C 96 19.82 0.32 8.82
CA LEU C 96 18.76 1.33 8.84
C LEU C 96 19.24 2.60 9.53
N MET C 97 20.05 2.46 10.58
CA MET C 97 20.70 3.62 11.19
C MET C 97 21.61 4.32 10.19
N GLN C 98 22.37 3.54 9.41
CA GLN C 98 23.16 4.14 8.34
C GLN C 98 22.27 4.88 7.34
N SER C 99 21.02 4.44 7.21
CA SER C 99 20.05 5.18 6.40
C SER C 99 19.49 6.40 7.11
N THR C 100 19.62 6.48 8.44
CA THR C 100 19.11 7.64 9.17
C THR C 100 19.97 8.88 8.85
N PRO C 101 19.37 10.07 8.87
CA PRO C 101 17.96 10.40 9.22
C PRO C 101 16.95 9.84 8.23
N ALA C 102 16.10 8.94 8.69
CA ALA C 102 15.10 8.32 7.82
C ALA C 102 13.70 8.77 8.22
N GLY C 106 5.94 18.92 6.18
CA GLY C 106 6.97 17.91 6.39
C GLY C 106 7.30 17.70 7.86
N SER C 107 6.39 18.11 8.73
CA SER C 107 6.58 17.97 10.17
C SER C 107 6.51 16.52 10.63
N ALA C 108 6.07 15.59 9.76
CA ALA C 108 5.93 14.20 10.18
C ALA C 108 7.26 13.57 10.56
N ILE C 109 8.36 14.23 10.26
CA ILE C 109 9.63 13.62 10.74
C ILE C 109 10.51 14.80 11.15
N CYS C 110 10.21 15.96 10.57
CA CYS C 110 11.01 17.10 11.00
C CYS C 110 11.10 17.16 12.52
N SER C 111 9.98 16.93 13.21
CA SER C 111 10.01 16.78 14.65
C SER C 111 10.54 15.41 15.06
N GLY C 112 10.41 14.40 14.19
CA GLY C 112 10.83 13.05 14.54
C GLY C 112 12.32 12.81 14.38
N VAL C 113 12.93 13.38 13.33
CA VAL C 113 14.38 13.22 13.16
C VAL C 113 15.17 14.15 14.08
N ALA C 114 14.55 15.20 14.60
CA ALA C 114 15.25 16.08 15.54
C ALA C 114 15.65 15.34 16.81
N VAL C 115 14.88 14.34 17.23
CA VAL C 115 15.24 13.53 18.38
C VAL C 115 16.28 12.47 18.01
N CYS C 116 16.34 12.06 16.74
CA CYS C 116 17.31 11.06 16.32
C CYS C 116 18.74 11.58 16.47
N LYS C 117 19.01 12.78 15.95
CA LYS C 117 20.36 13.34 16.04
C LYS C 117 20.70 13.75 17.46
N VAL C 118 19.70 14.15 18.25
CA VAL C 118 19.95 14.42 19.67
C VAL C 118 20.46 13.16 20.37
N LEU C 119 19.82 12.02 20.09
CA LEU C 119 20.29 10.75 20.62
C LEU C 119 21.65 10.36 20.07
N HIS C 120 22.04 10.89 18.92
CA HIS C 120 23.37 10.62 18.38
C HIS C 120 24.46 11.33 19.18
N LEU C 121 24.12 12.45 19.82
CA LEU C 121 25.11 13.18 20.60
C LEU C 121 25.57 12.36 21.79
N GLU C 122 26.85 12.53 22.16
CA GLU C 122 27.45 11.73 23.21
C GLU C 122 26.75 11.98 24.55
N GLY C 123 26.36 10.89 25.22
CA GLY C 123 25.76 10.96 26.53
C GLY C 123 24.25 11.03 26.54
N GLU C 124 23.62 11.35 25.41
CA GLU C 124 22.17 11.49 25.39
C GLU C 124 21.46 10.14 25.43
N VAL C 125 22.08 9.09 24.88
CA VAL C 125 21.53 7.76 25.04
C VAL C 125 21.76 7.26 26.47
N ASN C 126 22.90 7.62 27.06
CA ASN C 126 23.23 7.16 28.40
C ASN C 126 22.28 7.70 29.45
N LYS C 127 21.86 8.97 29.31
CA LYS C 127 20.93 9.53 30.28
C LYS C 127 19.58 8.82 30.24
N ILE C 128 19.09 8.51 29.04
CA ILE C 128 17.85 7.73 28.92
C ILE C 128 18.04 6.34 29.52
N LYS C 129 19.16 5.70 29.22
CA LYS C 129 19.44 4.37 29.72
C LYS C 129 19.48 4.35 31.26
N SER C 130 20.04 5.38 31.87
CA SER C 130 20.10 5.45 33.32
C SER C 130 18.74 5.80 33.92
N ALA C 131 18.01 6.73 33.30
CA ALA C 131 16.74 7.16 33.86
C ALA C 131 15.68 6.07 33.79
N LEU C 132 15.70 5.26 32.73
CA LEU C 132 14.72 4.18 32.60
C LEU C 132 15.13 2.92 33.33
N LEU C 133 16.25 2.93 34.05
CA LEU C 133 16.66 1.73 34.78
C LEU C 133 15.66 1.37 35.87
N SER C 134 15.19 2.37 36.63
CA SER C 134 14.27 2.10 37.73
C SER C 134 12.87 1.78 37.26
N THR C 135 12.35 2.54 36.30
CA THR C 135 10.97 2.41 35.86
C THR C 135 10.91 2.21 34.35
N ASN C 136 9.87 1.52 33.91
CA ASN C 136 9.66 1.25 32.49
C ASN C 136 9.04 2.43 31.74
N LYS C 137 8.99 3.61 32.36
CA LYS C 137 8.39 4.77 31.74
C LYS C 137 8.85 6.01 32.50
N ALA C 138 9.42 6.98 31.79
CA ALA C 138 9.94 8.14 32.50
C ALA C 138 10.11 9.31 31.52
N VAL C 139 9.89 10.52 32.03
CA VAL C 139 10.10 11.73 31.25
C VAL C 139 11.57 12.14 31.38
N VAL C 140 12.24 12.28 30.25
CA VAL C 140 13.67 12.56 30.20
C VAL C 140 13.89 13.84 29.42
N SER C 141 14.69 14.75 29.98
CA SER C 141 15.03 16.00 29.34
C SER C 141 16.38 15.85 28.62
N LEU C 142 16.41 16.23 27.35
CA LEU C 142 17.59 16.08 26.51
C LEU C 142 18.26 17.43 26.28
N SER C 143 19.40 17.39 25.60
CA SER C 143 20.22 18.59 25.38
C SER C 143 19.56 19.60 24.44
N ASN C 144 18.53 19.20 23.71
CA ASN C 144 17.84 20.13 22.80
C ASN C 144 16.94 21.10 23.54
N GLY C 145 16.78 20.95 24.85
CA GLY C 145 15.87 21.78 25.61
C GLY C 145 14.44 21.29 25.64
N VAL C 146 14.15 20.13 25.08
CA VAL C 146 12.81 19.56 25.06
C VAL C 146 12.85 18.23 25.81
N SER C 147 11.90 18.05 26.72
CA SER C 147 11.77 16.81 27.49
C SER C 147 10.70 15.93 26.86
N VAL C 148 11.03 14.66 26.66
CA VAL C 148 10.13 13.72 26.02
C VAL C 148 9.98 12.49 26.91
N LEU C 149 8.87 11.79 26.74
CA LEU C 149 8.59 10.61 27.54
C LEU C 149 9.16 9.38 26.85
N THR C 150 9.90 8.57 27.60
CA THR C 150 10.54 7.37 27.09
C THR C 150 9.90 6.14 27.74
N PHE C 151 9.67 5.12 26.92
CA PHE C 151 8.90 3.95 27.28
C PHE C 151 9.69 2.72 26.86
N LYS C 152 9.97 1.83 27.81
CA LYS C 152 10.73 0.61 27.55
C LYS C 152 9.74 -0.51 27.26
N VAL C 153 9.45 -0.72 25.98
CA VAL C 153 8.46 -1.72 25.58
C VAL C 153 8.98 -3.13 25.84
N LEU C 154 10.22 -3.40 25.44
CA LEU C 154 10.79 -4.74 25.51
C LEU C 154 12.19 -4.69 26.10
N ASP C 155 12.41 -5.45 27.16
CA ASP C 155 13.72 -5.57 27.79
C ASP C 155 14.35 -6.87 27.32
N LEU C 156 14.86 -6.86 26.09
CA LEU C 156 15.53 -8.03 25.54
C LEU C 156 16.91 -8.24 26.16
N LYS C 157 17.56 -7.16 26.59
CA LYS C 157 18.90 -7.27 27.17
C LYS C 157 18.87 -8.14 28.43
N ASN C 158 17.91 -7.89 29.32
CA ASN C 158 17.83 -8.66 30.56
C ASN C 158 17.56 -10.13 30.29
N TYR C 159 16.62 -10.40 29.37
CA TYR C 159 16.30 -11.80 29.05
C TYR C 159 17.49 -12.52 28.43
N ILE C 160 18.20 -11.85 27.51
CA ILE C 160 19.34 -12.48 26.86
C ILE C 160 20.46 -12.74 27.88
N ASP C 161 20.75 -11.74 28.73
CA ASP C 161 21.88 -11.87 29.63
C ASP C 161 21.60 -12.82 30.79
N LYS C 162 20.34 -12.92 31.23
CA LYS C 162 20.05 -13.68 32.44
C LYS C 162 19.65 -15.13 32.19
N GLN C 163 19.21 -15.47 30.97
CA GLN C 163 18.65 -16.79 30.71
C GLN C 163 19.51 -17.61 29.74
N LEU C 164 19.77 -17.09 28.54
CA LEU C 164 20.53 -17.85 27.55
C LEU C 164 22.01 -17.53 27.55
N LEU C 165 22.42 -16.36 28.01
CA LEU C 165 23.84 -16.06 28.14
C LEU C 165 24.54 -17.01 29.11
N PRO C 166 24.01 -17.32 30.29
CA PRO C 166 24.68 -18.34 31.12
C PRO C 166 24.78 -19.70 30.45
N ILE C 167 23.76 -20.08 29.68
CA ILE C 167 23.82 -21.34 28.96
C ILE C 167 24.94 -21.32 27.93
N LEU C 168 25.07 -20.21 27.21
CA LEU C 168 26.15 -20.09 26.23
C LEU C 168 27.52 -20.11 26.90
N ASN C 169 27.63 -19.46 28.06
CA ASN C 169 28.94 -19.37 28.73
C ASN C 169 29.45 -20.74 29.14
N LYS C 170 28.58 -21.58 29.69
CA LYS C 170 28.99 -22.90 30.15
C LYS C 170 29.40 -23.77 28.96
N GLN C 171 30.42 -24.61 29.18
CA GLN C 171 30.87 -25.50 28.12
C GLN C 171 29.88 -26.62 27.86
N SER C 172 29.07 -26.99 28.86
CA SER C 172 28.09 -28.04 28.69
C SER C 172 27.05 -27.64 27.64
N CYS C 173 26.56 -26.41 27.71
CA CYS C 173 25.59 -25.88 26.76
C CYS C 173 24.35 -26.78 26.66
N SER C 174 23.65 -26.89 27.79
CA SER C 174 22.45 -27.70 27.90
C SER C 174 21.25 -26.76 28.11
N ILE C 175 20.37 -26.70 27.13
CA ILE C 175 19.15 -25.90 27.28
C ILE C 175 18.26 -26.56 28.32
N PRO C 176 17.77 -25.82 29.32
CA PRO C 176 16.97 -26.47 30.37
C PRO C 176 15.73 -27.19 29.87
N ASN C 177 15.03 -26.63 28.88
CA ASN C 177 13.82 -27.25 28.37
C ASN C 177 13.42 -26.48 27.12
N ILE C 178 12.69 -27.16 26.21
CA ILE C 178 12.34 -26.57 24.93
C ILE C 178 11.45 -25.34 25.11
N GLU C 179 10.71 -25.28 26.23
CA GLU C 179 9.88 -24.11 26.50
C GLU C 179 10.72 -22.84 26.57
N THR C 180 11.98 -22.95 26.99
CA THR C 180 12.87 -21.79 26.96
C THR C 180 13.12 -21.34 25.53
N VAL C 181 13.31 -22.30 24.61
CA VAL C 181 13.48 -21.94 23.20
C VAL C 181 12.23 -21.27 22.66
N ILE C 182 11.05 -21.80 23.02
CA ILE C 182 9.82 -21.21 22.53
C ILE C 182 9.63 -19.81 23.10
N GLU C 183 9.95 -19.60 24.38
CA GLU C 183 9.86 -18.28 24.98
C GLU C 183 10.84 -17.31 24.32
N PHE C 184 12.05 -17.78 24.03
CA PHE C 184 13.01 -16.94 23.33
C PHE C 184 12.50 -16.54 21.95
N GLN C 185 11.90 -17.50 21.24
CA GLN C 185 11.31 -17.18 19.94
C GLN C 185 10.19 -16.16 20.07
N GLN C 186 9.33 -16.31 21.07
CA GLN C 186 8.21 -15.39 21.24
C GLN C 186 8.70 -13.98 21.59
N LYS C 187 9.69 -13.89 22.48
CA LYS C 187 10.24 -12.58 22.83
C LYS C 187 10.94 -11.93 21.64
N ASN C 188 11.73 -12.72 20.90
CA ASN C 188 12.44 -12.20 19.74
C ASN C 188 11.53 -11.91 18.57
N ASN C 189 10.31 -12.47 18.57
CA ASN C 189 9.40 -12.28 17.44
C ASN C 189 9.02 -10.83 17.24
N ARG C 190 8.77 -10.11 18.35
CA ARG C 190 8.43 -8.70 18.22
C ARG C 190 9.58 -7.92 17.58
N LEU C 191 10.82 -8.18 18.01
CA LEU C 191 11.97 -7.50 17.44
C LEU C 191 12.14 -7.87 15.96
N LEU C 192 11.94 -9.14 15.62
CA LEU C 192 12.10 -9.57 14.23
C LEU C 192 11.06 -8.91 13.33
N GLU C 193 9.81 -8.82 13.80
CA GLU C 193 8.78 -8.16 13.01
C GLU C 193 9.02 -6.66 12.92
N ILE C 194 9.54 -6.06 14.00
CA ILE C 194 9.92 -4.64 13.97
C ILE C 194 10.98 -4.42 12.90
N THR C 195 12.00 -5.28 12.89
CA THR C 195 13.07 -5.17 11.91
C THR C 195 12.55 -5.40 10.49
N ARG C 196 11.62 -6.33 10.33
CA ARG C 196 11.04 -6.59 9.00
C ARG C 196 10.29 -5.37 8.49
N GLU C 197 9.45 -4.77 9.35
CA GLU C 197 8.71 -3.59 8.95
C GLU C 197 9.65 -2.43 8.64
N PHE C 198 10.68 -2.24 9.47
CA PHE C 198 11.65 -1.18 9.23
C PHE C 198 12.38 -1.40 7.91
N SER C 199 12.80 -2.63 7.63
CA SER C 199 13.55 -2.93 6.42
C SER C 199 12.71 -2.73 5.18
N VAL C 200 11.46 -3.21 5.20
CA VAL C 200 10.61 -3.05 4.02
C VAL C 200 10.22 -1.59 3.82
N ASN C 201 10.08 -0.83 4.90
CA ASN C 201 9.67 0.56 4.81
C ASN C 201 10.84 1.54 4.98
N ALA C 202 12.07 1.04 5.05
CA ALA C 202 13.27 1.87 5.19
C ALA C 202 13.25 2.70 6.48
N GLY C 203 12.51 2.23 7.48
CA GLY C 203 12.51 2.88 8.77
C GLY C 203 11.24 3.62 9.13
N VAL C 204 10.66 4.36 8.19
CA VAL C 204 9.45 5.13 8.44
C VAL C 204 8.26 4.25 8.10
N THR C 205 7.59 3.73 9.13
CA THR C 205 6.45 2.84 8.95
C THR C 205 5.19 3.50 9.50
N THR C 206 4.14 3.51 8.69
CA THR C 206 2.84 4.02 9.08
C THR C 206 1.79 3.23 8.31
N PRO C 207 0.66 2.88 8.93
CA PRO C 207 0.26 3.16 10.32
C PRO C 207 1.09 2.39 11.34
N VAL C 208 1.14 2.89 12.58
CA VAL C 208 1.87 2.20 13.63
C VAL C 208 1.20 0.87 13.91
N SER C 209 1.94 -0.22 13.71
CA SER C 209 1.39 -1.55 13.90
C SER C 209 1.25 -1.85 15.39
N THR C 210 0.79 -3.06 15.70
CA THR C 210 0.74 -3.53 17.08
C THR C 210 2.08 -4.07 17.55
N TYR C 211 3.07 -4.10 16.67
CA TYR C 211 4.44 -4.44 17.04
C TYR C 211 5.25 -3.20 17.41
N MET C 212 5.01 -2.09 16.72
CA MET C 212 5.62 -0.82 17.11
C MET C 212 5.19 -0.42 18.51
N LEU C 213 3.88 -0.51 18.79
CA LEU C 213 3.33 -0.07 20.07
C LEU C 213 1.99 -0.76 20.27
N THR C 214 1.90 -1.60 21.30
CA THR C 214 0.66 -2.29 21.60
C THR C 214 -0.41 -1.27 22.04
N ASN C 215 -1.67 -1.65 21.85
CA ASN C 215 -2.77 -0.74 22.12
C ASN C 215 -2.83 -0.36 23.60
N SER C 216 -2.54 -1.30 24.50
CA SER C 216 -2.49 -0.97 25.92
C SER C 216 -1.39 0.03 26.22
N GLU C 217 -0.20 -0.19 25.63
CA GLU C 217 0.89 0.77 25.80
C GLU C 217 0.57 2.10 25.16
N LEU C 218 -0.15 2.09 24.03
CA LEU C 218 -0.59 3.35 23.43
C LEU C 218 -1.54 4.10 24.35
N LEU C 219 -2.46 3.38 24.99
CA LEU C 219 -3.38 4.03 25.91
C LEU C 219 -2.65 4.60 27.12
N SER C 220 -1.66 3.86 27.63
CA SER C 220 -0.84 4.39 28.72
C SER C 220 -0.08 5.63 28.29
N LEU C 221 0.44 5.63 27.06
CA LEU C 221 1.12 6.80 26.53
C LEU C 221 0.18 8.00 26.45
N ILE C 222 -1.06 7.77 26.02
CA ILE C 222 -2.04 8.85 25.99
C ILE C 222 -2.33 9.37 27.39
N ASN C 223 -2.43 8.45 28.37
CA ASN C 223 -2.70 8.86 29.74
C ASN C 223 -1.57 9.70 30.31
N ASP C 224 -0.32 9.35 30.00
CA ASP C 224 0.83 10.07 30.53
C ASP C 224 1.24 11.26 29.66
N MET C 225 0.58 11.47 28.53
CA MET C 225 0.84 12.65 27.72
C MET C 225 0.30 13.89 28.41
N PRO C 226 1.06 14.99 28.47
CA PRO C 226 0.51 16.21 29.07
C PRO C 226 -0.39 16.96 28.11
N ILE C 227 -1.70 16.84 28.32
CA ILE C 227 -2.72 17.43 27.44
C ILE C 227 -3.97 17.69 28.26
N THR C 228 -4.92 18.40 27.64
CA THR C 228 -6.24 18.56 28.23
C THR C 228 -6.89 17.20 28.43
N ASN C 229 -7.63 17.05 29.54
CA ASN C 229 -8.32 15.79 29.79
C ASN C 229 -9.29 15.44 28.69
N ASP C 230 -9.84 16.46 28.01
CA ASP C 230 -10.66 16.21 26.84
C ASP C 230 -9.89 15.48 25.75
N GLN C 231 -8.62 15.87 25.54
CA GLN C 231 -7.80 15.20 24.54
C GLN C 231 -7.54 13.75 24.94
N LYS C 232 -7.26 13.50 26.22
CA LYS C 232 -7.08 12.12 26.68
C LYS C 232 -8.33 11.30 26.44
N LYS C 233 -9.50 11.85 26.78
CA LYS C 233 -10.75 11.11 26.56
C LYS C 233 -10.99 10.85 25.08
N LEU C 234 -10.79 11.86 24.24
CA LEU C 234 -11.03 11.71 22.81
C LEU C 234 -10.11 10.68 22.19
N MET C 235 -8.84 10.68 22.60
CA MET C 235 -7.90 9.68 22.08
C MET C 235 -8.24 8.29 22.60
N SER C 236 -8.69 8.18 23.85
CA SER C 236 -9.06 6.88 24.39
C SER C 236 -10.31 6.34 23.73
N ASN C 237 -11.18 7.22 23.23
CA ASN C 237 -12.39 6.76 22.55
C ASN C 237 -12.11 6.22 21.16
N ASN C 238 -11.14 6.79 20.45
CA ASN C 238 -10.80 6.38 19.08
C ASN C 238 -9.29 6.13 18.99
N VAL C 239 -8.87 4.92 19.32
CA VAL C 239 -7.45 4.58 19.22
C VAL C 239 -7.09 4.16 17.81
N GLN C 240 -8.04 3.61 17.05
CA GLN C 240 -7.75 3.18 15.69
C GLN C 240 -7.39 4.36 14.80
N ILE C 241 -8.10 5.48 14.94
CA ILE C 241 -7.73 6.68 14.19
C ILE C 241 -6.37 7.18 14.63
N VAL C 242 -6.05 7.06 15.92
CA VAL C 242 -4.73 7.45 16.40
C VAL C 242 -3.65 6.63 15.71
N ARG C 243 -3.86 5.32 15.58
CA ARG C 243 -2.91 4.47 14.85
C ARG C 243 -2.82 4.86 13.39
N GLN C 244 -3.97 5.13 12.75
CA GLN C 244 -3.95 5.50 11.34
C GLN C 244 -3.21 6.81 11.11
N GLN C 245 -3.24 7.72 12.07
CA GLN C 245 -2.57 9.00 11.94
C GLN C 245 -1.16 9.00 12.54
N SER C 246 -0.71 7.88 13.10
CA SER C 246 0.55 7.86 13.83
C SER C 246 1.74 7.65 12.90
N TYR C 247 2.93 7.55 13.49
CA TYR C 247 4.17 7.34 12.77
C TYR C 247 5.16 6.65 13.69
N SER C 248 6.17 6.02 13.08
CA SER C 248 7.21 5.32 13.85
C SER C 248 8.52 5.46 13.07
N ILE C 249 9.34 6.41 13.47
CA ILE C 249 10.60 6.70 12.79
C ILE C 249 11.73 6.02 13.55
N MET C 250 12.54 5.24 12.83
CA MET C 250 13.72 4.62 13.41
C MET C 250 14.79 5.69 13.67
N CYS C 251 15.15 5.86 14.93
CA CYS C 251 16.13 6.89 15.30
C CYS C 251 17.54 6.35 15.40
N ILE C 252 17.78 5.40 16.30
CA ILE C 252 19.16 5.03 16.62
C ILE C 252 19.20 3.59 17.11
N ILE C 253 20.35 2.95 16.91
CA ILE C 253 20.70 1.69 17.56
C ILE C 253 22.15 1.83 18.01
N LYS C 254 22.36 1.86 19.32
CA LYS C 254 23.68 2.17 19.88
C LYS C 254 23.65 1.91 21.38
N GLU C 255 24.80 1.49 21.91
CA GLU C 255 25.00 1.34 23.36
C GLU C 255 23.94 0.42 23.98
N GLU C 256 23.66 -0.69 23.30
CA GLU C 256 22.65 -1.65 23.74
C GLU C 256 21.29 -0.98 23.92
N VAL C 257 20.95 -0.10 22.98
CA VAL C 257 19.66 0.56 22.96
C VAL C 257 19.18 0.64 21.51
N LEU C 258 17.89 0.42 21.31
CA LEU C 258 17.24 0.55 20.00
C LEU C 258 16.10 1.52 20.21
N ALA C 259 16.29 2.77 19.79
CA ALA C 259 15.32 3.83 20.04
C ALA C 259 14.68 4.24 18.72
N TYR C 260 13.35 4.18 18.68
CA TYR C 260 12.58 4.71 17.58
C TYR C 260 11.55 5.70 18.11
N VAL C 261 11.36 6.79 17.40
CA VAL C 261 10.44 7.85 17.82
C VAL C 261 9.06 7.51 17.28
N VAL C 262 8.12 7.25 18.18
CA VAL C 262 6.72 7.10 17.83
C VAL C 262 6.06 8.44 18.11
N GLN C 263 5.66 9.14 17.06
CA GLN C 263 5.10 10.48 17.20
C GLN C 263 3.58 10.38 17.02
N LEU C 264 2.87 10.38 18.15
CA LEU C 264 1.43 10.33 18.11
C LEU C 264 0.87 11.68 17.72
N PRO C 265 -0.35 11.71 17.17
CA PRO C 265 -1.00 12.99 16.88
C PRO C 265 -1.39 13.71 18.17
N LEU C 266 -1.72 14.98 18.03
CA LEU C 266 -2.14 15.81 19.14
C LEU C 266 -3.30 16.68 18.66
N TYR C 267 -4.48 16.43 19.23
CA TYR C 267 -5.72 17.05 18.79
C TYR C 267 -5.96 18.30 19.63
N GLY C 268 -5.59 19.46 19.08
CA GLY C 268 -5.78 20.71 19.80
C GLY C 268 -7.21 21.19 19.85
N VAL C 269 -8.06 20.71 18.94
CA VAL C 269 -9.46 21.10 18.86
C VAL C 269 -10.31 19.84 18.96
N ILE C 270 -11.36 19.91 19.77
CA ILE C 270 -12.25 18.77 19.99
C ILE C 270 -13.69 19.25 19.94
N ASP C 271 -14.56 18.44 19.32
CA ASP C 271 -15.99 18.69 19.26
C ASP C 271 -16.32 19.97 18.52
N THR C 272 -15.45 20.38 17.61
CA THR C 272 -15.77 21.54 16.80
C THR C 272 -16.80 21.16 15.73
N PRO C 273 -17.73 22.07 15.42
CA PRO C 273 -18.77 21.75 14.43
C PRO C 273 -18.19 21.71 13.03
N CYS C 274 -18.24 20.52 12.41
CA CYS C 274 -17.75 20.30 11.07
C CYS C 274 -18.91 19.93 10.14
N TRP C 275 -18.65 20.02 8.84
CA TRP C 275 -19.67 19.73 7.85
C TRP C 275 -19.02 19.38 6.51
N LYS C 276 -19.61 18.42 5.81
CA LYS C 276 -19.15 18.00 4.50
C LYS C 276 -19.95 18.68 3.40
N LEU C 277 -19.36 18.75 2.21
CA LEU C 277 -20.02 19.29 1.03
C LEU C 277 -19.74 18.35 -0.14
N HIS C 278 -20.77 17.66 -0.62
CA HIS C 278 -20.70 16.85 -1.82
C HIS C 278 -21.30 17.63 -2.99
N THR C 279 -20.62 17.61 -4.12
CA THR C 279 -21.04 18.34 -5.31
C THR C 279 -21.16 17.38 -6.49
N SER C 280 -22.17 17.61 -7.30
CA SER C 280 -22.45 16.81 -8.48
C SER C 280 -22.61 17.72 -9.70
N PRO C 281 -22.26 17.23 -10.89
CA PRO C 281 -22.37 18.08 -12.07
C PRO C 281 -23.79 18.55 -12.31
N LEU C 282 -23.93 19.80 -12.73
CA LEU C 282 -25.20 20.42 -13.07
C LEU C 282 -25.11 20.87 -14.52
N CYS C 283 -25.69 20.10 -15.42
CA CYS C 283 -25.60 20.37 -16.85
C CYS C 283 -26.99 20.69 -17.41
N THR C 284 -26.99 21.25 -18.62
CA THR C 284 -28.24 21.61 -19.27
C THR C 284 -29.06 20.38 -19.60
N THR C 285 -30.39 20.54 -19.56
CA THR C 285 -31.31 19.43 -19.82
C THR C 285 -31.57 19.21 -21.30
N ASN C 286 -30.96 20.01 -22.17
CA ASN C 286 -31.19 19.86 -23.61
C ASN C 286 -30.70 18.50 -24.10
N THR C 287 -31.53 17.83 -24.89
CA THR C 287 -31.17 16.53 -25.42
C THR C 287 -30.14 16.61 -26.54
N LYS C 288 -30.12 17.72 -27.28
CA LYS C 288 -29.18 17.88 -28.37
C LYS C 288 -27.75 17.96 -27.83
N GLU C 289 -26.84 17.23 -28.47
CA GLU C 289 -25.45 17.19 -28.02
C GLU C 289 -24.76 18.52 -28.28
N GLY C 290 -23.83 18.86 -27.39
CA GLY C 290 -23.02 20.05 -27.53
C GLY C 290 -23.54 21.28 -26.82
N SER C 291 -24.81 21.29 -26.42
CA SER C 291 -25.41 22.43 -25.76
C SER C 291 -25.44 22.29 -24.25
N ASN C 292 -24.81 21.25 -23.71
CA ASN C 292 -24.83 20.99 -22.27
C ASN C 292 -23.62 21.65 -21.63
N ILE C 293 -23.88 22.60 -20.73
CA ILE C 293 -22.84 23.27 -19.96
C ILE C 293 -22.93 22.77 -18.53
N CYS C 294 -21.81 22.26 -18.01
CA CYS C 294 -21.79 21.58 -16.72
C CYS C 294 -21.08 22.43 -15.67
N LEU C 295 -21.76 22.65 -14.55
CA LEU C 295 -21.22 23.40 -13.42
C LEU C 295 -21.13 22.47 -12.22
N THR C 296 -19.96 22.41 -11.59
CA THR C 296 -19.75 21.55 -10.43
C THR C 296 -18.88 22.29 -9.42
N ARG C 297 -19.45 22.61 -8.27
CA ARG C 297 -18.70 23.37 -7.28
C ARG C 297 -17.46 22.60 -6.84
N THR C 298 -16.30 23.25 -6.93
CA THR C 298 -15.02 22.62 -6.64
C THR C 298 -14.61 22.70 -5.17
N ASP C 299 -15.37 23.40 -4.34
CA ASP C 299 -15.06 23.51 -2.92
C ASP C 299 -15.55 22.30 -2.14
N ARG C 300 -15.83 21.18 -2.82
CA ARG C 300 -16.32 19.99 -2.15
C ARG C 300 -15.25 19.43 -1.21
N GLY C 301 -15.72 18.74 -0.16
CA GLY C 301 -14.84 18.22 0.85
C GLY C 301 -15.33 18.62 2.22
N TRP C 302 -14.43 18.58 3.21
CA TRP C 302 -14.79 18.82 4.60
C TRP C 302 -14.43 20.24 5.01
N TYR C 303 -15.23 20.78 5.94
CA TYR C 303 -14.95 22.04 6.60
C TYR C 303 -15.12 21.87 8.09
N CYS C 304 -14.28 22.57 8.85
CA CYS C 304 -14.35 22.51 10.30
C CYS C 304 -14.15 23.91 10.87
N ASP C 305 -14.62 24.11 12.10
CA ASP C 305 -14.45 25.38 12.80
C ASP C 305 -13.25 25.29 13.72
N ASN C 306 -12.42 26.34 13.71
CA ASN C 306 -11.17 26.32 14.47
C ASN C 306 -10.72 27.76 14.67
N ALA C 307 -10.73 28.21 15.93
CA ALA C 307 -10.22 29.53 16.31
C ALA C 307 -10.88 30.64 15.49
N GLY C 308 -12.18 30.50 15.24
CA GLY C 308 -12.91 31.51 14.49
C GLY C 308 -12.75 31.46 13.00
N SER C 309 -11.98 30.51 12.47
CA SER C 309 -11.77 30.38 11.03
C SER C 309 -12.09 28.96 10.61
N VAL C 310 -12.41 28.79 9.33
CA VAL C 310 -12.82 27.50 8.81
C VAL C 310 -11.61 26.79 8.22
N SER C 311 -11.34 25.59 8.71
CA SER C 311 -10.31 24.73 8.14
C SER C 311 -10.96 23.89 7.04
N PHE C 312 -10.55 24.12 5.80
CA PHE C 312 -11.06 23.41 4.64
C PHE C 312 -10.09 22.31 4.24
N PHE C 313 -10.64 21.14 3.90
CA PHE C 313 -9.82 19.99 3.53
C PHE C 313 -10.14 19.62 2.09
N PRO C 314 -9.24 19.92 1.13
CA PRO C 314 -9.58 19.73 -0.29
C PRO C 314 -9.93 18.31 -0.66
N GLN C 315 -9.28 17.31 -0.05
CA GLN C 315 -9.54 15.91 -0.35
C GLN C 315 -10.07 15.20 0.89
N ALA C 316 -10.85 14.15 0.66
CA ALA C 316 -11.53 13.41 1.72
C ALA C 316 -10.68 12.32 2.34
N GLU C 317 -9.45 12.10 1.84
CA GLU C 317 -8.59 11.08 2.39
C GLU C 317 -8.10 11.45 3.78
N THR C 318 -7.84 12.74 4.03
CA THR C 318 -7.27 13.15 5.31
C THR C 318 -8.27 13.04 6.45
N CYS C 319 -9.55 13.32 6.17
CA CYS C 319 -10.57 13.39 7.21
C CYS C 319 -11.25 12.03 7.34
N LYS C 320 -10.72 11.18 8.21
CA LYS C 320 -11.41 9.96 8.58
C LYS C 320 -12.71 10.28 9.29
N VAL C 321 -13.73 9.45 9.07
CA VAL C 321 -15.07 9.69 9.59
C VAL C 321 -15.45 8.54 10.50
N GLN C 322 -15.74 8.84 11.76
CA GLN C 322 -16.32 7.90 12.69
C GLN C 322 -17.84 8.03 12.61
N SER C 323 -18.57 7.48 13.59
CA SER C 323 -20.02 7.54 13.58
C SER C 323 -20.53 8.97 13.43
N ASN C 324 -19.99 9.88 14.24
CA ASN C 324 -20.35 11.29 14.15
C ASN C 324 -19.16 12.25 14.19
N ARG C 325 -18.00 11.81 14.68
CA ARG C 325 -16.83 12.66 14.82
C ARG C 325 -15.90 12.46 13.64
N VAL C 326 -15.64 13.52 12.90
CA VAL C 326 -14.82 13.45 11.68
C VAL C 326 -13.40 13.89 12.07
N PHE C 327 -12.59 12.90 12.46
CA PHE C 327 -11.19 13.17 12.76
C PHE C 327 -10.47 13.62 11.50
N CYS C 328 -9.66 14.68 11.63
CA CYS C 328 -9.05 15.30 10.46
C CYS C 328 -7.57 15.54 10.76
N ASP C 329 -6.91 16.24 9.84
CA ASP C 329 -5.48 16.49 9.95
C ASP C 329 -5.18 17.80 9.22
N THR C 330 -4.75 18.81 9.96
CA THR C 330 -4.51 20.14 9.39
C THR C 330 -3.20 20.22 8.63
N MET C 331 -2.46 19.12 8.49
CA MET C 331 -1.19 19.15 7.76
C MET C 331 -1.41 19.51 6.29
N ASN C 332 -2.61 19.26 5.76
CA ASN C 332 -2.95 19.61 4.39
C ASN C 332 -4.09 20.63 4.32
N SER C 333 -4.66 21.02 5.45
CA SER C 333 -5.82 21.89 5.45
C SER C 333 -5.44 23.30 5.02
N ARG C 334 -6.47 24.09 4.69
CA ARG C 334 -6.32 25.48 4.33
C ARG C 334 -7.20 26.32 5.24
N THR C 335 -6.63 27.39 5.80
CA THR C 335 -7.44 28.30 6.59
C THR C 335 -8.30 29.18 5.68
N LEU C 336 -9.49 29.51 6.16
CA LEU C 336 -10.43 30.32 5.41
C LEU C 336 -11.19 31.22 6.38
N PRO C 337 -11.60 32.40 5.94
CA PRO C 337 -12.46 33.24 6.77
C PRO C 337 -13.81 32.59 7.01
N SER C 338 -14.44 33.00 8.12
CA SER C 338 -15.66 32.32 8.58
C SER C 338 -16.79 32.42 7.56
N GLU C 339 -16.92 33.57 6.90
CA GLU C 339 -18.06 33.80 6.02
C GLU C 339 -18.13 32.83 4.86
N VAL C 340 -17.11 31.99 4.66
CA VAL C 340 -17.20 30.94 3.65
C VAL C 340 -18.38 30.02 3.94
N ASN C 341 -18.77 29.89 5.22
CA ASN C 341 -19.95 29.12 5.55
C ASN C 341 -21.20 29.70 4.90
N LEU C 342 -21.31 31.03 4.87
CA LEU C 342 -22.44 31.67 4.21
C LEU C 342 -22.43 31.40 2.71
N CYS C 343 -21.30 30.95 2.15
CA CYS C 343 -21.28 30.52 0.76
C CYS C 343 -22.14 29.28 0.56
N ASN C 344 -22.16 28.37 1.53
CA ASN C 344 -22.91 27.13 1.37
C ASN C 344 -24.41 27.39 1.26
N VAL C 345 -24.94 28.28 2.10
CA VAL C 345 -26.38 28.58 2.06
C VAL C 345 -26.71 29.61 1.00
N ASP C 346 -25.72 30.38 0.52
CA ASP C 346 -25.96 31.40 -0.50
C ASP C 346 -24.71 31.48 -1.36
N ILE C 347 -24.79 30.96 -2.59
CA ILE C 347 -23.63 30.95 -3.47
C ILE C 347 -23.35 32.32 -4.09
N PHE C 348 -24.33 33.23 -4.07
CA PHE C 348 -24.17 34.55 -4.65
C PHE C 348 -23.89 35.63 -3.61
N ASN C 349 -23.64 35.24 -2.36
CA ASN C 349 -23.39 36.22 -1.32
C ASN C 349 -22.08 36.97 -1.60
N PRO C 350 -22.05 38.30 -1.39
CA PRO C 350 -20.80 39.04 -1.56
C PRO C 350 -19.78 38.76 -0.47
N LYS C 351 -20.15 38.02 0.57
CA LYS C 351 -19.22 37.76 1.67
C LYS C 351 -18.06 36.88 1.21
N TYR C 352 -18.35 35.79 0.52
CA TYR C 352 -17.33 34.87 0.04
C TYR C 352 -17.58 34.53 -1.42
N ASP C 353 -16.49 34.28 -2.14
CA ASP C 353 -16.53 33.91 -3.55
C ASP C 353 -16.22 32.41 -3.65
N CYS C 354 -17.25 31.62 -3.92
CA CYS C 354 -17.10 30.17 -3.90
C CYS C 354 -16.37 29.70 -5.16
N LYS C 355 -15.96 28.43 -5.13
CA LYS C 355 -15.17 27.82 -6.19
C LYS C 355 -16.03 26.83 -6.96
N ILE C 356 -15.99 26.92 -8.29
CA ILE C 356 -16.75 26.05 -9.18
C ILE C 356 -15.83 25.53 -10.28
N MET C 357 -16.39 24.63 -11.10
CA MET C 357 -15.74 24.11 -12.29
C MET C 357 -16.75 24.15 -13.42
N THR C 358 -16.34 24.69 -14.57
CA THR C 358 -17.19 24.83 -15.74
C THR C 358 -16.64 23.90 -16.83
N SER C 359 -17.29 22.76 -17.01
CA SER C 359 -16.87 21.75 -17.98
C SER C 359 -17.98 21.54 -19.01
N LYS C 360 -17.71 20.68 -19.98
CA LYS C 360 -18.64 20.39 -21.06
C LYS C 360 -19.16 18.96 -21.05
N THR C 361 -18.40 18.00 -20.55
CA THR C 361 -18.85 16.61 -20.54
C THR C 361 -20.02 16.44 -19.60
N ASP C 362 -21.12 15.90 -20.13
CA ASP C 362 -22.36 15.73 -19.38
C ASP C 362 -22.65 14.26 -19.11
N VAL C 363 -21.61 13.50 -18.76
CA VAL C 363 -21.78 12.08 -18.48
C VAL C 363 -22.61 11.91 -17.22
N SER C 364 -23.63 11.06 -17.30
CA SER C 364 -24.48 10.79 -16.14
C SER C 364 -23.65 10.14 -15.03
N SER C 365 -23.82 10.63 -13.81
CA SER C 365 -23.02 10.14 -12.70
C SER C 365 -23.75 10.39 -11.39
N SER C 366 -23.37 9.61 -10.37
CA SER C 366 -24.00 9.70 -9.06
C SER C 366 -22.95 9.79 -7.98
N VAL C 367 -23.26 10.55 -6.93
CA VAL C 367 -22.42 10.67 -5.75
C VAL C 367 -23.25 10.28 -4.54
N ILE C 368 -22.74 9.34 -3.75
CA ILE C 368 -23.48 8.79 -2.61
C ILE C 368 -23.10 9.59 -1.38
N THR C 369 -24.03 10.39 -0.88
CA THR C 369 -23.79 11.23 0.28
C THR C 369 -24.02 10.40 1.55
N SER C 370 -24.07 11.07 2.71
CA SER C 370 -24.25 10.35 3.96
C SER C 370 -25.70 9.90 4.18
N LEU C 371 -26.66 10.66 3.66
CA LEU C 371 -28.08 10.37 3.85
C LEU C 371 -28.82 10.37 2.51
N GLY C 372 -28.25 9.74 1.51
CA GLY C 372 -28.90 9.62 0.23
C GLY C 372 -27.88 9.66 -0.89
N ALA C 373 -28.34 10.09 -2.07
CA ALA C 373 -27.49 10.15 -3.24
C ALA C 373 -27.97 11.23 -4.20
N ILE C 374 -27.01 11.91 -4.82
CA ILE C 374 -27.28 12.85 -5.91
C ILE C 374 -27.01 12.12 -7.22
N VAL C 375 -27.93 12.25 -8.17
CA VAL C 375 -27.86 11.54 -9.44
C VAL C 375 -28.08 12.54 -10.56
N SER C 376 -27.14 12.61 -11.49
CA SER C 376 -27.21 13.53 -12.61
C SER C 376 -27.32 12.73 -13.91
N CYS C 377 -28.46 12.89 -14.60
CA CYS C 377 -28.73 12.19 -15.84
C CYS C 377 -28.85 13.20 -16.98
N TYR C 378 -28.17 12.93 -18.09
CA TYR C 378 -28.26 13.75 -19.28
C TYR C 378 -28.17 12.86 -20.50
N GLY C 379 -28.68 13.37 -21.63
CA GLY C 379 -28.64 12.60 -22.86
C GLY C 379 -29.60 11.43 -22.82
N LYS C 380 -29.19 10.32 -23.42
CA LYS C 380 -30.01 9.13 -23.53
C LYS C 380 -29.79 8.13 -22.40
N THR C 381 -28.94 8.47 -21.42
CA THR C 381 -28.69 7.56 -20.32
C THR C 381 -29.90 7.46 -19.41
N LYS C 382 -30.11 6.27 -18.85
CA LYS C 382 -31.23 6.01 -17.95
C LYS C 382 -30.71 5.82 -16.52
N CYS C 383 -31.51 6.28 -15.56
CA CYS C 383 -31.17 6.17 -14.15
C CYS C 383 -32.39 5.67 -13.38
N THR C 384 -32.20 4.69 -12.52
CA THR C 384 -33.27 4.09 -11.75
C THR C 384 -32.89 4.01 -10.28
N ALA C 385 -33.89 4.15 -9.41
CA ALA C 385 -33.76 3.94 -7.98
C ALA C 385 -34.66 2.78 -7.59
N SER C 386 -34.08 1.82 -6.85
CA SER C 386 -34.74 0.56 -6.56
C SER C 386 -34.63 0.23 -5.08
N ASN C 387 -35.59 -0.55 -4.59
CA ASN C 387 -35.62 -1.06 -3.24
C ASN C 387 -35.46 -2.57 -3.27
N LYS C 388 -35.05 -3.12 -2.12
CA LYS C 388 -34.76 -4.56 -2.05
C LYS C 388 -36.01 -5.40 -2.33
N ASN C 389 -37.14 -5.03 -1.73
CA ASN C 389 -38.37 -5.79 -1.89
C ASN C 389 -39.27 -5.25 -2.99
N ARG C 390 -39.47 -3.93 -3.03
CA ARG C 390 -40.34 -3.33 -4.03
C ARG C 390 -39.72 -3.31 -5.42
N GLY C 391 -38.43 -3.62 -5.54
CA GLY C 391 -37.79 -3.54 -6.85
C GLY C 391 -37.56 -2.10 -7.28
N ILE C 392 -37.46 -1.93 -8.59
CA ILE C 392 -37.27 -0.59 -9.16
C ILE C 392 -38.50 0.25 -8.88
N ILE C 393 -38.29 1.43 -8.29
CA ILE C 393 -39.41 2.27 -7.87
C ILE C 393 -39.40 3.65 -8.49
N LYS C 394 -38.24 4.18 -8.89
CA LYS C 394 -38.20 5.54 -9.41
C LYS C 394 -37.33 5.60 -10.67
N THR C 395 -37.74 6.43 -11.62
CA THR C 395 -36.95 6.74 -12.80
C THR C 395 -36.57 8.21 -12.76
N PHE C 396 -35.28 8.50 -12.97
CA PHE C 396 -34.77 9.86 -12.84
C PHE C 396 -34.91 10.63 -14.15
N SER C 397 -35.16 11.93 -14.02
CA SER C 397 -35.28 12.81 -15.18
C SER C 397 -33.94 13.48 -15.46
N ASN C 398 -33.93 14.37 -16.45
CA ASN C 398 -32.72 15.10 -16.78
C ASN C 398 -32.36 16.09 -15.67
N GLY C 399 -31.07 16.27 -15.47
CA GLY C 399 -30.57 17.13 -14.41
C GLY C 399 -30.03 16.33 -13.25
N CYS C 400 -29.77 17.05 -12.15
CA CYS C 400 -29.28 16.45 -10.92
C CYS C 400 -30.40 16.47 -9.89
N ASP C 401 -30.78 15.29 -9.40
CA ASP C 401 -31.84 15.13 -8.42
C ASP C 401 -31.31 14.29 -7.26
N TYR C 402 -31.85 14.54 -6.07
CA TYR C 402 -31.40 13.90 -4.85
C TYR C 402 -32.46 12.95 -4.31
N VAL C 403 -32.02 11.77 -3.88
CA VAL C 403 -32.91 10.76 -3.32
C VAL C 403 -32.43 10.45 -1.90
N SER C 404 -33.37 10.32 -0.98
CA SER C 404 -33.05 10.06 0.41
C SER C 404 -32.58 8.62 0.59
N ASN C 405 -32.35 8.23 1.84
CA ASN C 405 -31.81 6.92 2.16
C ASN C 405 -32.83 5.97 2.78
N LYS C 406 -34.06 6.43 3.02
CA LYS C 406 -35.12 5.59 3.55
C LYS C 406 -36.19 5.41 2.48
N GLY C 407 -36.54 4.16 2.21
CA GLY C 407 -37.45 3.83 1.13
C GLY C 407 -36.77 3.53 -0.19
N VAL C 408 -35.50 3.92 -0.33
CA VAL C 408 -34.68 3.61 -1.51
C VAL C 408 -33.38 3.02 -1.01
N ASP C 409 -32.91 1.96 -1.67
CA ASP C 409 -31.71 1.26 -1.23
C ASP C 409 -30.64 1.10 -2.29
N THR C 410 -30.95 1.30 -3.58
CA THR C 410 -29.95 1.13 -4.62
C THR C 410 -30.26 2.11 -5.75
N VAL C 411 -29.21 2.54 -6.45
CA VAL C 411 -29.35 3.44 -7.59
C VAL C 411 -28.47 2.89 -8.72
N SER C 412 -29.08 2.62 -9.87
CA SER C 412 -28.37 2.12 -11.04
C SER C 412 -28.45 3.16 -12.14
N VAL C 413 -27.28 3.58 -12.63
CA VAL C 413 -27.19 4.53 -13.74
C VAL C 413 -26.50 3.82 -14.90
N GLY C 414 -27.17 3.79 -16.04
CA GLY C 414 -26.62 3.05 -17.17
C GLY C 414 -26.46 1.59 -16.80
N ASN C 415 -25.21 1.12 -16.81
CA ASN C 415 -24.88 -0.24 -16.42
C ASN C 415 -24.23 -0.32 -15.04
N THR C 416 -23.90 0.81 -14.42
CA THR C 416 -23.21 0.81 -13.14
C THR C 416 -24.21 0.98 -11.99
N LEU C 417 -23.81 0.54 -10.82
CA LEU C 417 -24.70 0.42 -9.67
C LEU C 417 -24.00 0.93 -8.41
N TYR C 418 -24.67 1.80 -7.66
CA TYR C 418 -24.24 2.27 -6.36
C TYR C 418 -25.35 2.07 -5.35
N CYS C 419 -25.02 2.22 -4.07
CA CYS C 419 -26.01 2.12 -3.02
C CYS C 419 -26.47 3.51 -2.58
N VAL C 420 -27.27 3.52 -1.53
CA VAL C 420 -27.42 4.68 -0.66
C VAL C 420 -27.23 4.19 0.77
N ASN C 421 -26.35 4.85 1.51
CA ASN C 421 -26.04 4.41 2.87
C ASN C 421 -27.27 4.54 3.76
N LYS C 422 -27.44 3.56 4.64
CA LYS C 422 -28.62 3.49 5.51
C LYS C 422 -28.42 4.26 6.81
N GLN C 423 -27.59 5.29 6.81
CA GLN C 423 -27.37 6.09 8.00
C GLN C 423 -28.67 6.77 8.43
N GLU C 424 -28.88 6.84 9.73
CA GLU C 424 -30.12 7.37 10.29
C GLU C 424 -29.96 8.86 10.59
N GLY C 425 -30.87 9.67 10.07
CA GLY C 425 -30.83 11.09 10.30
C GLY C 425 -31.77 11.87 9.40
N GLN C 426 -32.14 13.08 9.82
CA GLN C 426 -33.04 13.90 9.03
C GLN C 426 -32.36 14.37 7.75
N SER C 427 -33.09 14.28 6.64
CA SER C 427 -32.63 14.79 5.36
C SER C 427 -33.68 15.74 4.82
N LEU C 428 -33.24 16.94 4.41
CA LEU C 428 -34.14 17.98 3.93
C LEU C 428 -33.88 18.25 2.45
N TYR C 429 -34.94 18.16 1.65
CA TYR C 429 -34.86 18.52 0.24
C TYR C 429 -35.30 19.97 0.08
N VAL C 430 -34.48 20.77 -0.58
CA VAL C 430 -34.73 22.18 -0.77
C VAL C 430 -34.95 22.44 -2.26
N LYS C 431 -36.08 23.07 -2.59
CA LYS C 431 -36.38 23.39 -3.98
C LYS C 431 -35.54 24.58 -4.41
N GLY C 432 -34.67 24.36 -5.40
CA GLY C 432 -33.81 25.41 -5.89
C GLY C 432 -33.71 25.45 -7.40
N GLU C 433 -33.94 26.63 -7.98
CA GLU C 433 -33.84 26.76 -9.43
C GLU C 433 -32.40 26.55 -9.87
N PRO C 434 -32.17 25.84 -10.98
CA PRO C 434 -30.79 25.54 -11.41
C PRO C 434 -30.04 26.81 -11.75
N ILE C 435 -28.88 26.97 -11.11
CA ILE C 435 -28.05 28.15 -11.35
C ILE C 435 -27.47 28.13 -12.76
N ILE C 436 -27.34 26.94 -13.35
CA ILE C 436 -26.83 26.84 -14.72
C ILE C 436 -27.78 27.50 -15.71
N ASN C 437 -29.05 27.68 -15.35
CA ASN C 437 -29.99 28.33 -16.24
C ASN C 437 -29.62 29.79 -16.50
N PHE C 438 -29.15 30.49 -15.47
CA PHE C 438 -28.79 31.90 -15.62
C PHE C 438 -27.56 32.12 -16.46
N TYR C 439 -26.81 31.07 -16.77
CA TYR C 439 -25.58 31.18 -17.56
C TYR C 439 -25.86 30.77 -19.00
N ASP C 440 -25.59 31.67 -19.93
CA ASP C 440 -25.83 31.39 -21.34
C ASP C 440 -24.79 30.42 -21.87
N PRO C 441 -25.19 29.34 -22.56
CA PRO C 441 -24.21 28.36 -23.04
C PRO C 441 -23.18 28.93 -24.00
N LEU C 442 -23.56 29.90 -24.83
CA LEU C 442 -22.63 30.43 -25.82
C LEU C 442 -21.44 31.11 -25.17
N VAL C 443 -21.68 31.88 -24.09
CA VAL C 443 -20.62 32.60 -23.40
C VAL C 443 -20.09 31.85 -22.19
N PHE C 444 -20.65 30.68 -21.88
CA PHE C 444 -20.19 29.91 -20.73
C PHE C 444 -18.78 29.40 -20.97
N PRO C 445 -17.90 29.48 -19.98
CA PRO C 445 -16.53 28.95 -20.15
C PRO C 445 -16.52 27.42 -20.16
N SER C 446 -15.40 26.88 -20.59
CA SER C 446 -15.23 25.43 -20.71
C SER C 446 -13.96 24.99 -19.99
N ASP C 447 -13.95 23.72 -19.60
CA ASP C 447 -12.83 23.00 -19.01
C ASP C 447 -12.02 23.82 -18.02
N GLU C 448 -12.69 24.61 -17.18
CA GLU C 448 -12.02 25.41 -16.17
C GLU C 448 -11.87 24.58 -14.90
N PHE C 449 -10.62 24.35 -14.49
CA PHE C 449 -10.37 23.45 -13.37
C PHE C 449 -10.94 23.99 -12.07
N ASP C 450 -10.76 25.28 -11.80
CA ASP C 450 -11.21 25.87 -10.54
C ASP C 450 -11.46 27.36 -10.79
N ALA C 451 -12.73 27.72 -10.93
CA ALA C 451 -13.14 29.10 -11.14
C ALA C 451 -13.70 29.68 -9.85
N SER C 452 -14.25 30.89 -9.95
CA SER C 452 -14.97 31.52 -8.86
C SER C 452 -16.07 32.39 -9.45
N ILE C 453 -17.12 32.61 -8.66
CA ILE C 453 -18.27 33.35 -9.16
C ILE C 453 -17.87 34.73 -9.64
N SER C 454 -16.98 35.41 -8.90
CA SER C 454 -16.44 36.66 -9.40
C SER C 454 -15.62 36.44 -10.67
N GLN C 455 -14.80 35.39 -10.70
CA GLN C 455 -14.02 35.09 -11.90
C GLN C 455 -14.92 34.78 -13.09
N VAL C 456 -15.94 33.94 -12.87
CA VAL C 456 -16.84 33.59 -13.96
C VAL C 456 -17.60 34.83 -14.44
N ASN C 457 -18.09 35.66 -13.52
CA ASN C 457 -18.84 36.82 -13.96
C ASN C 457 -17.94 37.85 -14.64
N GLU C 458 -16.67 37.97 -14.23
CA GLU C 458 -15.79 38.93 -14.89
C GLU C 458 -15.39 38.44 -16.27
N LYS C 459 -15.18 37.13 -16.46
CA LYS C 459 -14.90 36.64 -17.80
C LYS C 459 -16.15 36.69 -18.67
N ILE C 460 -17.33 36.52 -18.08
CA ILE C 460 -18.57 36.73 -18.82
C ILE C 460 -18.69 38.18 -19.26
N ASN C 461 -18.35 39.11 -18.38
CA ASN C 461 -18.36 40.52 -18.73
C ASN C 461 -17.35 40.82 -19.83
N GLN C 462 -16.19 40.16 -19.80
CA GLN C 462 -15.21 40.34 -20.86
C GLN C 462 -15.73 39.83 -22.19
N SER C 463 -16.39 38.67 -22.19
CA SER C 463 -16.97 38.14 -23.43
C SER C 463 -18.09 39.05 -23.94
N LEU C 464 -18.92 39.57 -23.04
CA LEU C 464 -19.95 40.52 -23.44
C LEU C 464 -19.34 41.81 -23.96
N ALA C 465 -18.21 42.23 -23.41
CA ALA C 465 -17.49 43.38 -23.97
C ALA C 465 -16.99 43.06 -25.37
N PHE C 466 -16.54 41.83 -25.60
CA PHE C 466 -16.11 41.43 -26.94
C PHE C 466 -17.28 41.48 -27.92
N ILE C 467 -18.44 40.97 -27.51
CA ILE C 467 -19.58 41.01 -28.42
C ILE C 467 -20.05 42.46 -28.62
N ARG C 468 -19.93 43.30 -27.60
CA ARG C 468 -20.24 44.71 -27.76
C ARG C 468 -19.27 45.38 -28.73
N LYS C 469 -17.99 44.99 -28.69
CA LYS C 469 -17.02 45.52 -29.63
C LYS C 469 -17.34 45.09 -31.06
N SER C 470 -17.76 43.83 -31.24
CA SER C 470 -18.16 43.39 -32.57
C SER C 470 -19.41 44.14 -33.04
N ASP C 471 -20.32 44.45 -32.11
CA ASP C 471 -21.46 45.29 -32.44
C ASP C 471 -21.00 46.69 -32.85
N GLU C 472 -20.02 47.24 -32.15
CA GLU C 472 -19.44 48.52 -32.54
C GLU C 472 -18.86 48.44 -33.94
N LEU C 473 -18.22 47.32 -34.27
CA LEU C 473 -17.64 47.15 -35.60
C LEU C 473 -18.73 47.09 -36.68
N LEU C 474 -19.77 46.28 -36.45
CA LEU C 474 -20.84 46.14 -37.48
C LEU C 474 -21.55 47.49 -37.63
N SER C 475 -21.64 48.27 -36.55
CA SER C 475 -22.19 49.62 -36.66
C SER C 475 -21.23 50.53 -37.43
N ALA C 476 -19.93 50.35 -37.22
CA ALA C 476 -18.93 51.11 -37.97
C ALA C 476 -18.91 50.73 -39.45
N ILE C 477 -19.50 49.59 -39.80
CA ILE C 477 -19.75 49.30 -41.22
C ILE C 477 -20.60 50.40 -41.82
N GLY C 478 -21.59 50.88 -41.07
CA GLY C 478 -22.30 52.11 -41.36
C GLY C 478 -21.72 53.27 -40.58
N GLY C 479 -22.54 54.28 -40.36
CA GLY C 479 -22.12 55.42 -39.56
C GLY C 479 -21.15 56.34 -40.30
N TYR C 480 -19.96 55.83 -40.59
CA TYR C 480 -18.94 56.56 -41.35
C TYR C 480 -18.57 57.88 -40.69
N ASP D 1 39.06 -12.79 -14.15
CA ASP D 1 39.51 -11.44 -13.89
C ASP D 1 40.38 -10.93 -15.04
N ILE D 2 40.47 -9.60 -15.18
CA ILE D 2 41.32 -9.01 -16.19
C ILE D 2 42.77 -9.23 -15.81
N VAL D 3 43.54 -9.79 -16.75
CA VAL D 3 44.94 -10.14 -16.51
C VAL D 3 45.83 -9.01 -16.99
N MET D 4 46.88 -8.72 -16.23
CA MET D 4 47.82 -7.67 -16.54
C MET D 4 49.05 -8.28 -17.20
N THR D 5 49.49 -7.73 -18.33
CA THR D 5 50.68 -8.21 -19.01
C THR D 5 51.62 -7.02 -19.23
N GLN D 6 52.67 -6.94 -18.43
CA GLN D 6 53.63 -5.84 -18.51
C GLN D 6 54.98 -6.36 -18.99
N SER D 7 55.63 -5.57 -19.83
CA SER D 7 56.89 -5.93 -20.46
C SER D 7 57.81 -4.72 -20.48
N PRO D 8 59.13 -4.93 -20.39
CA PRO D 8 59.82 -6.22 -20.20
C PRO D 8 59.87 -6.63 -18.72
N SER D 9 60.21 -7.88 -18.43
CA SER D 9 60.35 -8.30 -17.03
C SER D 9 61.46 -7.52 -16.34
N SER D 10 62.59 -7.31 -17.02
CA SER D 10 63.68 -6.50 -16.51
C SER D 10 64.15 -5.58 -17.63
N LEU D 11 64.60 -4.39 -17.23
CA LEU D 11 65.05 -3.36 -18.18
C LEU D 11 66.29 -2.69 -17.59
N ALA D 12 67.46 -3.19 -17.95
CA ALA D 12 68.71 -2.55 -17.56
C ALA D 12 68.92 -1.28 -18.37
N VAL D 13 69.48 -0.26 -17.73
CA VAL D 13 69.66 1.04 -18.37
C VAL D 13 70.76 1.79 -17.63
N SER D 14 71.31 2.81 -18.26
CA SER D 14 72.28 3.70 -17.66
C SER D 14 71.62 5.04 -17.33
N ALA D 15 72.19 5.72 -16.33
CA ALA D 15 71.59 6.97 -15.85
C ALA D 15 71.52 8.00 -16.96
N GLY D 16 70.40 8.71 -17.03
CA GLY D 16 70.18 9.73 -18.02
C GLY D 16 69.55 9.26 -19.31
N GLU D 17 69.39 7.95 -19.49
CA GLU D 17 68.78 7.41 -20.71
C GLU D 17 67.26 7.47 -20.60
N LYS D 18 66.57 6.79 -21.50
CA LYS D 18 65.11 6.75 -21.53
C LYS D 18 64.64 5.32 -21.37
N VAL D 19 63.64 5.13 -20.51
CA VAL D 19 63.09 3.81 -20.19
C VAL D 19 61.60 3.83 -20.51
N THR D 20 61.13 2.80 -21.22
CA THR D 20 59.72 2.68 -21.57
C THR D 20 59.26 1.26 -21.29
N MET D 21 58.18 1.12 -20.53
CA MET D 21 57.56 -0.17 -20.26
C MET D 21 56.11 -0.13 -20.72
N SER D 22 55.60 -1.30 -21.15
CA SER D 22 54.28 -1.39 -21.75
C SER D 22 53.41 -2.35 -20.94
N CYS D 23 52.18 -1.91 -20.64
CA CYS D 23 51.21 -2.73 -19.93
C CYS D 23 49.98 -2.92 -20.79
N LYS D 24 49.52 -4.17 -20.89
CA LYS D 24 48.38 -4.55 -21.70
C LYS D 24 47.35 -5.25 -20.84
N SER D 25 46.08 -5.04 -21.16
CA SER D 25 44.96 -5.59 -20.42
C SER D 25 44.21 -6.59 -21.28
N SER D 26 43.70 -7.65 -20.65
CA SER D 26 42.92 -8.65 -21.37
C SER D 26 41.66 -8.03 -21.96
N GLN D 27 40.97 -7.20 -21.18
CA GLN D 27 39.76 -6.52 -21.63
C GLN D 27 39.89 -5.02 -21.37
N SER D 28 39.04 -4.25 -22.04
CA SER D 28 39.08 -2.80 -21.92
C SER D 28 38.83 -2.37 -20.48
N VAL D 29 39.66 -1.45 -20.00
CA VAL D 29 39.57 -0.95 -18.63
C VAL D 29 38.88 0.41 -18.57
N LEU D 30 38.08 0.73 -19.58
CA LEU D 30 37.35 1.99 -19.60
C LEU D 30 36.01 1.85 -18.89
N ASN D 31 35.58 2.94 -18.25
CA ASN D 31 34.30 3.00 -17.57
C ASN D 31 33.34 3.89 -18.36
N SER D 32 32.13 3.39 -18.56
CA SER D 32 31.12 4.15 -19.29
C SER D 32 30.44 5.21 -18.43
N SER D 33 30.66 5.20 -17.12
CA SER D 33 30.02 6.19 -16.25
C SER D 33 30.78 7.51 -16.26
N ASN D 34 32.04 7.48 -15.82
CA ASN D 34 32.86 8.68 -15.75
C ASN D 34 33.76 8.87 -16.97
N GLN D 35 33.69 7.96 -17.94
CA GLN D 35 34.50 8.03 -19.17
C GLN D 35 35.99 8.11 -18.84
N LYS D 36 36.43 7.28 -17.90
CA LYS D 36 37.82 7.23 -17.48
C LYS D 36 38.38 5.83 -17.70
N ASN D 37 39.69 5.70 -17.51
CA ASN D 37 40.39 4.43 -17.63
C ASN D 37 41.07 4.13 -16.30
N TYR D 38 40.80 2.95 -15.74
CA TYR D 38 41.18 2.62 -14.37
C TYR D 38 42.45 1.77 -14.37
N LEU D 39 43.59 2.43 -14.59
CA LEU D 39 44.88 1.79 -14.41
C LEU D 39 45.83 2.74 -13.70
N ALA D 40 46.63 2.17 -12.80
CA ALA D 40 47.58 2.92 -11.99
C ALA D 40 48.95 2.26 -12.05
N TRP D 41 49.97 3.10 -12.14
CA TRP D 41 51.36 2.67 -12.09
C TRP D 41 51.91 2.95 -10.70
N TYR D 42 52.50 1.92 -10.08
CA TYR D 42 53.08 1.98 -8.76
C TYR D 42 54.57 1.66 -8.84
N GLN D 43 55.37 2.34 -8.02
CA GLN D 43 56.79 2.11 -7.93
C GLN D 43 57.14 1.60 -6.54
N GLN D 44 57.87 0.50 -6.47
CA GLN D 44 58.26 -0.12 -5.20
C GLN D 44 59.78 -0.19 -5.14
N LYS D 45 60.38 0.63 -4.30
CA LYS D 45 61.80 0.53 -4.05
C LYS D 45 62.08 -0.67 -3.14
N PRO D 46 63.28 -1.24 -3.21
CA PRO D 46 63.58 -2.42 -2.38
C PRO D 46 63.42 -2.10 -0.89
N GLY D 47 62.83 -3.05 -0.17
CA GLY D 47 62.58 -2.86 1.25
C GLY D 47 61.61 -1.76 1.59
N GLN D 48 60.81 -1.32 0.61
CA GLN D 48 59.88 -0.22 0.80
C GLN D 48 58.51 -0.60 0.25
N SER D 49 57.47 -0.03 0.85
CA SER D 49 56.12 -0.25 0.35
C SER D 49 55.93 0.48 -0.98
N PRO D 50 55.01 -0.01 -1.82
CA PRO D 50 54.79 0.66 -3.11
C PRO D 50 54.33 2.10 -2.94
N LYS D 51 54.77 2.94 -3.87
CA LYS D 51 54.39 4.34 -3.90
C LYS D 51 53.54 4.58 -5.14
N LEU D 52 52.34 5.13 -4.94
CA LEU D 52 51.45 5.42 -6.06
C LEU D 52 52.10 6.45 -6.95
N LEU D 53 52.49 6.05 -8.17
CA LEU D 53 53.08 6.99 -9.12
C LEU D 53 52.00 7.71 -9.92
N ILE D 54 51.19 6.96 -10.66
CA ILE D 54 50.19 7.54 -11.55
C ILE D 54 48.91 6.72 -11.46
N TYR D 55 47.78 7.38 -11.73
CA TYR D 55 46.53 6.70 -12.00
C TYR D 55 45.93 7.27 -13.28
N TRP D 56 45.16 6.43 -13.99
CA TRP D 56 44.67 6.70 -15.34
C TRP D 56 45.81 6.75 -16.35
N ALA D 57 47.02 6.40 -15.95
CA ALA D 57 48.24 6.50 -16.75
C ALA D 57 48.55 7.92 -17.17
N SER D 58 47.78 8.90 -16.70
CA SER D 58 47.95 10.30 -17.08
C SER D 58 48.23 11.20 -15.89
N THR D 59 47.45 11.09 -14.82
CA THR D 59 47.57 11.99 -13.68
C THR D 59 48.43 11.35 -12.60
N ARG D 60 49.54 12.01 -12.27
CA ARG D 60 50.43 11.52 -11.24
C ARG D 60 49.89 11.83 -9.85
N GLU D 61 50.36 11.08 -8.86
CA GLU D 61 50.03 11.38 -7.48
C GLU D 61 50.82 12.59 -7.02
N SER D 62 50.27 13.31 -6.04
CA SER D 62 50.93 14.47 -5.49
C SER D 62 52.22 14.06 -4.78
N GLY D 63 53.30 14.80 -5.04
CA GLY D 63 54.58 14.55 -4.41
C GLY D 63 55.50 13.60 -5.15
N VAL D 64 55.21 13.30 -6.41
CA VAL D 64 56.07 12.41 -7.19
C VAL D 64 56.81 13.22 -8.24
N PRO D 65 58.00 12.78 -8.67
CA PRO D 65 58.74 13.55 -9.67
C PRO D 65 58.04 13.57 -11.02
N ASP D 66 58.36 14.60 -11.81
CA ASP D 66 57.73 14.80 -13.10
C ASP D 66 58.35 13.94 -14.21
N ARG D 67 59.42 13.22 -13.93
CA ARG D 67 60.05 12.39 -14.95
C ARG D 67 59.18 11.20 -15.35
N PHE D 68 58.23 10.79 -14.51
CA PHE D 68 57.32 9.70 -14.81
C PHE D 68 56.00 10.30 -15.32
N THR D 69 55.74 10.14 -16.61
CA THR D 69 54.46 10.56 -17.19
C THR D 69 54.20 9.68 -18.41
N GLY D 70 53.40 8.63 -18.23
CA GLY D 70 53.02 7.75 -19.30
C GLY D 70 51.74 8.19 -19.97
N SER D 71 51.24 7.33 -20.86
CA SER D 71 49.98 7.56 -21.54
C SER D 71 49.55 6.27 -22.22
N GLY D 72 48.29 6.24 -22.65
CA GLY D 72 47.78 5.09 -23.34
C GLY D 72 46.28 5.19 -23.52
N SER D 73 45.72 4.16 -24.15
CA SER D 73 44.30 4.12 -24.42
C SER D 73 43.85 2.67 -24.50
N GLY D 74 42.54 2.47 -24.27
CA GLY D 74 41.94 1.17 -24.44
C GLY D 74 42.57 0.08 -23.60
N THR D 75 43.32 -0.81 -24.24
CA THR D 75 43.99 -1.91 -23.58
C THR D 75 45.51 -1.80 -23.62
N ASP D 76 46.06 -0.73 -24.20
CA ASP D 76 47.50 -0.57 -24.33
C ASP D 76 47.92 0.73 -23.65
N PHE D 77 48.84 0.63 -22.68
CA PHE D 77 49.38 1.79 -21.99
C PHE D 77 50.88 1.65 -21.89
N THR D 78 51.56 2.79 -21.75
CA THR D 78 53.02 2.81 -21.68
C THR D 78 53.47 3.86 -20.68
N LEU D 79 54.46 3.50 -19.87
CA LEU D 79 55.09 4.40 -18.92
C LEU D 79 56.50 4.70 -19.39
N THR D 80 56.85 5.98 -19.42
CA THR D 80 58.15 6.45 -19.88
C THR D 80 58.80 7.31 -18.80
N ILE D 81 60.08 7.05 -18.55
CA ILE D 81 60.88 7.83 -17.62
C ILE D 81 61.77 8.76 -18.43
N SER D 82 61.51 10.07 -18.32
CA SER D 82 62.26 11.03 -19.13
C SER D 82 63.73 11.07 -18.76
N SER D 83 64.05 11.04 -17.47
CA SER D 83 65.43 11.15 -16.99
C SER D 83 65.64 10.11 -15.90
N VAL D 84 66.21 8.96 -16.29
CA VAL D 84 66.49 7.91 -15.32
C VAL D 84 67.51 8.39 -14.30
N GLN D 85 67.26 8.10 -13.04
CA GLN D 85 68.14 8.47 -11.94
C GLN D 85 68.68 7.23 -11.26
N ALA D 86 69.85 7.39 -10.63
CA ALA D 86 70.46 6.27 -9.92
C ALA D 86 69.65 5.84 -8.71
N GLU D 87 68.87 6.75 -8.13
CA GLU D 87 68.04 6.42 -6.98
C GLU D 87 66.71 5.80 -7.37
N ASP D 88 66.35 5.83 -8.66
CA ASP D 88 65.08 5.23 -9.11
C ASP D 88 65.27 3.77 -9.52
N LEU D 89 65.86 2.98 -8.62
CA LEU D 89 66.04 1.56 -8.83
C LEU D 89 64.92 0.84 -8.09
N ALA D 90 63.85 0.50 -8.82
CA ALA D 90 62.64 -0.01 -8.20
C ALA D 90 61.91 -0.90 -9.18
N VAL D 91 60.96 -1.68 -8.65
CA VAL D 91 60.10 -2.54 -9.46
C VAL D 91 58.78 -1.83 -9.67
N TYR D 92 58.30 -1.82 -10.92
CA TYR D 92 57.14 -1.04 -11.30
C TYR D 92 55.99 -1.96 -11.68
N TYR D 93 54.82 -1.70 -11.10
CA TYR D 93 53.64 -2.53 -11.30
C TYR D 93 52.53 -1.70 -11.95
N CYS D 94 51.88 -2.28 -12.97
CA CYS D 94 50.66 -1.71 -13.52
C CYS D 94 49.47 -2.47 -12.96
N HIS D 95 48.43 -1.73 -12.58
CA HIS D 95 47.34 -2.28 -11.80
C HIS D 95 46.01 -1.77 -12.31
N GLN D 96 45.04 -2.66 -12.43
CA GLN D 96 43.68 -2.32 -12.84
C GLN D 96 42.74 -2.49 -11.65
N TYR D 97 41.80 -1.57 -11.52
CA TYR D 97 40.83 -1.60 -10.42
C TYR D 97 39.44 -1.29 -10.93
N LEU D 98 39.06 -1.89 -12.06
CA LEU D 98 37.73 -1.73 -12.62
C LEU D 98 36.79 -2.85 -12.20
N TYR D 99 37.09 -4.10 -12.60
CA TYR D 99 36.23 -5.22 -12.29
C TYR D 99 36.76 -6.07 -11.14
N SER D 100 38.03 -5.91 -10.81
CA SER D 100 38.68 -6.56 -9.67
C SER D 100 40.00 -5.81 -9.47
N TYR D 101 40.85 -6.34 -8.61
CA TYR D 101 42.15 -5.74 -8.33
C TYR D 101 43.24 -6.75 -8.61
N THR D 102 44.10 -6.45 -9.58
CA THR D 102 45.17 -7.34 -9.99
C THR D 102 46.40 -6.52 -10.36
N PHE D 103 47.54 -7.19 -10.39
CA PHE D 103 48.81 -6.53 -10.65
C PHE D 103 49.60 -7.31 -11.70
N GLY D 104 50.53 -6.61 -12.36
CA GLY D 104 51.38 -7.23 -13.34
C GLY D 104 52.55 -7.97 -12.72
N GLY D 105 53.42 -8.47 -13.60
CA GLY D 105 54.58 -9.21 -13.13
C GLY D 105 55.57 -8.35 -12.37
N GLY D 106 55.86 -7.16 -12.88
CA GLY D 106 56.82 -6.28 -12.25
C GLY D 106 58.03 -5.99 -13.12
N THR D 107 58.12 -4.77 -13.63
CA THR D 107 59.24 -4.36 -14.46
C THR D 107 60.40 -3.90 -13.59
N ARG D 108 61.57 -4.49 -13.81
CA ARG D 108 62.74 -4.23 -12.98
C ARG D 108 63.71 -3.31 -13.72
N LEU D 109 64.17 -2.26 -13.02
CA LEU D 109 65.12 -1.31 -13.57
C LEU D 109 66.44 -1.43 -12.80
N GLU D 110 67.53 -1.56 -13.54
CA GLU D 110 68.87 -1.65 -12.95
C GLU D 110 69.78 -0.63 -13.61
N ILE D 111 70.43 0.19 -12.80
CA ILE D 111 71.30 1.24 -13.33
C ILE D 111 72.66 0.64 -13.69
N LYS D 112 73.40 1.37 -14.53
CA LYS D 112 74.72 0.95 -14.95
C LYS D 112 75.56 2.14 -15.40
N ASP E 1 -32.41 -28.29 -7.12
CA ASP E 1 -31.97 -28.18 -8.50
C ASP E 1 -33.17 -28.14 -9.45
N ILE E 2 -32.92 -27.70 -10.69
CA ILE E 2 -33.96 -27.69 -11.70
C ILE E 2 -34.32 -29.12 -12.08
N VAL E 3 -35.61 -29.43 -12.10
CA VAL E 3 -36.10 -30.77 -12.39
C VAL E 3 -36.64 -30.79 -13.81
N MET E 4 -36.28 -31.84 -14.55
CA MET E 4 -36.73 -32.01 -15.93
C MET E 4 -37.98 -32.87 -15.95
N THR E 5 -39.00 -32.43 -16.69
CA THR E 5 -40.22 -33.22 -16.84
C THR E 5 -40.49 -33.41 -18.32
N GLN E 6 -40.25 -34.62 -18.82
CA GLN E 6 -40.44 -34.93 -20.23
C GLN E 6 -41.60 -35.90 -20.41
N SER E 7 -42.38 -35.66 -21.46
CA SER E 7 -43.56 -36.45 -21.77
C SER E 7 -43.60 -36.72 -23.26
N PRO E 8 -44.14 -37.87 -23.67
CA PRO E 8 -44.64 -38.97 -22.84
C PRO E 8 -43.52 -39.89 -22.38
N SER E 9 -43.78 -40.78 -21.41
CA SER E 9 -42.76 -41.73 -20.99
C SER E 9 -42.37 -42.67 -22.13
N SER E 10 -43.36 -43.14 -22.89
CA SER E 10 -43.12 -43.94 -24.07
C SER E 10 -43.98 -43.41 -25.22
N LEU E 11 -43.45 -43.52 -26.44
CA LEU E 11 -44.14 -43.02 -27.63
C LEU E 11 -43.99 -44.07 -28.73
N ALA E 12 -44.96 -44.99 -28.79
CA ALA E 12 -45.01 -45.95 -29.89
C ALA E 12 -45.47 -45.25 -31.17
N VAL E 13 -44.88 -45.64 -32.29
CA VAL E 13 -45.15 -45.00 -33.57
C VAL E 13 -44.78 -45.96 -34.69
N SER E 14 -45.29 -45.69 -35.88
CA SER E 14 -44.95 -46.45 -37.07
C SER E 14 -44.02 -45.63 -37.95
N ALA E 15 -43.20 -46.33 -38.74
CA ALA E 15 -42.19 -45.67 -39.55
C ALA E 15 -42.83 -44.70 -40.52
N GLY E 16 -42.23 -43.51 -40.64
CA GLY E 16 -42.72 -42.47 -41.51
C GLY E 16 -43.69 -41.49 -40.88
N GLU E 17 -44.14 -41.77 -39.66
CA GLU E 17 -45.07 -40.88 -38.97
C GLU E 17 -44.30 -39.73 -38.31
N LYS E 18 -44.97 -38.97 -37.45
CA LYS E 18 -44.37 -37.84 -36.77
C LYS E 18 -44.43 -38.06 -35.26
N VAL E 19 -43.32 -37.75 -34.58
CA VAL E 19 -43.19 -37.93 -33.14
C VAL E 19 -42.82 -36.58 -32.53
N THR E 20 -43.54 -36.20 -31.47
CA THR E 20 -43.28 -34.96 -30.76
C THR E 20 -43.23 -35.23 -29.26
N MET E 21 -42.15 -34.82 -28.62
CA MET E 21 -41.98 -34.95 -27.18
C MET E 21 -41.71 -33.59 -26.55
N SER E 22 -42.22 -33.41 -25.33
CA SER E 22 -42.20 -32.11 -24.67
C SER E 22 -41.42 -32.19 -23.36
N CYS E 23 -40.50 -31.26 -23.16
CA CYS E 23 -39.72 -31.16 -21.93
C CYS E 23 -39.99 -29.82 -21.26
N LYS E 24 -40.21 -29.87 -19.95
CA LYS E 24 -40.52 -28.70 -19.15
C LYS E 24 -39.52 -28.58 -18.01
N SER E 25 -39.19 -27.33 -17.66
CA SER E 25 -38.20 -27.02 -16.64
C SER E 25 -38.88 -26.38 -15.44
N SER E 26 -38.36 -26.66 -14.25
CA SER E 26 -38.95 -26.12 -13.02
C SER E 26 -38.88 -24.60 -13.00
N GLN E 27 -37.71 -24.03 -13.31
CA GLN E 27 -37.57 -22.60 -13.50
C GLN E 27 -36.99 -22.32 -14.87
N SER E 28 -36.88 -21.04 -15.21
CA SER E 28 -36.36 -20.65 -16.52
C SER E 28 -34.89 -21.03 -16.66
N VAL E 29 -34.54 -21.57 -17.82
CA VAL E 29 -33.18 -21.99 -18.10
C VAL E 29 -32.47 -20.97 -18.99
N LEU E 30 -32.96 -19.73 -19.02
CA LEU E 30 -32.32 -18.69 -19.81
C LEU E 30 -31.15 -18.10 -19.06
N ASN E 31 -30.15 -17.66 -19.82
CA ASN E 31 -28.95 -17.03 -19.29
C ASN E 31 -28.93 -15.56 -19.65
N SER E 32 -28.78 -14.69 -18.65
CA SER E 32 -28.77 -13.26 -18.90
C SER E 32 -27.43 -12.76 -19.46
N SER E 33 -26.41 -13.61 -19.48
CA SER E 33 -25.10 -13.18 -19.98
C SER E 33 -25.04 -13.23 -21.51
N ASN E 34 -25.21 -14.42 -22.08
CA ASN E 34 -25.18 -14.60 -23.52
C ASN E 34 -26.56 -14.55 -24.17
N GLN E 35 -27.61 -14.33 -23.38
CA GLN E 35 -28.98 -14.24 -23.89
C GLN E 35 -29.37 -15.50 -24.68
N LYS E 36 -29.12 -16.66 -24.07
CA LYS E 36 -29.40 -17.94 -24.71
C LYS E 36 -30.05 -18.87 -23.69
N ASN E 37 -30.36 -20.08 -24.13
CA ASN E 37 -31.06 -21.07 -23.33
C ASN E 37 -30.26 -22.36 -23.31
N TYR E 38 -30.04 -22.91 -22.12
CA TYR E 38 -29.13 -24.03 -21.92
C TYR E 38 -29.91 -25.33 -21.82
N LEU E 39 -30.40 -25.81 -22.96
CA LEU E 39 -31.08 -27.09 -23.03
C LEU E 39 -30.47 -27.94 -24.14
N ALA E 40 -30.37 -29.24 -23.89
CA ALA E 40 -29.79 -30.16 -24.85
C ALA E 40 -30.61 -31.45 -24.89
N TRP E 41 -30.88 -31.92 -26.11
CA TRP E 41 -31.53 -33.20 -26.35
C TRP E 41 -30.49 -34.22 -26.76
N TYR E 42 -30.45 -35.34 -26.03
CA TYR E 42 -29.53 -36.44 -26.28
C TYR E 42 -30.31 -37.68 -26.66
N GLN E 43 -29.77 -38.45 -27.60
CA GLN E 43 -30.36 -39.70 -28.05
C GLN E 43 -29.44 -40.85 -27.69
N GLN E 44 -29.98 -41.87 -27.02
CA GLN E 44 -29.22 -43.03 -26.59
C GLN E 44 -29.84 -44.28 -27.21
N LYS E 45 -29.13 -44.87 -28.16
CA LYS E 45 -29.53 -46.15 -28.71
C LYS E 45 -29.23 -47.26 -27.70
N PRO E 46 -29.97 -48.37 -27.75
CA PRO E 46 -29.72 -49.45 -26.80
C PRO E 46 -28.29 -49.98 -26.92
N GLY E 47 -27.67 -50.23 -25.78
CA GLY E 47 -26.30 -50.70 -25.75
C GLY E 47 -25.29 -49.71 -26.26
N GLN E 48 -25.66 -48.43 -26.36
CA GLN E 48 -24.79 -47.39 -26.90
C GLN E 48 -24.78 -46.19 -25.97
N SER E 49 -23.68 -45.46 -25.98
CA SER E 49 -23.60 -44.22 -25.21
C SER E 49 -24.47 -43.14 -25.86
N PRO E 50 -24.98 -42.20 -25.06
CA PRO E 50 -25.82 -41.14 -25.63
C PRO E 50 -25.06 -40.31 -26.66
N LYS E 51 -25.78 -39.89 -27.69
CA LYS E 51 -25.25 -39.06 -28.74
C LYS E 51 -25.93 -37.69 -28.66
N LEU E 52 -25.13 -36.63 -28.56
CA LEU E 52 -25.68 -35.29 -28.47
C LEU E 52 -26.42 -34.96 -29.76
N LEU E 53 -27.75 -34.83 -29.67
CA LEU E 53 -28.55 -34.49 -30.83
C LEU E 53 -28.61 -32.98 -31.03
N ILE E 54 -29.08 -32.26 -30.02
CA ILE E 54 -29.24 -30.81 -30.12
C ILE E 54 -28.76 -30.19 -28.81
N TYR E 55 -28.21 -28.98 -28.90
CA TYR E 55 -27.98 -28.15 -27.73
C TYR E 55 -28.55 -26.77 -28.02
N TRP E 56 -28.98 -26.08 -26.96
CA TRP E 56 -29.65 -24.78 -27.06
C TRP E 56 -31.02 -24.90 -27.71
N ALA E 57 -31.46 -26.14 -27.99
CA ALA E 57 -32.79 -26.45 -28.50
C ALA E 57 -33.01 -25.93 -29.92
N SER E 58 -31.96 -25.39 -30.52
CA SER E 58 -32.08 -24.93 -31.91
C SER E 58 -30.95 -25.42 -32.79
N THR E 59 -29.74 -25.54 -32.27
CA THR E 59 -28.57 -25.95 -33.04
C THR E 59 -28.30 -27.43 -32.81
N ARG E 60 -28.31 -28.21 -33.88
CA ARG E 60 -27.98 -29.61 -33.80
C ARG E 60 -26.47 -29.80 -33.75
N GLU E 61 -26.04 -30.97 -33.28
CA GLU E 61 -24.63 -31.31 -33.32
C GLU E 61 -24.23 -31.68 -34.73
N SER E 62 -22.95 -31.48 -35.04
CA SER E 62 -22.43 -31.84 -36.35
C SER E 62 -22.46 -33.35 -36.54
N GLY E 63 -23.00 -33.79 -37.67
CA GLY E 63 -23.08 -35.21 -37.98
C GLY E 63 -24.35 -35.89 -37.58
N VAL E 64 -25.41 -35.15 -37.25
CA VAL E 64 -26.69 -35.74 -36.87
C VAL E 64 -27.69 -35.49 -37.99
N PRO E 65 -28.70 -36.36 -38.14
CA PRO E 65 -29.67 -36.16 -39.23
C PRO E 65 -30.51 -34.92 -39.02
N ASP E 66 -31.03 -34.38 -40.14
CA ASP E 66 -31.81 -33.16 -40.12
C ASP E 66 -33.26 -33.38 -39.71
N ARG E 67 -33.69 -34.62 -39.53
CA ARG E 67 -35.07 -34.88 -39.12
C ARG E 67 -35.34 -34.40 -37.70
N PHE E 68 -34.31 -34.35 -36.85
CA PHE E 68 -34.44 -33.88 -35.48
C PHE E 68 -34.17 -32.38 -35.46
N THR E 69 -35.22 -31.58 -35.27
CA THR E 69 -35.07 -30.14 -35.11
C THR E 69 -36.21 -29.66 -34.22
N GLY E 70 -35.93 -29.52 -32.92
CA GLY E 70 -36.90 -29.02 -31.98
C GLY E 70 -36.80 -27.53 -31.78
N SER E 71 -37.69 -27.00 -30.94
CA SER E 71 -37.69 -25.58 -30.62
C SER E 71 -38.48 -25.38 -29.33
N GLY E 72 -38.30 -24.20 -28.73
CA GLY E 72 -39.01 -23.89 -27.51
C GLY E 72 -38.51 -22.57 -26.94
N SER E 73 -39.11 -22.20 -25.82
CA SER E 73 -38.75 -20.96 -25.14
C SER E 73 -39.03 -21.10 -23.66
N GLY E 74 -38.33 -20.28 -22.87
CA GLY E 74 -38.56 -20.20 -21.45
C GLY E 74 -38.40 -21.53 -20.73
N THR E 75 -39.53 -22.11 -20.32
CA THR E 75 -39.54 -23.37 -19.61
C THR E 75 -40.16 -24.51 -20.41
N ASP E 76 -40.59 -24.27 -21.64
CA ASP E 76 -41.27 -25.27 -22.45
C ASP E 76 -40.52 -25.48 -23.76
N PHE E 77 -40.12 -26.71 -24.03
CA PHE E 77 -39.41 -27.05 -25.26
C PHE E 77 -40.01 -28.32 -25.84
N THR E 78 -39.90 -28.48 -27.16
CA THR E 78 -40.45 -29.64 -27.83
C THR E 78 -39.48 -30.10 -28.92
N LEU E 79 -39.29 -31.42 -29.01
CA LEU E 79 -38.49 -32.03 -30.05
C LEU E 79 -39.41 -32.85 -30.97
N THR E 80 -39.30 -32.60 -32.26
CA THR E 80 -40.14 -33.25 -33.27
C THR E 80 -39.26 -33.96 -34.29
N ILE E 81 -39.61 -35.20 -34.61
CA ILE E 81 -38.94 -35.99 -35.63
C ILE E 81 -39.82 -35.96 -36.87
N SER E 82 -39.34 -35.32 -37.94
CA SER E 82 -40.13 -35.18 -39.15
C SER E 82 -40.39 -36.53 -39.82
N SER E 83 -39.37 -37.37 -39.89
CA SER E 83 -39.47 -38.67 -40.57
C SER E 83 -38.90 -39.74 -39.65
N VAL E 84 -39.77 -40.42 -38.91
CA VAL E 84 -39.33 -41.49 -38.01
C VAL E 84 -38.80 -42.65 -38.83
N GLN E 85 -37.61 -43.12 -38.48
CA GLN E 85 -36.98 -44.25 -39.14
C GLN E 85 -37.00 -45.48 -38.24
N ALA E 86 -36.81 -46.64 -38.86
CA ALA E 86 -36.77 -47.89 -38.12
C ALA E 86 -35.49 -48.05 -37.31
N GLU E 87 -34.41 -47.37 -37.71
CA GLU E 87 -33.16 -47.43 -36.98
C GLU E 87 -33.08 -46.42 -35.84
N ASP E 88 -34.02 -45.49 -35.76
CA ASP E 88 -34.05 -44.50 -34.69
C ASP E 88 -34.89 -44.98 -33.50
N LEU E 89 -34.60 -46.19 -33.03
CA LEU E 89 -35.25 -46.76 -31.86
C LEU E 89 -34.33 -46.52 -30.67
N ALA E 90 -34.57 -45.43 -29.94
CA ALA E 90 -33.66 -45.00 -28.90
C ALA E 90 -34.44 -44.23 -27.84
N VAL E 91 -33.80 -44.04 -26.69
CA VAL E 91 -34.37 -43.28 -25.58
C VAL E 91 -33.80 -41.86 -25.62
N TYR E 92 -34.67 -40.87 -25.47
CA TYR E 92 -34.29 -39.47 -25.66
C TYR E 92 -34.41 -38.73 -24.33
N TYR E 93 -33.35 -38.01 -23.97
CA TYR E 93 -33.27 -37.27 -22.72
C TYR E 93 -33.15 -35.78 -23.00
N CYS E 94 -33.88 -34.99 -22.22
CA CYS E 94 -33.69 -33.53 -22.21
C CYS E 94 -32.88 -33.16 -20.97
N HIS E 95 -31.94 -32.22 -21.15
CA HIS E 95 -30.93 -31.94 -20.15
C HIS E 95 -30.70 -30.44 -20.05
N GLN E 96 -30.51 -29.97 -18.82
CA GLN E 96 -30.20 -28.57 -18.56
C GLN E 96 -28.83 -28.50 -17.89
N TYR E 97 -28.05 -27.48 -18.26
CA TYR E 97 -26.72 -27.30 -17.71
C TYR E 97 -26.48 -25.83 -17.36
N LEU E 98 -27.46 -25.18 -16.74
CA LEU E 98 -27.32 -23.80 -16.30
C LEU E 98 -26.90 -23.71 -14.84
N TYR E 99 -27.73 -24.20 -13.92
CA TYR E 99 -27.45 -24.10 -12.50
C TYR E 99 -26.92 -25.40 -11.92
N SER E 100 -27.10 -26.50 -12.62
CA SER E 100 -26.56 -27.81 -12.27
C SER E 100 -26.71 -28.68 -13.52
N TYR E 101 -26.45 -29.97 -13.39
CA TYR E 101 -26.59 -30.90 -14.50
C TYR E 101 -27.59 -31.99 -14.09
N THR E 102 -28.72 -32.04 -14.81
CA THR E 102 -29.78 -32.99 -14.52
C THR E 102 -30.40 -33.47 -15.82
N PHE E 103 -31.11 -34.59 -15.74
CA PHE E 103 -31.70 -35.22 -16.90
C PHE E 103 -33.15 -35.58 -16.62
N GLY E 104 -33.90 -35.85 -17.69
CA GLY E 104 -35.28 -36.24 -17.58
C GLY E 104 -35.43 -37.72 -17.29
N GLY E 105 -36.62 -38.24 -17.58
CA GLY E 105 -36.91 -39.64 -17.34
C GLY E 105 -36.54 -40.53 -18.51
N GLY E 106 -36.77 -40.06 -19.72
CA GLY E 106 -36.46 -40.83 -20.91
C GLY E 106 -37.68 -41.20 -21.74
N THR E 107 -37.82 -40.57 -22.90
CA THR E 107 -38.91 -40.85 -23.82
C THR E 107 -38.53 -42.01 -24.71
N ARG E 108 -39.33 -43.07 -24.70
CA ARG E 108 -39.05 -44.29 -25.44
C ARG E 108 -39.83 -44.30 -26.75
N LEU E 109 -39.14 -44.61 -27.84
CA LEU E 109 -39.74 -44.72 -29.16
C LEU E 109 -39.66 -46.17 -29.62
N GLU E 110 -40.80 -46.72 -30.05
CA GLU E 110 -40.86 -48.08 -30.54
C GLU E 110 -41.54 -48.09 -31.90
N ILE E 111 -40.91 -48.72 -32.88
CA ILE E 111 -41.46 -48.75 -34.24
C ILE E 111 -42.51 -49.85 -34.34
N LYS E 112 -43.30 -49.78 -35.41
CA LYS E 112 -44.35 -50.77 -35.65
C LYS E 112 -44.71 -50.82 -37.12
N ASP F 1 -0.25 18.61 39.32
CA ASP F 1 -1.61 19.04 39.01
C ASP F 1 -1.85 20.47 39.47
N ILE F 2 -2.81 21.14 38.83
CA ILE F 2 -3.16 22.51 39.22
C ILE F 2 -3.85 22.48 40.57
N VAL F 3 -3.38 23.30 41.51
CA VAL F 3 -3.84 23.30 42.89
C VAL F 3 -4.81 24.45 43.09
N MET F 4 -5.98 24.14 43.66
CA MET F 4 -6.97 25.15 43.99
C MET F 4 -6.65 25.77 45.35
N THR F 5 -6.75 27.09 45.44
CA THR F 5 -6.56 27.81 46.70
C THR F 5 -7.78 28.70 46.92
N GLN F 6 -8.64 28.31 47.86
CA GLN F 6 -9.86 29.06 48.13
C GLN F 6 -9.80 29.68 49.52
N SER F 7 -10.33 30.89 49.62
CA SER F 7 -10.31 31.67 50.85
C SER F 7 -11.64 32.38 51.03
N PRO F 8 -12.07 32.60 52.28
CA PRO F 8 -11.45 32.14 53.53
C PRO F 8 -11.82 30.71 53.86
N SER F 9 -11.12 30.08 54.82
CA SER F 9 -11.48 28.73 55.22
C SER F 9 -12.87 28.69 55.85
N SER F 10 -13.20 29.69 56.66
CA SER F 10 -14.53 29.83 57.24
C SER F 10 -15.01 31.26 57.06
N LEU F 11 -16.31 31.43 56.88
CA LEU F 11 -16.92 32.74 56.66
C LEU F 11 -18.24 32.80 57.44
N ALA F 12 -18.16 33.29 58.66
CA ALA F 12 -19.36 33.52 59.45
C ALA F 12 -20.08 34.77 58.96
N VAL F 13 -21.42 34.72 59.00
CA VAL F 13 -22.23 35.81 58.45
C VAL F 13 -23.63 35.68 59.04
N SER F 14 -24.38 36.78 58.97
CA SER F 14 -25.77 36.81 59.39
C SER F 14 -26.68 36.86 58.16
N ALA F 15 -27.90 36.37 58.33
CA ALA F 15 -28.83 36.26 57.20
C ALA F 15 -29.09 37.62 56.57
N GLY F 16 -29.12 37.64 55.24
CA GLY F 16 -29.36 38.85 54.48
C GLY F 16 -28.12 39.64 54.11
N GLU F 17 -26.95 39.28 54.63
CA GLU F 17 -25.71 39.98 54.33
C GLU F 17 -25.15 39.48 53.00
N LYS F 18 -23.91 39.85 52.71
CA LYS F 18 -23.25 39.45 51.48
C LYS F 18 -21.99 38.64 51.81
N VAL F 19 -21.81 37.53 51.09
CA VAL F 19 -20.69 36.63 51.29
C VAL F 19 -19.94 36.49 49.97
N THR F 20 -18.62 36.64 50.02
CA THR F 20 -17.77 36.51 48.85
C THR F 20 -16.59 35.61 49.18
N MET F 21 -16.38 34.59 48.35
CA MET F 21 -15.25 33.67 48.48
C MET F 21 -14.42 33.72 47.21
N SER F 22 -13.10 33.59 47.36
CA SER F 22 -12.18 33.74 46.24
C SER F 22 -11.40 32.45 46.02
N CYS F 23 -11.37 31.97 44.78
CA CYS F 23 -10.62 30.79 44.40
C CYS F 23 -9.57 31.16 43.37
N LYS F 24 -8.34 30.68 43.58
CA LYS F 24 -7.20 30.94 42.72
C LYS F 24 -6.63 29.62 42.22
N SER F 25 -6.24 29.61 40.94
CA SER F 25 -5.66 28.44 40.29
C SER F 25 -4.17 28.63 40.13
N SER F 26 -3.42 27.54 40.32
CA SER F 26 -1.96 27.61 40.15
C SER F 26 -1.59 27.97 38.73
N GLN F 27 -2.28 27.40 37.74
CA GLN F 27 -2.03 27.66 36.34
C GLN F 27 -3.32 28.07 35.66
N SER F 28 -3.19 28.65 34.46
CA SER F 28 -4.35 29.15 33.74
C SER F 28 -5.28 28.01 33.36
N VAL F 29 -6.57 28.19 33.64
CA VAL F 29 -7.58 27.17 33.39
C VAL F 29 -8.29 27.39 32.06
N LEU F 30 -8.06 28.51 31.39
CA LEU F 30 -8.69 28.77 30.11
C LEU F 30 -8.27 27.74 29.07
N ASN F 31 -9.21 27.31 28.25
CA ASN F 31 -8.97 26.32 27.20
C ASN F 31 -8.91 27.02 25.85
N SER F 32 -7.86 26.73 25.09
CA SER F 32 -7.67 27.36 23.79
C SER F 32 -8.51 26.74 22.69
N SER F 33 -9.15 25.60 22.94
CA SER F 33 -9.95 24.96 21.91
C SER F 33 -11.34 25.58 21.82
N ASN F 34 -12.10 25.51 22.90
CA ASN F 34 -13.47 26.03 22.95
C ASN F 34 -13.55 27.44 23.51
N GLN F 35 -12.44 28.02 23.96
CA GLN F 35 -12.39 29.35 24.57
C GLN F 35 -13.36 29.43 25.76
N LYS F 36 -13.10 28.58 26.75
CA LYS F 36 -13.91 28.53 27.97
C LYS F 36 -12.96 28.41 29.16
N ASN F 37 -13.55 28.37 30.35
CA ASN F 37 -12.81 28.27 31.59
C ASN F 37 -13.40 27.12 32.41
N TYR F 38 -12.56 26.16 32.76
CA TYR F 38 -13.02 24.90 33.34
C TYR F 38 -12.91 24.94 34.87
N LEU F 39 -13.78 25.75 35.47
CA LEU F 39 -13.90 25.82 36.91
C LEU F 39 -15.37 25.75 37.32
N ALA F 40 -15.63 25.03 38.41
CA ALA F 40 -16.98 24.79 38.89
C ALA F 40 -17.04 24.99 40.40
N TRP F 41 -18.12 25.63 40.85
CA TRP F 41 -18.42 25.82 42.26
C TRP F 41 -19.50 24.84 42.68
N TYR F 42 -19.22 24.08 43.73
CA TYR F 42 -20.14 23.08 44.28
C TYR F 42 -20.49 23.44 45.72
N GLN F 43 -21.74 23.18 46.10
CA GLN F 43 -22.22 23.41 47.45
C GLN F 43 -22.60 22.08 48.07
N GLN F 44 -22.07 21.81 49.27
CA GLN F 44 -22.33 20.56 49.99
C GLN F 44 -22.95 20.90 51.34
N LYS F 45 -24.23 20.62 51.49
CA LYS F 45 -24.89 20.73 52.79
C LYS F 45 -24.47 19.56 53.68
N PRO F 46 -24.50 19.75 55.01
CA PRO F 46 -24.08 18.67 55.90
C PRO F 46 -24.94 17.43 55.70
N GLY F 47 -24.28 16.26 55.69
CA GLY F 47 -24.97 15.02 55.47
C GLY F 47 -25.56 14.85 54.09
N GLN F 48 -25.13 15.65 53.12
CA GLN F 48 -25.67 15.62 51.78
C GLN F 48 -24.54 15.58 50.75
N SER F 49 -24.81 14.96 49.61
CA SER F 49 -23.84 14.93 48.53
C SER F 49 -23.70 16.32 47.92
N PRO F 50 -22.54 16.64 47.34
CA PRO F 50 -22.36 17.97 46.74
C PRO F 50 -23.33 18.22 45.61
N LYS F 51 -23.73 19.48 45.47
CA LYS F 51 -24.66 19.92 44.44
C LYS F 51 -23.94 20.91 43.55
N LEU F 52 -23.97 20.67 42.24
CA LEU F 52 -23.34 21.58 41.30
C LEU F 52 -24.03 22.93 41.34
N LEU F 53 -23.27 23.97 41.67
CA LEU F 53 -23.82 25.33 41.69
C LEU F 53 -23.52 26.08 40.40
N ILE F 54 -22.24 26.10 40.00
CA ILE F 54 -21.83 26.92 38.87
C ILE F 54 -20.74 26.18 38.09
N TYR F 55 -20.73 26.35 36.77
CA TYR F 55 -19.58 26.01 35.95
C TYR F 55 -19.37 27.14 34.95
N TRP F 56 -18.16 27.22 34.41
CA TRP F 56 -17.71 28.32 33.55
C TRP F 56 -17.61 29.63 34.34
N ALA F 57 -17.79 29.56 35.65
CA ALA F 57 -17.71 30.69 36.58
C ALA F 57 -18.85 31.68 36.36
N SER F 58 -19.66 31.45 35.33
CA SER F 58 -20.84 32.27 35.06
C SER F 58 -22.12 31.46 35.03
N THR F 59 -22.14 30.33 34.32
CA THR F 59 -23.35 29.56 34.15
C THR F 59 -23.67 28.76 35.41
N ARG F 60 -24.94 28.71 35.76
CA ARG F 60 -25.41 27.94 36.90
C ARG F 60 -26.10 26.66 36.43
N GLU F 61 -26.14 25.68 37.31
CA GLU F 61 -26.87 24.45 37.02
C GLU F 61 -28.37 24.71 37.08
N SER F 62 -29.13 23.85 36.40
CA SER F 62 -30.58 23.96 36.41
C SER F 62 -31.12 23.64 37.80
N GLY F 63 -32.08 24.45 38.25
CA GLY F 63 -32.72 24.23 39.52
C GLY F 63 -32.00 24.79 40.73
N VAL F 64 -30.94 25.58 40.53
CA VAL F 64 -30.21 26.16 41.65
C VAL F 64 -30.71 27.59 41.86
N PRO F 65 -30.65 28.12 43.08
CA PRO F 65 -31.12 29.49 43.32
C PRO F 65 -30.25 30.52 42.61
N ASP F 66 -30.87 31.66 42.29
CA ASP F 66 -30.22 32.72 41.55
C ASP F 66 -29.34 33.60 42.45
N ARG F 67 -29.41 33.41 43.77
CA ARG F 67 -28.59 34.22 44.67
C ARG F 67 -27.10 33.92 44.54
N PHE F 68 -26.74 32.74 44.01
CA PHE F 68 -25.34 32.39 43.76
C PHE F 68 -25.01 32.67 42.30
N THR F 69 -24.21 33.70 42.06
CA THR F 69 -23.73 33.99 40.71
C THR F 69 -22.36 34.66 40.84
N GLY F 70 -21.30 33.86 40.69
CA GLY F 70 -19.95 34.37 40.73
C GLY F 70 -19.46 34.78 39.35
N SER F 71 -18.18 35.17 39.32
CA SER F 71 -17.54 35.54 38.06
C SER F 71 -16.03 35.58 38.29
N GLY F 72 -15.29 35.61 37.18
CA GLY F 72 -13.85 35.67 37.27
C GLY F 72 -13.23 35.47 35.91
N SER F 73 -11.89 35.51 35.90
CA SER F 73 -11.14 35.34 34.67
C SER F 73 -9.77 34.78 34.99
N GLY F 74 -9.15 34.16 33.99
CA GLY F 74 -7.80 33.67 34.10
C GLY F 74 -7.62 32.67 35.22
N THR F 75 -6.94 33.10 36.29
CA THR F 75 -6.70 32.26 37.45
C THR F 75 -7.36 32.78 38.72
N ASP F 76 -8.24 33.76 38.61
CA ASP F 76 -8.89 34.36 39.77
C ASP F 76 -10.40 34.35 39.56
N PHE F 77 -11.14 33.73 40.47
CA PHE F 77 -12.59 33.69 40.40
C PHE F 77 -13.17 33.96 41.78
N THR F 78 -14.40 34.45 41.81
CA THR F 78 -15.06 34.76 43.07
C THR F 78 -16.53 34.37 43.00
N LEU F 79 -17.00 33.76 44.07
CA LEU F 79 -18.42 33.41 44.23
C LEU F 79 -19.03 34.33 45.25
N THR F 80 -20.16 34.95 44.90
CA THR F 80 -20.84 35.90 45.75
C THR F 80 -22.29 35.47 45.94
N ILE F 81 -22.73 35.47 47.19
CA ILE F 81 -24.12 35.16 47.54
C ILE F 81 -24.82 36.48 47.82
N SER F 82 -25.76 36.84 46.95
CA SER F 82 -26.44 38.12 47.08
C SER F 82 -27.29 38.20 48.34
N SER F 83 -28.02 37.13 48.66
CA SER F 83 -28.92 37.10 49.81
C SER F 83 -28.66 35.80 50.58
N VAL F 84 -27.84 35.88 51.62
CA VAL F 84 -27.57 34.72 52.45
C VAL F 84 -28.86 34.26 53.10
N GLN F 85 -29.03 32.94 53.21
CA GLN F 85 -30.24 32.34 53.75
C GLN F 85 -29.89 31.34 54.84
N ALA F 86 -30.88 31.03 55.67
CA ALA F 86 -30.66 30.15 56.82
C ALA F 86 -30.37 28.71 56.40
N GLU F 87 -31.04 28.23 55.36
CA GLU F 87 -30.79 26.86 54.89
C GLU F 87 -29.55 26.74 54.02
N ASP F 88 -28.92 27.85 53.65
CA ASP F 88 -27.67 27.81 52.89
C ASP F 88 -26.47 27.76 53.81
N LEU F 89 -26.47 26.81 54.74
CA LEU F 89 -25.35 26.57 55.65
C LEU F 89 -24.63 25.34 55.13
N ALA F 90 -23.61 25.57 54.29
CA ALA F 90 -22.97 24.48 53.56
C ALA F 90 -21.51 24.84 53.32
N VAL F 91 -20.74 23.82 52.94
CA VAL F 91 -19.33 23.99 52.58
C VAL F 91 -19.21 24.07 51.07
N TYR F 92 -18.46 25.05 50.59
CA TYR F 92 -18.39 25.35 49.16
C TYR F 92 -17.00 25.04 48.62
N TYR F 93 -16.95 24.30 47.52
CA TYR F 93 -15.70 23.87 46.91
C TYR F 93 -15.57 24.46 45.50
N CYS F 94 -14.38 24.95 45.19
CA CYS F 94 -14.04 25.30 43.81
C CYS F 94 -13.19 24.19 43.21
N HIS F 95 -13.49 23.83 41.96
CA HIS F 95 -12.98 22.63 41.35
C HIS F 95 -12.54 22.92 39.92
N GLN F 96 -11.42 22.35 39.52
CA GLN F 96 -10.92 22.47 38.16
C GLN F 96 -10.92 21.09 37.50
N TYR F 97 -11.28 21.06 36.22
CA TYR F 97 -11.33 19.82 35.46
C TYR F 97 -10.76 20.02 34.07
N LEU F 98 -9.63 20.72 33.98
CA LEU F 98 -8.95 20.98 32.71
C LEU F 98 -7.87 19.95 32.42
N TYR F 99 -6.85 19.87 33.28
CA TYR F 99 -5.76 18.93 33.09
C TYR F 99 -5.84 17.75 34.04
N SER F 100 -6.63 17.85 35.08
CA SER F 100 -6.90 16.77 36.03
C SER F 100 -8.12 17.22 36.83
N TYR F 101 -8.46 16.47 37.88
CA TYR F 101 -9.59 16.82 38.73
C TYR F 101 -9.09 17.02 40.16
N THR F 102 -9.31 18.21 40.70
CA THR F 102 -8.86 18.57 42.04
C THR F 102 -9.86 19.51 42.66
N PHE F 103 -9.78 19.65 43.98
CA PHE F 103 -10.71 20.46 44.75
C PHE F 103 -9.95 21.33 45.74
N GLY F 104 -10.63 22.37 46.21
CA GLY F 104 -10.07 23.26 47.20
C GLY F 104 -10.20 22.71 48.61
N GLY F 105 -10.11 23.61 49.58
CA GLY F 105 -10.19 23.22 50.98
C GLY F 105 -11.61 23.18 51.50
N GLY F 106 -12.43 24.15 51.09
CA GLY F 106 -13.81 24.22 51.53
C GLY F 106 -14.11 25.45 52.37
N THR F 107 -14.84 26.41 51.78
CA THR F 107 -15.23 27.61 52.49
C THR F 107 -16.49 27.31 53.30
N ARG F 108 -16.41 27.52 54.62
CA ARG F 108 -17.48 27.19 55.54
C ARG F 108 -18.30 28.43 55.84
N LEU F 109 -19.62 28.30 55.78
CA LEU F 109 -20.56 29.38 56.10
C LEU F 109 -21.36 28.99 57.32
N GLU F 110 -21.43 29.91 58.29
CA GLU F 110 -22.20 29.70 59.51
C GLU F 110 -23.07 30.93 59.76
N ILE F 111 -24.37 30.69 59.96
CA ILE F 111 -25.29 31.79 60.21
C ILE F 111 -25.20 32.25 61.66
N LYS F 112 -25.63 33.48 61.90
CA LYS F 112 -25.63 34.04 63.24
C LYS F 112 -26.69 35.13 63.38
N GLN G 1 -36.27 11.33 34.72
CA GLN G 1 -35.15 11.70 35.57
C GLN G 1 -34.00 10.70 35.43
N VAL G 2 -32.88 11.00 36.10
CA VAL G 2 -31.70 10.14 36.11
C VAL G 2 -31.31 9.86 37.54
N GLN G 3 -30.70 8.70 37.76
CA GLN G 3 -30.35 8.29 39.11
C GLN G 3 -29.20 7.28 39.07
N LEU G 4 -28.49 7.18 40.18
CA LEU G 4 -27.41 6.23 40.36
C LEU G 4 -27.57 5.55 41.72
N LYS G 5 -27.49 4.23 41.73
CA LYS G 5 -27.64 3.44 42.95
C LYS G 5 -26.35 2.69 43.21
N GLN G 6 -25.81 2.83 44.42
CA GLN G 6 -24.54 2.23 44.78
C GLN G 6 -24.75 1.03 45.69
N SER G 7 -24.07 -0.07 45.36
CA SER G 7 -24.14 -1.29 46.15
C SER G 7 -22.76 -1.70 46.63
N GLY G 8 -22.64 -2.87 47.24
CA GLY G 8 -21.37 -3.37 47.71
C GLY G 8 -21.05 -2.92 49.11
N PRO G 9 -20.17 -3.65 49.78
CA PRO G 9 -19.80 -3.29 51.16
C PRO G 9 -18.93 -2.06 51.21
N GLY G 10 -18.94 -1.41 52.37
CA GLY G 10 -18.08 -0.26 52.59
C GLY G 10 -16.94 -0.55 53.56
N LEU G 11 -17.22 -1.33 54.60
CA LEU G 11 -16.21 -1.68 55.59
C LEU G 11 -15.36 -2.82 55.06
N VAL G 12 -14.04 -2.70 55.21
CA VAL G 12 -13.11 -3.70 54.75
C VAL G 12 -11.87 -3.68 55.64
N ALA G 13 -11.30 -4.85 55.87
CA ALA G 13 -10.07 -4.94 56.63
C ALA G 13 -8.92 -4.28 55.88
N PRO G 14 -7.93 -3.73 56.59
CA PRO G 14 -6.82 -3.07 55.90
C PRO G 14 -6.02 -4.04 55.04
N SER G 15 -5.43 -3.51 53.98
CA SER G 15 -4.62 -4.29 53.04
C SER G 15 -5.44 -5.39 52.36
N GLN G 16 -6.72 -5.13 52.15
CA GLN G 16 -7.62 -6.00 51.42
C GLN G 16 -8.11 -5.30 50.17
N SER G 17 -8.96 -5.99 49.41
CA SER G 17 -9.55 -5.45 48.19
C SER G 17 -11.00 -5.07 48.46
N LEU G 18 -11.36 -3.83 48.13
CA LEU G 18 -12.71 -3.33 48.34
C LEU G 18 -13.37 -3.09 46.99
N SER G 19 -14.55 -3.69 46.81
CA SER G 19 -15.32 -3.58 45.59
C SER G 19 -16.55 -2.72 45.81
N ILE G 20 -17.09 -2.20 44.71
CA ILE G 20 -18.27 -1.34 44.77
C ILE G 20 -18.85 -1.27 43.37
N THR G 21 -20.17 -1.07 43.29
CA THR G 21 -20.88 -1.05 42.02
C THR G 21 -21.85 0.12 42.00
N CYS G 22 -21.95 0.77 40.85
CA CYS G 22 -22.88 1.88 40.62
C CYS G 22 -23.75 1.54 39.41
N THR G 23 -25.05 1.38 39.64
CA THR G 23 -26.01 1.08 38.60
C THR G 23 -26.75 2.36 38.23
N VAL G 24 -26.74 2.70 36.96
CA VAL G 24 -27.31 3.96 36.48
C VAL G 24 -28.68 3.69 35.87
N SER G 25 -29.54 4.71 35.91
CA SER G 25 -30.85 4.64 35.31
C SER G 25 -31.23 6.02 34.80
N GLY G 26 -31.96 6.05 33.68
CA GLY G 26 -32.37 7.29 33.07
C GLY G 26 -31.45 7.80 31.98
N PHE G 27 -30.33 7.13 31.71
CA PHE G 27 -29.43 7.54 30.64
C PHE G 27 -28.63 6.31 30.21
N SER G 28 -27.99 6.44 29.06
CA SER G 28 -27.18 5.35 28.49
C SER G 28 -25.73 5.51 28.92
N LEU G 29 -25.15 4.43 29.43
CA LEU G 29 -23.74 4.45 29.81
C LEU G 29 -22.83 4.71 28.63
N THR G 30 -23.27 4.34 27.43
CA THR G 30 -22.50 4.55 26.20
C THR G 30 -22.46 5.99 25.75
N ASN G 31 -22.98 6.93 26.55
CA ASN G 31 -22.95 8.34 26.22
C ASN G 31 -22.49 9.24 27.35
N TYR G 32 -22.36 8.72 28.57
CA TYR G 32 -22.04 9.56 29.73
C TYR G 32 -20.82 9.00 30.45
N ASP G 33 -19.82 9.84 30.63
CA ASP G 33 -18.69 9.48 31.47
C ASP G 33 -19.12 9.33 32.91
N ILE G 34 -18.50 8.39 33.62
CA ILE G 34 -18.85 8.05 34.99
C ILE G 34 -17.58 8.09 35.84
N SER G 35 -17.33 9.22 36.49
CA SER G 35 -16.14 9.41 37.29
C SER G 35 -16.31 8.70 38.63
N TRP G 36 -15.32 8.88 39.52
CA TRP G 36 -15.40 8.30 40.87
C TRP G 36 -14.65 9.25 41.80
N ILE G 37 -15.36 9.83 42.75
CA ILE G 37 -14.81 10.88 43.61
C ILE G 37 -14.87 10.42 45.06
N ARG G 38 -13.90 10.90 45.85
CA ARG G 38 -13.69 10.48 47.23
C ARG G 38 -13.74 11.69 48.14
N GLN G 39 -14.23 11.49 49.37
CA GLN G 39 -14.27 12.57 50.36
C GLN G 39 -13.95 12.01 51.74
N PRO G 40 -12.73 12.22 52.24
CA PRO G 40 -12.43 11.80 53.60
C PRO G 40 -13.22 12.62 54.61
N PRO G 41 -13.56 12.06 55.76
CA PRO G 41 -14.27 12.83 56.78
C PRO G 41 -13.47 14.06 57.19
N GLY G 42 -14.18 15.18 57.32
CA GLY G 42 -13.53 16.43 57.68
C GLY G 42 -12.52 16.91 56.65
N LYS G 43 -12.84 16.77 55.37
CA LYS G 43 -11.91 17.15 54.31
C LYS G 43 -12.73 17.34 53.04
N GLY G 44 -12.15 18.07 52.09
CA GLY G 44 -12.79 18.29 50.80
C GLY G 44 -12.68 17.07 49.90
N LEU G 45 -13.22 17.23 48.70
CA LEU G 45 -13.27 16.13 47.75
C LEU G 45 -11.95 15.96 47.01
N GLU G 46 -11.78 14.78 46.43
CA GLU G 46 -10.58 14.43 45.67
C GLU G 46 -10.96 13.43 44.59
N TRP G 47 -10.13 13.35 43.57
CA TRP G 47 -10.42 12.58 42.37
C TRP G 47 -9.82 11.19 42.46
N LEU G 48 -10.57 10.19 41.96
CA LEU G 48 -10.18 8.79 42.04
C LEU G 48 -10.40 8.11 40.70
N GLY G 49 -9.92 8.73 39.62
CA GLY G 49 -9.99 8.11 38.31
C GLY G 49 -11.32 8.33 37.62
N ILE G 50 -11.42 7.76 36.41
CA ILE G 50 -12.61 7.91 35.58
C ILE G 50 -12.53 6.86 34.48
N ILE G 51 -13.70 6.44 34.00
CA ILE G 51 -13.80 5.53 32.86
C ILE G 51 -14.69 6.19 31.81
N TRP G 52 -14.17 6.32 30.60
CA TRP G 52 -14.82 7.08 29.54
C TRP G 52 -15.98 6.29 28.93
N THR G 53 -16.59 6.87 27.90
CA THR G 53 -17.67 6.19 27.20
C THR G 53 -17.18 4.94 26.47
N GLY G 54 -15.98 5.00 25.91
CA GLY G 54 -15.42 3.91 25.15
C GLY G 54 -14.79 2.79 25.95
N GLY G 55 -14.92 2.82 27.28
CA GLY G 55 -14.38 1.79 28.13
C GLY G 55 -13.00 2.08 28.68
N GLY G 56 -12.26 3.01 28.08
CA GLY G 56 -10.95 3.35 28.59
C GLY G 56 -11.02 4.05 29.93
N THR G 57 -9.90 4.01 30.66
CA THR G 57 -9.82 4.58 32.00
C THR G 57 -8.59 5.45 32.13
N TYR G 58 -8.68 6.44 33.01
CA TYR G 58 -7.57 7.33 33.36
C TYR G 58 -7.55 7.41 34.88
N TYR G 59 -6.75 6.54 35.50
CA TYR G 59 -6.67 6.50 36.95
C TYR G 59 -5.87 7.67 37.48
N ASN G 60 -6.03 7.94 38.78
CA ASN G 60 -5.20 8.93 39.44
C ASN G 60 -3.77 8.42 39.53
N SER G 61 -2.81 9.34 39.37
CA SER G 61 -1.40 8.96 39.37
C SER G 61 -1.00 8.28 40.66
N ALA G 62 -1.57 8.72 41.79
CA ALA G 62 -1.24 8.09 43.07
C ALA G 62 -1.93 6.74 43.24
N PHE G 63 -3.12 6.56 42.67
CA PHE G 63 -3.88 5.33 42.81
C PHE G 63 -3.76 4.42 41.60
N MET G 64 -2.92 4.76 40.62
CA MET G 64 -2.88 3.99 39.38
C MET G 64 -2.46 2.55 39.60
N SER G 65 -1.71 2.28 40.68
CA SER G 65 -1.23 0.92 40.91
C SER G 65 -2.28 0.02 41.57
N ARG G 66 -3.34 0.58 42.11
CA ARG G 66 -4.35 -0.22 42.80
C ARG G 66 -5.76 0.02 42.30
N LEU G 67 -6.10 1.26 41.95
CA LEU G 67 -7.46 1.58 41.53
C LEU G 67 -7.80 0.87 40.21
N SER G 68 -9.03 0.38 40.11
CA SER G 68 -9.48 -0.31 38.92
C SER G 68 -10.95 0.01 38.70
N ILE G 69 -11.27 0.61 37.55
CA ILE G 69 -12.63 0.96 37.19
C ILE G 69 -12.98 0.28 35.88
N SER G 70 -14.12 -0.39 35.85
CA SER G 70 -14.63 -1.06 34.66
C SER G 70 -16.10 -0.69 34.47
N LYS G 71 -16.66 -1.09 33.33
CA LYS G 71 -18.05 -0.78 33.05
C LYS G 71 -18.61 -1.80 32.08
N ASP G 72 -19.94 -1.85 32.01
CA ASP G 72 -20.63 -2.66 31.01
C ASP G 72 -21.89 -1.91 30.62
N ASN G 73 -22.09 -1.78 29.31
CA ASN G 73 -23.18 -0.97 28.76
C ASN G 73 -24.52 -1.67 28.86
N SER G 74 -24.55 -3.00 28.69
CA SER G 74 -25.82 -3.70 28.54
C SER G 74 -26.69 -3.57 29.77
N LYS G 75 -26.14 -3.89 30.94
CA LYS G 75 -26.86 -3.66 32.19
C LYS G 75 -26.66 -2.25 32.73
N SER G 76 -25.85 -1.43 32.04
CA SER G 76 -25.58 -0.05 32.45
C SER G 76 -25.01 -0.01 33.87
N GLN G 77 -23.86 -0.65 34.04
CA GLN G 77 -23.24 -0.80 35.35
C GLN G 77 -21.80 -0.34 35.31
N VAL G 78 -21.32 0.21 36.43
CA VAL G 78 -19.94 0.63 36.60
C VAL G 78 -19.41 -0.06 37.85
N PHE G 79 -18.18 -0.55 37.77
CA PHE G 79 -17.56 -1.29 38.86
C PHE G 79 -16.27 -0.60 39.27
N LEU G 80 -16.07 -0.43 40.57
CA LEU G 80 -14.83 0.10 41.12
C LEU G 80 -14.25 -0.90 42.10
N GLU G 81 -12.93 -0.99 42.13
CA GLU G 81 -12.24 -1.89 43.03
C GLU G 81 -10.88 -1.31 43.37
N MET G 82 -10.56 -1.30 44.66
CA MET G 82 -9.27 -0.81 45.13
C MET G 82 -8.55 -1.92 45.89
N ASN G 83 -7.23 -1.95 45.74
CA ASN G 83 -6.39 -2.98 46.33
C ASN G 83 -5.45 -2.36 47.36
N SER G 84 -5.06 -3.18 48.34
CA SER G 84 -4.14 -2.77 49.40
C SER G 84 -4.66 -1.53 50.13
N LEU G 85 -5.94 -1.56 50.48
CA LEU G 85 -6.55 -0.43 51.18
C LEU G 85 -5.99 -0.33 52.59
N GLN G 86 -5.58 0.86 52.97
CA GLN G 86 -5.00 1.12 54.29
C GLN G 86 -5.88 2.10 55.06
N THR G 87 -5.48 2.34 56.32
CA THR G 87 -6.31 3.11 57.24
C THR G 87 -6.64 4.50 56.70
N ASP G 88 -5.70 5.13 56.01
CA ASP G 88 -5.89 6.50 55.54
C ASP G 88 -7.04 6.62 54.54
N ASP G 89 -7.45 5.51 53.93
CA ASP G 89 -8.39 5.54 52.81
C ASP G 89 -9.86 5.47 53.24
N THR G 90 -10.15 5.59 54.53
CA THR G 90 -11.54 5.67 54.97
C THR G 90 -12.14 6.99 54.51
N ALA G 91 -13.29 6.92 53.85
CA ALA G 91 -13.82 8.10 53.16
C ALA G 91 -15.26 7.83 52.75
N ILE G 92 -15.77 8.71 51.89
CA ILE G 92 -17.11 8.62 51.33
C ILE G 92 -16.93 8.56 49.81
N TYR G 93 -17.56 7.57 49.16
CA TYR G 93 -17.38 7.37 47.73
C TYR G 93 -18.63 7.75 46.95
N TYR G 94 -18.40 8.46 45.84
CA TYR G 94 -19.42 8.94 44.91
C TYR G 94 -19.09 8.47 43.50
N CYS G 95 -20.09 7.86 42.84
CA CYS G 95 -19.95 7.50 41.42
C CYS G 95 -20.54 8.63 40.59
N VAL G 96 -19.80 9.72 40.49
CA VAL G 96 -20.28 10.94 39.86
C VAL G 96 -20.24 10.81 38.34
N ARG G 97 -21.00 11.67 37.66
CA ARG G 97 -21.15 11.67 36.22
C ARG G 97 -20.29 12.75 35.59
N ALA G 98 -20.39 12.86 34.26
CA ALA G 98 -19.73 13.91 33.51
C ALA G 98 -20.59 14.21 32.28
N GLY G 99 -20.02 14.89 31.29
CA GLY G 99 -20.78 15.24 30.11
C GLY G 99 -20.19 14.73 28.82
N ALA G 100 -19.90 15.64 27.90
CA ALA G 100 -19.33 15.33 26.60
C ALA G 100 -17.96 15.99 26.45
N ASP G 101 -17.33 15.75 25.30
CA ASP G 101 -16.03 16.37 25.04
C ASP G 101 -16.12 17.89 25.02
N TYR G 102 -17.22 18.43 24.49
CA TYR G 102 -17.45 19.86 24.52
C TYR G 102 -17.71 20.30 25.96
N TYR G 103 -17.32 21.54 26.27
CA TYR G 103 -17.49 22.05 27.62
C TYR G 103 -18.94 22.19 28.03
N GLY G 104 -19.87 22.29 27.08
CA GLY G 104 -21.24 22.61 27.41
C GLY G 104 -21.94 21.45 28.10
N SER G 105 -21.51 21.17 29.33
CA SER G 105 -22.01 20.04 30.09
C SER G 105 -21.98 20.37 31.57
N SER G 106 -22.77 19.64 32.34
CA SER G 106 -22.72 19.73 33.80
C SER G 106 -21.58 18.83 34.27
N PRO G 107 -20.52 19.41 34.83
CA PRO G 107 -19.30 18.63 35.10
C PRO G 107 -19.53 17.45 36.03
N LEU G 108 -19.96 17.73 37.25
CA LEU G 108 -20.27 16.69 38.24
C LEU G 108 -21.61 17.08 38.86
N ALA G 109 -22.70 16.69 38.19
CA ALA G 109 -24.04 17.13 38.58
C ALA G 109 -24.75 16.10 39.46
N TYR G 110 -24.96 14.90 38.94
CA TYR G 110 -25.73 13.87 39.63
C TYR G 110 -24.74 12.93 40.31
N TRP G 111 -24.51 13.18 41.59
CA TRP G 111 -23.63 12.36 42.40
C TRP G 111 -24.44 11.22 43.02
N GLY G 112 -23.74 10.14 43.36
CA GLY G 112 -24.40 9.01 43.98
C GLY G 112 -24.88 9.36 45.38
N GLN G 113 -25.67 8.44 45.95
CA GLN G 113 -26.16 8.64 47.31
C GLN G 113 -25.03 8.62 48.32
N GLY G 114 -23.86 8.11 47.95
CA GLY G 114 -22.71 8.10 48.82
C GLY G 114 -22.56 6.80 49.57
N THR G 115 -21.41 6.13 49.41
CA THR G 115 -21.14 4.89 50.10
C THR G 115 -20.00 5.13 51.07
N LEU G 116 -20.27 4.94 52.36
CA LEU G 116 -19.24 5.09 53.37
C LEU G 116 -18.28 3.91 53.31
N VAL G 117 -16.98 4.18 53.50
CA VAL G 117 -15.98 3.14 53.55
C VAL G 117 -15.09 3.39 54.75
N THR G 118 -15.22 2.54 55.77
CA THR G 118 -14.41 2.60 56.98
C THR G 118 -13.44 1.44 56.94
N VAL G 119 -12.18 1.72 56.65
CA VAL G 119 -11.15 0.69 56.48
C VAL G 119 -10.61 0.34 57.87
N SER G 120 -11.03 -0.81 58.39
CA SER G 120 -10.56 -1.28 59.69
C SER G 120 -10.79 -2.78 59.76
N SER G 121 -10.05 -3.43 60.65
CA SER G 121 -10.16 -4.88 60.82
C SER G 121 -11.08 -5.21 61.99
N GLN H 1 48.48 15.03 8.34
CA GLN H 1 48.88 13.82 7.62
C GLN H 1 48.01 12.63 8.00
N VAL H 2 48.23 11.51 7.32
CA VAL H 2 47.51 10.27 7.59
C VAL H 2 48.54 9.17 7.84
N GLN H 3 48.12 8.14 8.58
CA GLN H 3 49.02 7.06 8.94
C GLN H 3 48.22 5.81 9.25
N LEU H 4 48.85 4.65 9.02
CA LEU H 4 48.27 3.35 9.31
C LEU H 4 49.29 2.54 10.10
N LYS H 5 48.88 1.97 11.23
CA LYS H 5 49.73 1.15 12.07
C LYS H 5 49.21 -0.27 12.11
N GLN H 6 50.09 -1.24 11.90
CA GLN H 6 49.70 -2.64 11.83
C GLN H 6 50.21 -3.40 13.04
N SER H 7 49.33 -4.17 13.65
CA SER H 7 49.65 -4.94 14.85
C SER H 7 49.15 -6.37 14.69
N GLY H 8 49.80 -7.28 15.41
CA GLY H 8 49.46 -8.68 15.35
C GLY H 8 50.62 -9.53 14.89
N PRO H 9 50.63 -10.80 15.30
CA PRO H 9 51.74 -11.68 14.93
C PRO H 9 51.77 -11.96 13.43
N GLY H 10 52.97 -12.15 12.91
CA GLY H 10 53.16 -12.50 11.52
C GLY H 10 53.37 -14.00 11.32
N LEU H 11 54.24 -14.58 12.15
CA LEU H 11 54.49 -16.01 12.07
C LEU H 11 53.29 -16.78 12.63
N VAL H 12 52.92 -17.85 11.94
CA VAL H 12 51.79 -18.67 12.34
C VAL H 12 52.02 -20.08 11.83
N ALA H 13 51.65 -21.08 12.64
CA ALA H 13 51.78 -22.46 12.24
C ALA H 13 50.83 -22.75 11.08
N PRO H 14 51.15 -23.75 10.24
CA PRO H 14 50.26 -24.08 9.13
C PRO H 14 48.90 -24.55 9.62
N SER H 15 47.87 -24.25 8.81
CA SER H 15 46.49 -24.65 9.10
C SER H 15 46.00 -24.07 10.43
N GLN H 16 46.31 -22.80 10.67
CA GLN H 16 45.82 -22.08 11.83
C GLN H 16 45.23 -20.75 11.37
N SER H 17 44.76 -19.96 12.33
CA SER H 17 44.11 -18.68 12.07
C SER H 17 45.08 -17.54 12.37
N LEU H 18 45.29 -16.67 11.39
CA LEU H 18 46.17 -15.52 11.53
C LEU H 18 45.32 -14.26 11.63
N SER H 19 45.59 -13.45 12.65
CA SER H 19 44.87 -12.21 12.89
C SER H 19 45.81 -11.03 12.74
N ILE H 20 45.24 -9.87 12.41
CA ILE H 20 46.01 -8.65 12.23
C ILE H 20 45.05 -7.47 12.33
N THR H 21 45.58 -6.32 12.76
CA THR H 21 44.76 -5.13 12.98
C THR H 21 45.48 -3.92 12.40
N CYS H 22 44.76 -3.15 11.58
CA CYS H 22 45.26 -1.89 11.02
C CYS H 22 44.50 -0.75 11.69
N THR H 23 45.21 0.02 12.51
CA THR H 23 44.65 1.19 13.18
C THR H 23 45.02 2.43 12.39
N VAL H 24 44.02 3.20 11.99
CA VAL H 24 44.21 4.36 11.15
C VAL H 24 44.26 5.62 12.01
N SER H 25 44.88 6.66 11.47
CA SER H 25 44.89 7.96 12.13
C SER H 25 45.03 9.04 11.06
N GLY H 26 44.32 10.15 11.26
CA GLY H 26 44.34 11.25 10.33
C GLY H 26 43.15 11.32 9.39
N PHE H 27 42.24 10.35 9.44
CA PHE H 27 41.05 10.37 8.61
C PHE H 27 39.97 9.52 9.25
N SER H 28 38.74 9.71 8.79
CA SER H 28 37.60 8.98 9.32
C SER H 28 37.39 7.69 8.53
N LEU H 29 37.25 6.58 9.26
CA LEU H 29 37.00 5.30 8.61
C LEU H 29 35.67 5.29 7.88
N THR H 30 34.72 6.11 8.32
CA THR H 30 33.39 6.20 7.70
C THR H 30 33.42 6.91 6.36
N ASN H 31 34.60 7.26 5.84
CA ASN H 31 34.71 7.89 4.54
C ASN H 31 35.74 7.26 3.63
N TYR H 32 36.56 6.33 4.13
CA TYR H 32 37.67 5.78 3.37
C TYR H 32 37.60 4.27 3.35
N ASP H 33 37.61 3.69 2.15
CA ASP H 33 37.70 2.25 2.02
C ASP H 33 39.10 1.78 2.42
N ILE H 34 39.18 0.53 2.85
CA ILE H 34 40.44 -0.02 3.35
C ILE H 34 40.62 -1.44 2.82
N SER H 35 41.51 -1.58 1.83
CA SER H 35 41.75 -2.87 1.20
C SER H 35 42.82 -3.63 1.98
N TRP H 36 43.27 -4.77 1.44
CA TRP H 36 44.30 -5.57 2.09
C TRP H 36 45.04 -6.32 0.98
N ILE H 37 46.23 -5.82 0.62
CA ILE H 37 46.99 -6.39 -0.46
C ILE H 37 48.11 -7.26 0.11
N ARG H 38 48.55 -8.24 -0.67
CA ARG H 38 49.52 -9.23 -0.24
C ARG H 38 50.63 -9.35 -1.28
N GLN H 39 51.88 -9.33 -0.83
CA GLN H 39 53.03 -9.47 -1.71
C GLN H 39 53.87 -10.65 -1.28
N PRO H 40 53.86 -11.76 -2.00
CA PRO H 40 54.79 -12.85 -1.70
C PRO H 40 56.21 -12.42 -1.98
N PRO H 41 57.19 -12.98 -1.27
CA PRO H 41 58.59 -12.62 -1.53
C PRO H 41 58.98 -12.94 -2.97
N GLY H 42 59.62 -11.99 -3.62
CA GLY H 42 60.01 -12.15 -5.02
C GLY H 42 58.85 -12.33 -5.96
N LYS H 43 57.79 -11.55 -5.78
CA LYS H 43 56.59 -11.66 -6.61
C LYS H 43 55.82 -10.36 -6.51
N GLY H 44 54.90 -10.16 -7.46
CA GLY H 44 54.07 -8.97 -7.47
C GLY H 44 52.95 -9.04 -6.45
N LEU H 45 52.14 -7.99 -6.42
CA LEU H 45 51.08 -7.83 -5.45
C LEU H 45 49.81 -8.52 -5.93
N GLU H 46 48.99 -8.96 -4.96
CA GLU H 46 47.72 -9.59 -5.25
C GLU H 46 46.69 -9.12 -4.22
N TRP H 47 45.44 -9.03 -4.66
CA TRP H 47 44.38 -8.44 -3.86
C TRP H 47 43.70 -9.48 -2.99
N LEU H 48 43.43 -9.11 -1.74
CA LEU H 48 42.88 -10.01 -0.72
C LEU H 48 41.63 -9.41 -0.10
N GLY H 49 40.70 -8.94 -0.94
CA GLY H 49 39.43 -8.45 -0.43
C GLY H 49 39.49 -6.99 -0.03
N ILE H 50 38.32 -6.50 0.42
CA ILE H 50 38.18 -5.10 0.81
C ILE H 50 36.92 -5.00 1.67
N ILE H 51 36.86 -3.97 2.51
CA ILE H 51 35.67 -3.67 3.31
C ILE H 51 35.32 -2.20 3.06
N TRP H 52 34.08 -1.96 2.64
CA TRP H 52 33.66 -0.65 2.16
C TRP H 52 33.40 0.30 3.33
N THR H 53 32.93 1.50 2.99
CA THR H 53 32.61 2.50 4.02
C THR H 53 31.40 2.06 4.85
N GLY H 54 30.44 1.37 4.24
CA GLY H 54 29.25 0.92 4.94
C GLY H 54 29.40 -0.35 5.75
N GLY H 55 30.60 -0.93 5.79
CA GLY H 55 30.84 -2.14 6.53
C GLY H 55 30.80 -3.41 5.70
N GLY H 56 30.23 -3.36 4.50
CA GLY H 56 30.21 -4.53 3.64
C GLY H 56 31.59 -4.87 3.12
N THR H 57 31.74 -6.13 2.71
CA THR H 57 33.01 -6.65 2.25
C THR H 57 32.85 -7.36 0.91
N TYR H 58 33.93 -7.35 0.13
CA TYR H 58 34.00 -8.06 -1.15
C TYR H 58 35.31 -8.84 -1.13
N TYR H 59 35.24 -10.09 -0.69
CA TYR H 59 36.43 -10.93 -0.58
C TYR H 59 36.89 -11.39 -1.96
N ASN H 60 38.16 -11.79 -2.02
CA ASN H 60 38.67 -12.44 -3.23
C ASN H 60 38.06 -13.83 -3.36
N SER H 61 37.76 -14.21 -4.60
CA SER H 61 37.06 -15.48 -4.83
C SER H 61 37.90 -16.67 -4.35
N ALA H 62 39.22 -16.54 -4.35
CA ALA H 62 40.07 -17.66 -3.93
C ALA H 62 40.04 -17.84 -2.42
N PHE H 63 40.07 -16.74 -1.66
CA PHE H 63 40.10 -16.79 -0.21
C PHE H 63 38.74 -16.50 0.42
N MET H 64 37.67 -16.47 -0.37
CA MET H 64 36.36 -16.12 0.15
C MET H 64 35.91 -17.03 1.28
N SER H 65 36.41 -18.28 1.30
CA SER H 65 36.02 -19.23 2.32
C SER H 65 36.84 -19.11 3.60
N ARG H 66 37.92 -18.34 3.60
CA ARG H 66 38.78 -18.25 4.78
C ARG H 66 39.01 -16.80 5.21
N LEU H 67 39.09 -15.89 4.23
CA LEU H 67 39.36 -14.49 4.53
C LEU H 67 38.21 -13.88 5.32
N SER H 68 38.53 -12.90 6.15
CA SER H 68 37.52 -12.21 6.96
C SER H 68 38.04 -10.83 7.30
N ILE H 69 37.31 -9.79 6.86
CA ILE H 69 37.67 -8.41 7.13
C ILE H 69 36.51 -7.74 7.86
N SER H 70 36.82 -7.12 9.00
CA SER H 70 35.84 -6.41 9.81
C SER H 70 36.36 -4.99 10.06
N LYS H 71 35.45 -4.12 10.52
CA LYS H 71 35.83 -2.74 10.77
C LYS H 71 35.02 -2.20 11.94
N ASP H 72 35.66 -1.33 12.74
CA ASP H 72 34.99 -0.61 13.81
C ASP H 72 35.26 0.88 13.58
N ASN H 73 34.17 1.65 13.43
CA ASN H 73 34.30 3.06 13.09
C ASN H 73 34.75 3.90 14.29
N SER H 74 34.23 3.60 15.48
CA SER H 74 34.50 4.43 16.64
C SER H 74 35.99 4.43 16.99
N LYS H 75 36.60 3.25 17.09
CA LYS H 75 38.04 3.17 17.30
C LYS H 75 38.83 3.45 16.04
N SER H 76 38.17 3.56 14.89
CA SER H 76 38.83 3.75 13.60
C SER H 76 39.84 2.63 13.34
N GLN H 77 39.35 1.39 13.39
CA GLN H 77 40.22 0.23 13.28
C GLN H 77 39.65 -0.77 12.27
N VAL H 78 40.55 -1.53 11.65
CA VAL H 78 40.20 -2.59 10.72
C VAL H 78 40.86 -3.88 11.18
N PHE H 79 40.17 -4.99 10.99
CA PHE H 79 40.64 -6.29 11.45
C PHE H 79 40.64 -7.25 10.26
N LEU H 80 41.75 -7.97 10.08
CA LEU H 80 41.85 -9.01 9.06
C LEU H 80 42.18 -10.33 9.73
N GLU H 81 41.58 -11.41 9.22
CA GLU H 81 41.80 -12.73 9.76
C GLU H 81 41.70 -13.74 8.63
N MET H 82 42.64 -14.68 8.62
CA MET H 82 42.68 -15.75 7.62
C MET H 82 42.69 -17.10 8.32
N ASN H 83 42.08 -18.09 7.68
CA ASN H 83 41.94 -19.42 8.24
C ASN H 83 42.58 -20.45 7.32
N SER H 84 42.99 -21.57 7.91
CA SER H 84 43.61 -22.68 7.17
C SER H 84 44.83 -22.21 6.39
N LEU H 85 45.66 -21.41 7.04
CA LEU H 85 46.86 -20.88 6.39
C LEU H 85 47.85 -22.00 6.11
N GLN H 86 48.34 -22.06 4.88
CA GLN H 86 49.28 -23.08 4.45
C GLN H 86 50.59 -22.43 4.01
N THR H 87 51.57 -23.29 3.70
CA THR H 87 52.94 -22.84 3.47
C THR H 87 53.02 -21.77 2.37
N ASP H 88 52.17 -21.88 1.34
CA ASP H 88 52.23 -20.94 0.22
C ASP H 88 51.90 -19.52 0.64
N ASP H 89 51.19 -19.34 1.75
CA ASP H 89 50.63 -18.03 2.11
C ASP H 89 51.62 -17.15 2.88
N THR H 90 52.92 -17.43 2.82
CA THR H 90 53.90 -16.53 3.41
C THR H 90 54.12 -15.34 2.49
N ALA H 91 53.99 -14.14 3.03
CA ALA H 91 53.98 -12.93 2.21
C ALA H 91 54.16 -11.72 3.13
N ILE H 92 53.91 -10.54 2.58
CA ILE H 92 53.83 -9.30 3.37
C ILE H 92 52.46 -8.70 3.15
N TYR H 93 51.78 -8.35 4.23
CA TYR H 93 50.41 -7.86 4.19
C TYR H 93 50.40 -6.34 4.40
N TYR H 94 49.69 -5.64 3.52
CA TYR H 94 49.58 -4.19 3.53
C TYR H 94 48.10 -3.82 3.65
N CYS H 95 47.77 -2.97 4.63
CA CYS H 95 46.39 -2.51 4.80
C CYS H 95 46.19 -1.20 4.03
N VAL H 96 46.23 -1.34 2.70
CA VAL H 96 46.18 -0.17 1.82
C VAL H 96 44.79 0.47 1.87
N ARG H 97 44.74 1.72 1.43
CA ARG H 97 43.54 2.55 1.44
C ARG H 97 42.89 2.56 0.06
N ALA H 98 41.84 3.36 -0.06
CA ALA H 98 41.16 3.58 -1.33
C ALA H 98 40.57 4.99 -1.27
N GLY H 99 39.62 5.27 -2.17
CA GLY H 99 39.01 6.60 -2.20
C GLY H 99 37.50 6.59 -2.21
N ALA H 100 36.91 7.25 -3.21
CA ALA H 100 35.47 7.35 -3.36
C ALA H 100 35.04 6.56 -4.60
N ASP H 101 33.76 6.69 -4.95
CA ASP H 101 33.20 6.02 -6.12
C ASP H 101 33.56 6.79 -7.41
N TYR H 102 34.86 6.99 -7.59
CA TYR H 102 35.36 7.76 -8.71
C TYR H 102 36.80 7.34 -8.99
N TYR H 103 37.25 7.61 -10.22
CA TYR H 103 38.64 7.33 -10.56
C TYR H 103 39.59 8.20 -9.74
N GLY H 104 39.26 9.48 -9.59
CA GLY H 104 40.14 10.41 -8.91
C GLY H 104 40.19 10.17 -7.42
N SER H 105 40.59 8.96 -7.05
CA SER H 105 40.55 8.51 -5.67
C SER H 105 41.92 8.19 -5.09
N SER H 106 42.99 8.37 -5.85
CA SER H 106 44.31 7.90 -5.48
C SER H 106 44.21 6.42 -5.09
N PRO H 107 44.02 5.52 -6.07
CA PRO H 107 43.51 4.16 -5.79
C PRO H 107 44.12 3.49 -4.58
N LEU H 108 45.44 3.30 -4.59
CA LEU H 108 46.15 2.69 -3.48
C LEU H 108 47.33 3.61 -3.16
N ALA H 109 47.04 4.65 -2.37
CA ALA H 109 48.02 5.72 -2.15
C ALA H 109 48.83 5.50 -0.87
N TYR H 110 48.17 5.47 0.27
CA TYR H 110 48.84 5.35 1.56
C TYR H 110 48.75 3.89 2.01
N TRP H 111 49.87 3.19 1.90
CA TRP H 111 49.96 1.80 2.30
C TRP H 111 50.53 1.72 3.71
N GLY H 112 50.19 0.66 4.42
CA GLY H 112 50.75 0.45 5.74
C GLY H 112 52.23 0.19 5.67
N GLN H 113 52.86 0.17 6.86
CA GLN H 113 54.28 -0.13 6.93
C GLN H 113 54.57 -1.56 6.48
N GLY H 114 53.56 -2.40 6.40
CA GLY H 114 53.72 -3.75 5.91
C GLY H 114 54.11 -4.73 7.00
N THR H 115 53.36 -5.81 7.16
CA THR H 115 53.64 -6.81 8.16
C THR H 115 54.01 -8.11 7.47
N LEU H 116 55.21 -8.60 7.74
CA LEU H 116 55.62 -9.89 7.21
C LEU H 116 54.88 -11.01 7.90
N VAL H 117 54.54 -12.05 7.13
CA VAL H 117 53.89 -13.24 7.64
C VAL H 117 54.62 -14.46 7.08
N THR H 118 55.27 -15.20 7.96
CA THR H 118 55.97 -16.44 7.61
C THR H 118 55.18 -17.60 8.20
N VAL H 119 54.49 -18.33 7.32
CA VAL H 119 53.61 -19.42 7.75
C VAL H 119 54.47 -20.68 7.92
N SER H 120 54.78 -21.01 9.16
CA SER H 120 55.56 -22.20 9.48
C SER H 120 55.32 -22.58 10.93
N SER H 121 55.58 -23.84 11.24
CA SER H 121 55.40 -24.35 12.59
C SER H 121 56.70 -24.25 13.40
N GLN I 1 -9.35 -36.40 -34.84
CA GLN I 1 -10.40 -36.97 -34.03
C GLN I 1 -10.01 -36.96 -32.54
N VAL I 2 -10.99 -37.18 -31.67
CA VAL I 2 -10.79 -37.21 -30.23
C VAL I 2 -11.31 -38.54 -29.70
N GLN I 3 -10.78 -38.95 -28.55
CA GLN I 3 -11.16 -40.22 -27.97
C GLN I 3 -10.94 -40.17 -26.47
N LEU I 4 -11.75 -40.97 -25.75
CA LEU I 4 -11.64 -41.14 -24.31
C LEU I 4 -11.64 -42.63 -24.01
N LYS I 5 -10.64 -43.09 -23.26
CA LYS I 5 -10.51 -44.51 -22.91
C LYS I 5 -10.57 -44.65 -21.39
N GLN I 6 -11.44 -45.54 -20.92
CA GLN I 6 -11.66 -45.73 -19.49
C GLN I 6 -11.05 -47.05 -19.03
N SER I 7 -10.35 -47.00 -17.89
CA SER I 7 -9.69 -48.16 -17.32
C SER I 7 -9.98 -48.20 -15.83
N GLY I 8 -9.90 -49.42 -15.27
CA GLY I 8 -10.15 -49.63 -13.87
C GLY I 8 -11.28 -50.60 -13.63
N PRO I 9 -11.28 -51.25 -12.48
CA PRO I 9 -12.33 -52.23 -12.18
C PRO I 9 -13.69 -51.58 -12.02
N GLY I 10 -14.73 -52.34 -12.35
CA GLY I 10 -16.10 -51.89 -12.17
C GLY I 10 -16.78 -52.59 -11.02
N LEU I 11 -16.48 -53.88 -10.85
CA LEU I 11 -17.05 -54.66 -9.77
C LEU I 11 -16.29 -54.39 -8.47
N VAL I 12 -17.03 -54.08 -7.41
CA VAL I 12 -16.44 -53.79 -6.11
C VAL I 12 -17.43 -54.19 -5.03
N ALA I 13 -16.91 -54.79 -3.95
CA ALA I 13 -17.74 -55.14 -2.82
C ALA I 13 -18.27 -53.87 -2.15
N PRO I 14 -19.45 -53.93 -1.55
CA PRO I 14 -20.03 -52.72 -0.95
C PRO I 14 -19.18 -52.19 0.20
N SER I 15 -19.27 -50.86 0.41
CA SER I 15 -18.54 -50.16 1.45
C SER I 15 -17.03 -50.21 1.20
N GLN I 16 -16.62 -49.94 -0.04
CA GLN I 16 -15.22 -49.86 -0.40
C GLN I 16 -15.04 -48.69 -1.38
N SER I 17 -13.79 -48.45 -1.75
CA SER I 17 -13.44 -47.34 -2.64
C SER I 17 -13.24 -47.86 -4.06
N LEU I 18 -13.97 -47.26 -5.00
CA LEU I 18 -13.88 -47.64 -6.40
C LEU I 18 -13.15 -46.56 -7.18
N SER I 19 -12.14 -46.98 -7.95
CA SER I 19 -11.31 -46.08 -8.72
C SER I 19 -11.50 -46.32 -10.21
N ILE I 20 -11.23 -45.29 -11.01
CA ILE I 20 -11.36 -45.37 -12.45
C ILE I 20 -10.55 -44.24 -13.06
N THR I 21 -10.07 -44.43 -14.28
CA THR I 21 -9.22 -43.47 -14.95
C THR I 21 -9.64 -43.31 -16.40
N CYS I 22 -9.94 -42.08 -16.81
CA CYS I 22 -10.29 -41.77 -18.19
C CYS I 22 -9.11 -41.00 -18.80
N THR I 23 -8.45 -41.63 -19.77
CA THR I 23 -7.35 -41.01 -20.48
C THR I 23 -7.85 -40.48 -21.83
N VAL I 24 -7.51 -39.24 -22.12
CA VAL I 24 -8.03 -38.55 -23.29
C VAL I 24 -6.96 -38.50 -24.36
N SER I 25 -7.39 -38.35 -25.61
CA SER I 25 -6.49 -38.17 -26.73
C SER I 25 -7.18 -37.34 -27.80
N GLY I 26 -6.40 -36.58 -28.56
CA GLY I 26 -6.93 -35.71 -29.58
C GLY I 26 -7.19 -34.29 -29.14
N PHE I 27 -7.03 -33.98 -27.85
CA PHE I 27 -7.23 -32.62 -27.37
C PHE I 27 -6.44 -32.45 -26.07
N SER I 28 -6.25 -31.20 -25.68
CA SER I 28 -5.50 -30.85 -24.48
C SER I 28 -6.45 -30.77 -23.29
N LEU I 29 -6.08 -31.43 -22.18
CA LEU I 29 -6.90 -31.37 -20.97
C LEU I 29 -6.97 -29.97 -20.41
N THR I 30 -5.97 -29.13 -20.67
CA THR I 30 -5.95 -27.76 -20.19
C THR I 30 -6.94 -26.85 -20.91
N ASN I 31 -7.78 -27.40 -21.78
CA ASN I 31 -8.78 -26.61 -22.47
C ASN I 31 -10.19 -27.20 -22.41
N TYR I 32 -10.35 -28.45 -21.98
CA TYR I 32 -11.64 -29.13 -22.01
C TYR I 32 -11.97 -29.64 -20.62
N ASP I 33 -13.11 -29.20 -20.08
CA ASP I 33 -13.62 -29.77 -18.85
C ASP I 33 -14.15 -31.17 -19.10
N ILE I 34 -14.16 -32.00 -18.06
CA ILE I 34 -14.57 -33.39 -18.19
C ILE I 34 -15.44 -33.76 -16.99
N SER I 35 -16.73 -33.94 -17.23
CA SER I 35 -17.67 -34.33 -16.19
C SER I 35 -17.58 -35.84 -15.97
N TRP I 36 -18.49 -36.37 -15.16
CA TRP I 36 -18.54 -37.82 -14.92
C TRP I 36 -20.01 -38.18 -14.69
N ILE I 37 -20.67 -38.64 -15.74
CA ILE I 37 -22.10 -38.91 -15.70
C ILE I 37 -22.33 -40.38 -15.37
N ARG I 38 -23.45 -40.66 -14.73
CA ARG I 38 -23.80 -41.98 -14.23
C ARG I 38 -25.19 -42.37 -14.74
N GLN I 39 -25.34 -43.63 -15.13
CA GLN I 39 -26.63 -44.12 -15.64
C GLN I 39 -26.96 -45.46 -14.99
N PRO I 40 -27.86 -45.49 -14.01
CA PRO I 40 -28.31 -46.77 -13.48
C PRO I 40 -29.09 -47.53 -14.52
N PRO I 41 -29.08 -48.87 -14.47
CA PRO I 41 -29.85 -49.65 -15.43
C PRO I 41 -31.34 -49.32 -15.37
N GLY I 42 -31.93 -49.14 -16.55
CA GLY I 42 -33.34 -48.79 -16.64
C GLY I 42 -33.68 -47.46 -15.99
N LYS I 43 -32.84 -46.44 -16.20
CA LYS I 43 -33.02 -45.14 -15.58
C LYS I 43 -32.11 -44.16 -16.29
N GLY I 44 -32.64 -42.98 -16.59
CA GLY I 44 -31.89 -41.94 -17.27
C GLY I 44 -30.62 -41.49 -16.55
N LEU I 45 -29.90 -40.55 -17.14
CA LEU I 45 -28.59 -40.16 -16.68
C LEU I 45 -28.69 -39.20 -15.48
N GLU I 46 -27.58 -39.08 -14.76
CA GLU I 46 -27.46 -38.19 -13.62
C GLU I 46 -26.02 -37.73 -13.51
N TRP I 47 -25.82 -36.60 -12.83
CA TRP I 47 -24.53 -35.93 -12.79
C TRP I 47 -23.79 -36.23 -11.51
N LEU I 48 -22.50 -36.52 -11.62
CA LEU I 48 -21.64 -36.90 -10.51
C LEU I 48 -20.40 -36.02 -10.46
N GLY I 49 -20.58 -34.71 -10.51
CA GLY I 49 -19.47 -33.79 -10.38
C GLY I 49 -18.77 -33.52 -11.69
N ILE I 50 -17.75 -32.66 -11.60
CA ILE I 50 -16.98 -32.23 -12.75
C ILE I 50 -15.66 -31.65 -12.26
N ILE I 51 -14.64 -31.68 -13.10
CA ILE I 51 -13.35 -31.06 -12.82
C ILE I 51 -13.05 -30.08 -13.94
N TRP I 52 -12.81 -28.82 -13.56
CA TRP I 52 -12.64 -27.75 -14.54
C TRP I 52 -11.26 -27.81 -15.18
N THR I 53 -11.01 -26.89 -16.10
CA THR I 53 -9.72 -26.83 -16.78
C THR I 53 -8.60 -26.44 -15.82
N GLY I 54 -8.89 -25.60 -14.84
CA GLY I 54 -7.91 -25.14 -13.88
C GLY I 54 -7.60 -26.09 -12.75
N GLY I 55 -8.21 -27.27 -12.73
CA GLY I 55 -8.00 -28.25 -11.69
C GLY I 55 -9.04 -28.25 -10.60
N GLY I 56 -9.83 -27.19 -10.48
CA GLY I 56 -10.88 -27.17 -9.49
C GLY I 56 -12.00 -28.13 -9.83
N THR I 57 -12.80 -28.46 -8.82
CA THR I 57 -13.87 -29.44 -8.96
C THR I 57 -15.14 -28.91 -8.33
N TYR I 58 -16.28 -29.37 -8.86
CA TYR I 58 -17.60 -29.04 -8.33
C TYR I 58 -18.37 -30.34 -8.23
N TYR I 59 -18.40 -30.93 -7.04
CA TYR I 59 -19.04 -32.21 -6.82
C TYR I 59 -20.55 -32.05 -6.73
N ASN I 60 -21.25 -33.18 -6.87
CA ASN I 60 -22.68 -33.20 -6.59
C ASN I 60 -22.91 -33.20 -5.09
N SER I 61 -23.95 -32.48 -4.65
CA SER I 61 -24.19 -32.31 -3.23
C SER I 61 -24.49 -33.64 -2.55
N ALA I 62 -24.99 -34.62 -3.29
CA ALA I 62 -25.29 -35.92 -2.68
C ALA I 62 -24.03 -36.71 -2.39
N PHE I 63 -23.08 -36.71 -3.33
CA PHE I 63 -21.85 -37.49 -3.19
C PHE I 63 -20.64 -36.63 -2.81
N MET I 64 -20.87 -35.38 -2.40
CA MET I 64 -19.75 -34.47 -2.11
C MET I 64 -18.84 -35.03 -1.02
N SER I 65 -19.38 -35.85 -0.11
CA SER I 65 -18.58 -36.40 0.98
C SER I 65 -17.79 -37.64 0.58
N ARG I 66 -18.04 -38.22 -0.59
CA ARG I 66 -17.36 -39.44 -0.99
C ARG I 66 -16.69 -39.31 -2.34
N LEU I 67 -17.27 -38.51 -3.23
CA LEU I 67 -16.75 -38.36 -4.59
C LEU I 67 -15.37 -37.70 -4.56
N SER I 68 -14.57 -38.00 -5.57
CA SER I 68 -13.24 -37.41 -5.70
C SER I 68 -12.83 -37.44 -7.16
N ILE I 69 -12.62 -36.27 -7.75
CA ILE I 69 -12.19 -36.16 -9.15
C ILE I 69 -10.88 -35.39 -9.18
N SER I 70 -9.86 -35.99 -9.80
CA SER I 70 -8.55 -35.37 -9.97
C SER I 70 -8.19 -35.40 -11.45
N LYS I 71 -7.13 -34.68 -11.81
CA LYS I 71 -6.70 -34.65 -13.21
C LYS I 71 -5.22 -34.31 -13.27
N ASP I 72 -4.61 -34.60 -14.42
CA ASP I 72 -3.22 -34.23 -14.66
C ASP I 72 -3.10 -33.91 -16.14
N ASN I 73 -2.54 -32.73 -16.44
CA ASN I 73 -2.41 -32.25 -17.81
C ASN I 73 -1.29 -32.94 -18.58
N SER I 74 -0.21 -33.33 -17.90
CA SER I 74 0.97 -33.81 -18.60
C SER I 74 0.69 -35.07 -19.40
N LYS I 75 0.11 -36.08 -18.75
CA LYS I 75 -0.33 -37.28 -19.45
C LYS I 75 -1.76 -37.18 -19.96
N SER I 76 -2.43 -36.06 -19.71
CA SER I 76 -3.81 -35.83 -20.16
C SER I 76 -4.74 -36.92 -19.63
N GLN I 77 -4.83 -37.02 -18.31
CA GLN I 77 -5.59 -38.07 -17.66
C GLN I 77 -6.50 -37.48 -16.59
N VAL I 78 -7.62 -38.15 -16.35
CA VAL I 78 -8.58 -37.77 -15.32
C VAL I 78 -8.86 -39.00 -14.47
N PHE I 79 -9.01 -38.79 -13.17
CA PHE I 79 -9.18 -39.89 -12.21
C PHE I 79 -10.44 -39.65 -11.41
N LEU I 80 -11.26 -40.69 -11.27
CA LEU I 80 -12.45 -40.64 -10.43
C LEU I 80 -12.35 -41.72 -9.35
N GLU I 81 -12.82 -41.38 -8.16
CA GLU I 81 -12.80 -42.32 -7.04
C GLU I 81 -14.00 -42.03 -6.16
N MET I 82 -14.72 -43.07 -5.78
CA MET I 82 -15.88 -42.96 -4.91
C MET I 82 -15.66 -43.81 -3.67
N ASN I 83 -16.11 -43.31 -2.52
CA ASN I 83 -15.93 -43.97 -1.25
C ASN I 83 -17.26 -44.41 -0.67
N SER I 84 -17.22 -45.44 0.18
CA SER I 84 -18.41 -45.97 0.85
C SER I 84 -19.49 -46.36 -0.15
N LEU I 85 -19.07 -47.05 -1.21
CA LEU I 85 -20.01 -47.47 -2.25
C LEU I 85 -20.95 -48.54 -1.70
N GLN I 86 -22.24 -48.40 -2.01
CA GLN I 86 -23.26 -49.32 -1.55
C GLN I 86 -24.04 -49.87 -2.75
N THR I 87 -24.96 -50.78 -2.45
CA THR I 87 -25.63 -51.56 -3.49
C THR I 87 -26.35 -50.69 -4.51
N ASP I 88 -26.94 -49.57 -4.05
CA ASP I 88 -27.73 -48.73 -4.93
C ASP I 88 -26.92 -48.13 -6.07
N ASP I 89 -25.60 -48.01 -5.91
CA ASP I 89 -24.78 -47.25 -6.84
C ASP I 89 -24.26 -48.08 -8.01
N THR I 90 -24.88 -49.22 -8.30
CA THR I 90 -24.53 -49.97 -9.51
C THR I 90 -25.11 -49.25 -10.72
N ALA I 91 -24.27 -49.01 -11.72
CA ALA I 91 -24.65 -48.14 -12.83
C ALA I 91 -23.64 -48.32 -13.96
N ILE I 92 -23.67 -47.41 -14.93
CA ILE I 92 -22.67 -47.33 -15.97
C ILE I 92 -22.07 -45.93 -15.88
N TYR I 93 -20.74 -45.84 -15.86
CA TYR I 93 -20.03 -44.58 -15.67
C TYR I 93 -19.43 -44.09 -16.98
N TYR I 94 -19.64 -42.81 -17.28
CA TYR I 94 -19.21 -42.17 -18.52
C TYR I 94 -18.35 -40.96 -18.17
N CYS I 95 -17.17 -40.86 -18.76
CA CYS I 95 -16.29 -39.70 -18.55
C CYS I 95 -16.52 -38.67 -19.66
N VAL I 96 -17.73 -38.11 -19.66
CA VAL I 96 -18.13 -37.21 -20.73
C VAL I 96 -17.28 -35.93 -20.70
N ARG I 97 -17.28 -35.23 -21.83
CA ARG I 97 -16.50 -34.01 -22.01
C ARG I 97 -17.38 -32.79 -21.76
N ALA I 98 -16.82 -31.62 -22.02
CA ALA I 98 -17.56 -30.36 -21.91
C ALA I 98 -17.00 -29.41 -22.97
N GLY I 99 -17.31 -28.13 -22.84
CA GLY I 99 -16.86 -27.15 -23.80
C GLY I 99 -16.11 -25.99 -23.19
N ALA I 100 -16.57 -24.77 -23.46
CA ALA I 100 -15.98 -23.56 -22.93
C ALA I 100 -16.99 -22.84 -22.05
N ASP I 101 -16.59 -21.67 -21.54
CA ASP I 101 -17.48 -20.88 -20.69
C ASP I 101 -18.68 -20.33 -21.43
N TYR I 102 -18.68 -20.34 -22.76
CA TYR I 102 -19.75 -19.77 -23.56
C TYR I 102 -20.78 -20.79 -24.01
N TYR I 103 -20.65 -22.05 -23.62
CA TYR I 103 -21.64 -23.10 -23.85
C TYR I 103 -21.81 -23.43 -25.33
N GLY I 104 -21.17 -22.65 -26.20
CA GLY I 104 -21.43 -22.76 -27.62
C GLY I 104 -20.67 -23.86 -28.32
N SER I 105 -20.37 -24.95 -27.61
CA SER I 105 -19.65 -26.06 -28.22
C SER I 105 -19.90 -27.32 -27.40
N SER I 106 -20.67 -28.26 -27.96
CA SER I 106 -20.72 -29.65 -27.55
C SER I 106 -20.79 -29.83 -26.04
N PRO I 107 -21.93 -29.56 -25.40
CA PRO I 107 -22.03 -29.72 -23.94
C PRO I 107 -21.55 -31.08 -23.45
N LEU I 108 -22.18 -32.15 -23.95
CA LEU I 108 -21.83 -33.50 -23.54
C LEU I 108 -21.75 -34.40 -24.77
N ALA I 109 -21.03 -33.94 -25.79
CA ALA I 109 -21.01 -34.64 -27.06
C ALA I 109 -20.27 -35.97 -26.99
N TYR I 110 -18.98 -35.91 -26.65
CA TYR I 110 -18.12 -37.10 -26.71
C TYR I 110 -18.08 -37.74 -25.33
N TRP I 111 -18.67 -38.93 -25.21
CA TRP I 111 -18.68 -39.69 -23.97
C TRP I 111 -17.69 -40.84 -24.10
N GLY I 112 -17.32 -41.40 -22.96
CA GLY I 112 -16.45 -42.56 -22.98
C GLY I 112 -17.17 -43.78 -23.50
N GLN I 113 -16.42 -44.86 -23.67
CA GLN I 113 -17.03 -46.12 -24.09
C GLN I 113 -17.94 -46.69 -23.02
N GLY I 114 -17.87 -46.17 -21.79
CA GLY I 114 -18.75 -46.60 -20.72
C GLY I 114 -18.19 -47.76 -19.94
N THR I 115 -18.13 -47.61 -18.61
CA THR I 115 -17.63 -48.67 -17.74
C THR I 115 -18.74 -49.10 -16.80
N LEU I 116 -19.11 -50.38 -16.86
CA LEU I 116 -20.11 -50.89 -15.93
C LEU I 116 -19.54 -50.95 -14.52
N VAL I 117 -20.40 -50.69 -13.54
CA VAL I 117 -19.99 -50.77 -12.15
C VAL I 117 -21.09 -51.49 -11.37
N THR I 118 -20.87 -52.77 -11.11
CA THR I 118 -21.79 -53.60 -10.34
C THR I 118 -21.24 -53.71 -8.92
N VAL I 119 -21.88 -53.04 -7.97
CA VAL I 119 -21.43 -52.99 -6.60
C VAL I 119 -22.03 -54.20 -5.86
N SER I 120 -21.20 -55.23 -5.66
CA SER I 120 -21.62 -56.42 -4.93
C SER I 120 -20.39 -57.14 -4.42
N SER I 121 -20.58 -57.92 -3.37
CA SER I 121 -19.49 -58.68 -2.77
C SER I 121 -19.45 -60.10 -3.31
#